data_4LMT
# 
_entry.id   4LMT 
# 
_audit_conform.dict_name       mmcif_pdbx.dic 
_audit_conform.dict_version    5.381 
_audit_conform.dict_location   http://mmcif.pdb.org/dictionaries/ascii/mmcif_pdbx.dic 
# 
loop_
_database_2.database_id 
_database_2.database_code 
_database_2.pdbx_database_accession 
_database_2.pdbx_DOI 
PDB   4LMT         pdb_00004lmt 10.2210/pdb4lmt/pdb 
RCSB  RCSB080826   ?            ?                   
WWPDB D_1000080826 ?            ?                   
# 
loop_
_pdbx_database_related.db_name 
_pdbx_database_related.db_id 
_pdbx_database_related.details 
_pdbx_database_related.content_type 
PDB 4LM7 . unspecified 
PDB 4LM9 . unspecified 
PDB 4LMC . unspecified 
# 
_pdbx_database_status.status_code                     REL 
_pdbx_database_status.entry_id                        4LMT 
_pdbx_database_status.recvd_initial_deposition_date   2013-07-11 
_pdbx_database_status.deposit_site                    RCSB 
_pdbx_database_status.process_site                    PDBJ 
_pdbx_database_status.methods_development_category    ? 
_pdbx_database_status.status_code_sf                  REL 
_pdbx_database_status.status_code_mr                  ? 
_pdbx_database_status.SG_entry                        ? 
_pdbx_database_status.status_code_cs                  ? 
_pdbx_database_status.pdb_format_compatible           Y 
_pdbx_database_status.status_code_nmr_data            ? 
# 
loop_
_audit_author.name 
_audit_author.pdbx_ordinal 
'Lin, S.Y.' 1 
'Liu, C.L.' 2 
'Hou, M.H.' 3 
# 
_citation.id                        primary 
_citation.title                     'Domain of Coronavirus Nucleocapsid Protein complexed with NSC663284' 
_citation.journal_abbrev            'To be Published' 
_citation.journal_volume            ? 
_citation.page_first                ? 
_citation.page_last                 ? 
_citation.year                      ? 
_citation.journal_id_ASTM           ? 
_citation.country                   ? 
_citation.journal_id_ISSN           ? 
_citation.journal_id_CSD            0353 
_citation.book_publisher            ? 
_citation.pdbx_database_id_PubMed   ? 
_citation.pdbx_database_id_DOI      ? 
# 
loop_
_citation_author.citation_id 
_citation_author.name 
_citation_author.ordinal 
_citation_author.identifier_ORCID 
primary 'Lin, S.Y.' 1 ? 
primary 'Liu, C.L.' 2 ? 
primary 'Hou, M.H.' 3 ? 
# 
_cell.entry_id           4LMT 
_cell.length_a           81.911 
_cell.length_b           81.911 
_cell.length_c           42.873 
_cell.angle_alpha        90.00 
_cell.angle_beta         90.00 
_cell.angle_gamma        120.00 
_cell.Z_PDB              6 
_cell.pdbx_unique_axis   ? 
_cell.length_a_esd       ? 
_cell.length_b_esd       ? 
_cell.length_c_esd       ? 
_cell.angle_alpha_esd    ? 
_cell.angle_beta_esd     ? 
_cell.angle_gamma_esd    ? 
# 
_symmetry.entry_id                         4LMT 
_symmetry.space_group_name_H-M             'P 65' 
_symmetry.pdbx_full_space_group_name_H-M   ? 
_symmetry.cell_setting                     ? 
_symmetry.Int_Tables_number                170 
_symmetry.space_group_name_Hall            ? 
# 
loop_
_entity.id 
_entity.type 
_entity.src_method 
_entity.pdbx_description 
_entity.formula_weight 
_entity.pdbx_number_of_molecules 
_entity.pdbx_ec 
_entity.pdbx_mutation 
_entity.pdbx_fragment 
_entity.details 
1 polymer     man Nucleoprotein                                                    15437.901 1  ? ? 'UNP residues 55-188' ? 
2 non-polymer syn '6-chloro-7-{[2-(morpholin-4-yl)ethyl]amino}quinoline-5,8-dione' 321.759   1  ? ? ?                     ? 
3 water       nat water                                                            18.015    99 ? ? ?                     ? 
# 
_entity_poly.entity_id                      1 
_entity_poly.type                           'polypeptide(L)' 
_entity_poly.nstd_linkage                   no 
_entity_poly.nstd_monomer                   no 
_entity_poly.pdbx_seq_one_letter_code       
;EFNVVPYYSWFSGITQFQKGKEFEFVEGQGVPIAPGVPATEAKGYWYRHNRRSFKTADGNQRQLLPRWYFYYLGTGPHAK
DQYGTDIDGVYWVASNQADVNTPADIVDRDPSSDEAIPTRFPPGTVLPQGYYIEGS
;
_entity_poly.pdbx_seq_one_letter_code_can   
;EFNVVPYYSWFSGITQFQKGKEFEFVEGQGVPIAPGVPATEAKGYWYRHNRRSFKTADGNQRQLLPRWYFYYLGTGPHAK
DQYGTDIDGVYWVASNQADVNTPADIVDRDPSSDEAIPTRFPPGTVLPQGYYIEGS
;
_entity_poly.pdbx_strand_id                 A 
_entity_poly.pdbx_target_identifier         ? 
# 
loop_
_entity_poly_seq.entity_id 
_entity_poly_seq.num 
_entity_poly_seq.mon_id 
_entity_poly_seq.hetero 
1 1   GLU n 
1 2   PHE n 
1 3   ASN n 
1 4   VAL n 
1 5   VAL n 
1 6   PRO n 
1 7   TYR n 
1 8   TYR n 
1 9   SER n 
1 10  TRP n 
1 11  PHE n 
1 12  SER n 
1 13  GLY n 
1 14  ILE n 
1 15  THR n 
1 16  GLN n 
1 17  PHE n 
1 18  GLN n 
1 19  LYS n 
1 20  GLY n 
1 21  LYS n 
1 22  GLU n 
1 23  PHE n 
1 24  GLU n 
1 25  PHE n 
1 26  VAL n 
1 27  GLU n 
1 28  GLY n 
1 29  GLN n 
1 30  GLY n 
1 31  VAL n 
1 32  PRO n 
1 33  ILE n 
1 34  ALA n 
1 35  PRO n 
1 36  GLY n 
1 37  VAL n 
1 38  PRO n 
1 39  ALA n 
1 40  THR n 
1 41  GLU n 
1 42  ALA n 
1 43  LYS n 
1 44  GLY n 
1 45  TYR n 
1 46  TRP n 
1 47  TYR n 
1 48  ARG n 
1 49  HIS n 
1 50  ASN n 
1 51  ARG n 
1 52  ARG n 
1 53  SER n 
1 54  PHE n 
1 55  LYS n 
1 56  THR n 
1 57  ALA n 
1 58  ASP n 
1 59  GLY n 
1 60  ASN n 
1 61  GLN n 
1 62  ARG n 
1 63  GLN n 
1 64  LEU n 
1 65  LEU n 
1 66  PRO n 
1 67  ARG n 
1 68  TRP n 
1 69  TYR n 
1 70  PHE n 
1 71  TYR n 
1 72  TYR n 
1 73  LEU n 
1 74  GLY n 
1 75  THR n 
1 76  GLY n 
1 77  PRO n 
1 78  HIS n 
1 79  ALA n 
1 80  LYS n 
1 81  ASP n 
1 82  GLN n 
1 83  TYR n 
1 84  GLY n 
1 85  THR n 
1 86  ASP n 
1 87  ILE n 
1 88  ASP n 
1 89  GLY n 
1 90  VAL n 
1 91  TYR n 
1 92  TRP n 
1 93  VAL n 
1 94  ALA n 
1 95  SER n 
1 96  ASN n 
1 97  GLN n 
1 98  ALA n 
1 99  ASP n 
1 100 VAL n 
1 101 ASN n 
1 102 THR n 
1 103 PRO n 
1 104 ALA n 
1 105 ASP n 
1 106 ILE n 
1 107 VAL n 
1 108 ASP n 
1 109 ARG n 
1 110 ASP n 
1 111 PRO n 
1 112 SER n 
1 113 SER n 
1 114 ASP n 
1 115 GLU n 
1 116 ALA n 
1 117 ILE n 
1 118 PRO n 
1 119 THR n 
1 120 ARG n 
1 121 PHE n 
1 122 PRO n 
1 123 PRO n 
1 124 GLY n 
1 125 THR n 
1 126 VAL n 
1 127 LEU n 
1 128 PRO n 
1 129 GLN n 
1 130 GLY n 
1 131 TYR n 
1 132 TYR n 
1 133 ILE n 
1 134 GLU n 
1 135 GLY n 
1 136 SER n 
# 
_entity_src_gen.entity_id                          1 
_entity_src_gen.pdbx_src_id                        1 
_entity_src_gen.pdbx_alt_source_flag               sample 
_entity_src_gen.pdbx_seq_type                      ? 
_entity_src_gen.pdbx_beg_seq_num                   ? 
_entity_src_gen.pdbx_end_seq_num                   ? 
_entity_src_gen.gene_src_common_name               HCoV-OC43 
_entity_src_gen.gene_src_genus                     ? 
_entity_src_gen.pdbx_gene_src_gene                 N 
_entity_src_gen.gene_src_species                   ? 
_entity_src_gen.gene_src_strain                    OC43 
_entity_src_gen.gene_src_tissue                    ? 
_entity_src_gen.gene_src_tissue_fraction           ? 
_entity_src_gen.gene_src_details                   ? 
_entity_src_gen.pdbx_gene_src_fragment             ? 
_entity_src_gen.pdbx_gene_src_scientific_name      'Human coronavirus' 
_entity_src_gen.pdbx_gene_src_ncbi_taxonomy_id     31631 
_entity_src_gen.pdbx_gene_src_variant              ? 
_entity_src_gen.pdbx_gene_src_cell_line            ? 
_entity_src_gen.pdbx_gene_src_atcc                 ? 
_entity_src_gen.pdbx_gene_src_organ                ? 
_entity_src_gen.pdbx_gene_src_organelle            ? 
_entity_src_gen.pdbx_gene_src_cell                 ? 
_entity_src_gen.pdbx_gene_src_cellular_location    ? 
_entity_src_gen.host_org_common_name               ? 
_entity_src_gen.pdbx_host_org_scientific_name      'Escherichia coli' 
_entity_src_gen.pdbx_host_org_ncbi_taxonomy_id     562 
_entity_src_gen.host_org_genus                     ? 
_entity_src_gen.pdbx_host_org_gene                 ? 
_entity_src_gen.pdbx_host_org_organ                ? 
_entity_src_gen.host_org_species                   ? 
_entity_src_gen.pdbx_host_org_tissue               ? 
_entity_src_gen.pdbx_host_org_tissue_fraction      ? 
_entity_src_gen.pdbx_host_org_strain               ? 
_entity_src_gen.pdbx_host_org_variant              ? 
_entity_src_gen.pdbx_host_org_cell_line            ? 
_entity_src_gen.pdbx_host_org_atcc                 ? 
_entity_src_gen.pdbx_host_org_culture_collection   ? 
_entity_src_gen.pdbx_host_org_cell                 ? 
_entity_src_gen.pdbx_host_org_organelle            ? 
_entity_src_gen.pdbx_host_org_cellular_location    ? 
_entity_src_gen.pdbx_host_org_vector_type          ? 
_entity_src_gen.pdbx_host_org_vector               ? 
_entity_src_gen.host_org_details                   ? 
_entity_src_gen.expression_system_id               ? 
_entity_src_gen.plasmid_name                       ? 
_entity_src_gen.plasmid_details                    ? 
_entity_src_gen.pdbx_description                   ? 
# 
_struct_ref.id                         1 
_struct_ref.db_name                    UNP 
_struct_ref.db_code                    Q6SA23_CVHOC 
_struct_ref.pdbx_db_accession          Q6SA23 
_struct_ref.entity_id                  1 
_struct_ref.pdbx_seq_one_letter_code   
;NVVPYYSWFSGITQFQKGKEFEFVEGQGVPIAPGVPATEAKGYWYRHNRRSFKTADGNQRQLLPRWYFYYLGTGPHAKDQ
YGTDIDGVYWVASNQADVNTPADIVDRDPSSDEAIPTRFPPGTVLPQGYYIEGS
;
_struct_ref.pdbx_align_begin           55 
_struct_ref.pdbx_db_isoform            ? 
# 
_struct_ref_seq.align_id                      1 
_struct_ref_seq.ref_id                        1 
_struct_ref_seq.pdbx_PDB_id_code              4LMT 
_struct_ref_seq.pdbx_strand_id                A 
_struct_ref_seq.seq_align_beg                 3 
_struct_ref_seq.pdbx_seq_align_beg_ins_code   ? 
_struct_ref_seq.seq_align_end                 136 
_struct_ref_seq.pdbx_seq_align_end_ins_code   ? 
_struct_ref_seq.pdbx_db_accession             Q6SA23 
_struct_ref_seq.db_align_beg                  55 
_struct_ref_seq.pdbx_db_align_beg_ins_code    ? 
_struct_ref_seq.db_align_end                  188 
_struct_ref_seq.pdbx_db_align_end_ins_code    ? 
_struct_ref_seq.pdbx_auth_seq_align_beg       58 
_struct_ref_seq.pdbx_auth_seq_align_end       191 
# 
loop_
_struct_ref_seq_dif.align_id 
_struct_ref_seq_dif.pdbx_pdb_id_code 
_struct_ref_seq_dif.mon_id 
_struct_ref_seq_dif.pdbx_pdb_strand_id 
_struct_ref_seq_dif.seq_num 
_struct_ref_seq_dif.pdbx_pdb_ins_code 
_struct_ref_seq_dif.pdbx_seq_db_name 
_struct_ref_seq_dif.pdbx_seq_db_accession_code 
_struct_ref_seq_dif.db_mon_id 
_struct_ref_seq_dif.pdbx_seq_db_seq_num 
_struct_ref_seq_dif.details 
_struct_ref_seq_dif.pdbx_auth_seq_num 
_struct_ref_seq_dif.pdbx_ordinal 
1 4LMT GLU A 1 ? UNP Q6SA23 ? ? 'expression tag' 56 1 
1 4LMT PHE A 2 ? UNP Q6SA23 ? ? 'expression tag' 57 2 
# 
loop_
_chem_comp.id 
_chem_comp.type 
_chem_comp.mon_nstd_flag 
_chem_comp.name 
_chem_comp.pdbx_synonyms 
_chem_comp.formula 
_chem_comp.formula_weight 
ALA 'L-peptide linking' y ALANINE                                                          ? 'C3 H7 N O2'       89.093  
ARG 'L-peptide linking' y ARGININE                                                         ? 'C6 H15 N4 O2 1'   175.209 
ASN 'L-peptide linking' y ASPARAGINE                                                       ? 'C4 H8 N2 O3'      132.118 
ASP 'L-peptide linking' y 'ASPARTIC ACID'                                                  ? 'C4 H7 N O4'       133.103 
CQD non-polymer         . '6-chloro-7-{[2-(morpholin-4-yl)ethyl]amino}quinoline-5,8-dione' ? 'C15 H16 Cl N3 O3' 321.759 
GLN 'L-peptide linking' y GLUTAMINE                                                        ? 'C5 H10 N2 O3'     146.144 
GLU 'L-peptide linking' y 'GLUTAMIC ACID'                                                  ? 'C5 H9 N O4'       147.129 
GLY 'peptide linking'   y GLYCINE                                                          ? 'C2 H5 N O2'       75.067  
HIS 'L-peptide linking' y HISTIDINE                                                        ? 'C6 H10 N3 O2 1'   156.162 
HOH non-polymer         . WATER                                                            ? 'H2 O'             18.015  
ILE 'L-peptide linking' y ISOLEUCINE                                                       ? 'C6 H13 N O2'      131.173 
LEU 'L-peptide linking' y LEUCINE                                                          ? 'C6 H13 N O2'      131.173 
LYS 'L-peptide linking' y LYSINE                                                           ? 'C6 H15 N2 O2 1'   147.195 
PHE 'L-peptide linking' y PHENYLALANINE                                                    ? 'C9 H11 N O2'      165.189 
PRO 'L-peptide linking' y PROLINE                                                          ? 'C5 H9 N O2'       115.130 
SER 'L-peptide linking' y SERINE                                                           ? 'C3 H7 N O3'       105.093 
THR 'L-peptide linking' y THREONINE                                                        ? 'C4 H9 N O3'       119.119 
TRP 'L-peptide linking' y TRYPTOPHAN                                                       ? 'C11 H12 N2 O2'    204.225 
TYR 'L-peptide linking' y TYROSINE                                                         ? 'C9 H11 N O3'      181.189 
VAL 'L-peptide linking' y VALINE                                                           ? 'C5 H11 N O2'      117.146 
# 
_exptl.entry_id          4LMT 
_exptl.method            'X-RAY DIFFRACTION' 
_exptl.crystals_number   1 
# 
_exptl_crystal.id                    1 
_exptl_crystal.density_meas          ? 
_exptl_crystal.density_Matthews      2.69 
_exptl_crystal.density_percent_sol   54.26 
_exptl_crystal.description           ? 
_exptl_crystal.F_000                 ? 
_exptl_crystal.preparation           ? 
# 
_exptl_crystal_grow.crystal_id      1 
_exptl_crystal_grow.method          'VAPOR DIFFUSION, SITTING DROP' 
_exptl_crystal_grow.temp            293 
_exptl_crystal_grow.temp_details    ? 
_exptl_crystal_grow.pH              7.5 
_exptl_crystal_grow.pdbx_details    '25% PEG1500, 0.25M SPG, pH 7.5, VAPOR DIFFUSION, SITTING DROP, temperature 293K' 
_exptl_crystal_grow.pdbx_pH_range   . 
# 
_diffrn.id                     1 
_diffrn.ambient_temp           100 
_diffrn.ambient_temp_details   ? 
_diffrn.crystal_id             1 
# 
_diffrn_detector.diffrn_id              1 
_diffrn_detector.detector               CCD 
_diffrn_detector.type                   'ADSC QUANTUM 315r' 
_diffrn_detector.pdbx_collection_date   ? 
_diffrn_detector.details                ? 
# 
_diffrn_radiation.diffrn_id                        1 
_diffrn_radiation.wavelength_id                    1 
_diffrn_radiation.pdbx_monochromatic_or_laue_m_l   M 
_diffrn_radiation.monochromator                    'LN2-Cooled, Fixed-Exit Double Crystal Monochromator' 
_diffrn_radiation.pdbx_diffrn_protocol             'SINGLE WAVELENGTH' 
_diffrn_radiation.pdbx_scattering_type             x-ray 
# 
_diffrn_radiation_wavelength.id           1 
_diffrn_radiation_wavelength.wavelength   1 
_diffrn_radiation_wavelength.wt           1.0 
# 
_diffrn_source.diffrn_id                   1 
_diffrn_source.source                      SYNCHROTRON 
_diffrn_source.type                        'NSRRC BEAMLINE BL13B1' 
_diffrn_source.pdbx_synchrotron_site       NSRRC 
_diffrn_source.pdbx_synchrotron_beamline   BL13B1 
_diffrn_source.pdbx_wavelength             ? 
_diffrn_source.pdbx_wavelength_list        1 
# 
_reflns.entry_id                     4LMT 
_reflns.observed_criterion_sigma_I   -3 
_reflns.observed_criterion_sigma_F   0 
_reflns.d_resolution_low             30 
_reflns.d_resolution_high            1.71 
_reflns.number_obs                   17432 
_reflns.number_all                   17432 
_reflns.percent_possible_obs         97.5 
_reflns.pdbx_Rmerge_I_obs            ? 
_reflns.pdbx_Rsym_value              ? 
_reflns.pdbx_netI_over_sigmaI        ? 
_reflns.B_iso_Wilson_estimate        13.130 
_reflns.pdbx_redundancy              ? 
_reflns.R_free_details               ? 
_reflns.limit_h_max                  ? 
_reflns.limit_h_min                  ? 
_reflns.limit_k_max                  ? 
_reflns.limit_k_min                  ? 
_reflns.limit_l_max                  ? 
_reflns.limit_l_min                  ? 
_reflns.observed_criterion_F_max     ? 
_reflns.observed_criterion_F_min     ? 
_reflns.pdbx_chi_squared             ? 
_reflns.pdbx_scaling_rejects         ? 
_reflns.pdbx_ordinal                 1 
_reflns.pdbx_diffrn_id               1 
# 
_reflns_shell.d_res_high                  1.71 
_reflns_shell.d_res_low                   1.77 
_reflns_shell.percent_possible_all        100 
_reflns_shell.Rmerge_I_obs                ? 
_reflns_shell.pdbx_Rsym_value             ? 
_reflns_shell.meanI_over_sigI_obs         ? 
_reflns_shell.pdbx_redundancy             ? 
_reflns_shell.percent_possible_obs        ? 
_reflns_shell.number_unique_all           ? 
_reflns_shell.number_measured_all         ? 
_reflns_shell.number_measured_obs         ? 
_reflns_shell.number_unique_obs           ? 
_reflns_shell.pdbx_chi_squared            ? 
_reflns_shell.pdbx_rejects                ? 
_reflns_shell.pdbx_netI_over_sigmaI_obs   ? 
_reflns_shell.number_possible             ? 
_reflns_shell.Rmerge_F_all                ? 
_reflns_shell.Rmerge_F_obs                ? 
_reflns_shell.Rmerge_I_all                ? 
_reflns_shell.meanI_over_sigI_all         ? 
_reflns_shell.pdbx_Rrim_I_all             ? 
_reflns_shell.pdbx_Rpim_I_all             ? 
_reflns_shell.pdbx_ordinal                1 
_reflns_shell.pdbx_diffrn_id              1 
# 
_refine.entry_id                                 4LMT 
_refine.ls_number_reflns_obs                     17133 
_refine.ls_number_reflns_all                     ? 
_refine.pdbx_ls_sigma_I                          ? 
_refine.pdbx_ls_sigma_F                          1.34 
_refine.pdbx_data_cutoff_high_absF               ? 
_refine.pdbx_data_cutoff_low_absF                ? 
_refine.pdbx_data_cutoff_high_rms_absF           ? 
_refine.ls_d_res_low                             22.732 
_refine.ls_d_res_high                            1.710 
_refine.ls_percent_reflns_obs                    92.2 
_refine.ls_R_factor_obs                          0.2402 
_refine.ls_R_factor_all                          ? 
_refine.ls_R_factor_R_work                       0.2359 
_refine.ls_R_factor_R_free                       0.2786 
_refine.ls_R_factor_R_free_error                 ? 
_refine.ls_R_factor_R_free_error_details         ? 
_refine.ls_percent_reflns_R_free                 9.98 
_refine.ls_number_reflns_R_free                  1710 
_refine.ls_number_parameters                     ? 
_refine.ls_number_restraints                     ? 
_refine.B_iso_mean                               20.3821 
_refine.aniso_B[1][1]                            ? 
_refine.aniso_B[2][2]                            ? 
_refine.aniso_B[3][3]                            ? 
_refine.aniso_B[1][2]                            ? 
_refine.aniso_B[1][3]                            ? 
_refine.aniso_B[2][3]                            ? 
_refine.solvent_model_details                    'FLAT BULK SOLVENT MODEL' 
_refine.solvent_model_param_ksol                 ? 
_refine.solvent_model_param_bsol                 ? 
_refine.pdbx_solvent_vdw_probe_radii             1.11 
_refine.pdbx_solvent_ion_probe_radii             ? 
_refine.pdbx_solvent_shrinkage_radii             0.90 
_refine.pdbx_ls_cross_valid_method               ? 
_refine.details                                  ? 
_refine.pdbx_starting_model                      4J3K 
_refine.pdbx_method_to_determine_struct          'MOLECULAR REPLACEMENT' 
_refine.pdbx_isotropic_thermal_model             ? 
_refine.pdbx_stereochemistry_target_values       'Engh & Huber' 
_refine.pdbx_stereochem_target_val_spec_case     ? 
_refine.pdbx_R_Free_selection_details            Random 
_refine.pdbx_overall_ESU_R                       ? 
_refine.pdbx_overall_ESU_R_Free                  ? 
_refine.overall_SU_ML                            0.21 
_refine.overall_FOM_work_R_set                   0.7818 
_refine.B_iso_max                                74.920 
_refine.B_iso_min                                2.750 
_refine.pdbx_overall_phase_error                 28.5600 
_refine.occupancy_max                            1.000 
_refine.occupancy_min                            1.000 
_refine.pdbx_diffrn_id                           1 
_refine.pdbx_refine_id                           'X-RAY DIFFRACTION' 
_refine.ls_redundancy_reflns_obs                 ? 
_refine.overall_SU_B                             ? 
_refine.correlation_coeff_Fo_to_Fc               ? 
_refine.correlation_coeff_Fo_to_Fc_free          ? 
_refine.overall_SU_R_Cruickshank_DPI             ? 
_refine.overall_SU_R_free                        ? 
_refine.ls_wR_factor_R_free                      ? 
_refine.ls_wR_factor_R_work                      ? 
_refine.overall_FOM_free_R_set                   ? 
_refine.pdbx_TLS_residual_ADP_flag               ? 
_refine.pdbx_overall_SU_R_free_Cruickshank_DPI   ? 
_refine.pdbx_overall_SU_R_Blow_DPI               ? 
_refine.pdbx_overall_SU_R_free_Blow_DPI          ? 
# 
_refine_hist.pdbx_refine_id                   'X-RAY DIFFRACTION' 
_refine_hist.cycle_id                         LAST 
_refine_hist.pdbx_number_atoms_protein        1079 
_refine_hist.pdbx_number_atoms_nucleic_acid   0 
_refine_hist.pdbx_number_atoms_ligand         22 
_refine_hist.number_atoms_solvent             99 
_refine_hist.number_atoms_total               1200 
_refine_hist.d_res_high                       1.710 
_refine_hist.d_res_low                        22.732 
# 
loop_
_refine_ls_restr.pdbx_refine_id 
_refine_ls_restr.type 
_refine_ls_restr.number 
_refine_ls_restr.dev_ideal 
_refine_ls_restr.dev_ideal_target 
_refine_ls_restr.weight 
_refine_ls_restr.pdbx_restraint_function 
'X-RAY DIFFRACTION' f_bond_d           1143 0.008  ? ? ? 
'X-RAY DIFFRACTION' f_angle_d          1563 1.373  ? ? ? 
'X-RAY DIFFRACTION' f_chiral_restr     154  0.091  ? ? ? 
'X-RAY DIFFRACTION' f_plane_restr      205  0.006  ? ? ? 
'X-RAY DIFFRACTION' f_dihedral_angle_d 411  18.076 ? ? ? 
# 
loop_
_refine_ls_shell.d_res_high 
_refine_ls_shell.d_res_low 
_refine_ls_shell.pdbx_total_number_of_bins_used 
_refine_ls_shell.percent_reflns_obs 
_refine_ls_shell.number_reflns_R_work 
_refine_ls_shell.R_factor_all 
_refine_ls_shell.R_factor_R_work 
_refine_ls_shell.R_factor_R_free 
_refine_ls_shell.percent_reflns_R_free 
_refine_ls_shell.number_reflns_R_free 
_refine_ls_shell.R_factor_R_free_error 
_refine_ls_shell.number_reflns_all 
_refine_ls_shell.number_reflns_obs 
_refine_ls_shell.pdbx_refine_id 
_refine_ls_shell.redundancy_reflns_obs 
1.7097 1.7600  12 42.0000 1082 . 0.2552 0.3509 . 124 . 1206 . 'X-RAY DIFFRACTION' . 
1.7600 1.8167  12 49.0000 1281 . 0.2575 0.2887 . 142 . 1423 . 'X-RAY DIFFRACTION' . 
1.8167 1.8816  12 51.0000 1348 . 0.2676 0.3091 . 152 . 1500 . 'X-RAY DIFFRACTION' . 
1.8816 1.9569  12 51.0000 1327 . 0.3119 0.3352 . 143 . 1470 . 'X-RAY DIFFRACTION' . 
1.9569 2.0460  12 51.0000 1347 . 0.2592 0.3168 . 156 . 1503 . 'X-RAY DIFFRACTION' . 
2.0460 2.1537  12 51.0000 1327 . 0.2506 0.3257 . 148 . 1475 . 'X-RAY DIFFRACTION' . 
2.1537 2.2886  12 42.0000 1087 . 0.2797 0.3189 . 123 . 1210 . 'X-RAY DIFFRACTION' . 
2.2886 2.4651  12 51.0000 1335 . 0.2528 0.3041 . 146 . 1481 . 'X-RAY DIFFRACTION' . 
2.4651 2.7128  12 51.0000 1355 . 0.2560 0.3134 . 149 . 1504 . 'X-RAY DIFFRACTION' . 
2.7128 3.1045  12 52.0000 1346 . 0.2305 0.2698 . 151 . 1497 . 'X-RAY DIFFRACTION' . 
3.1045 3.9081  12 46.0000 1208 . 0.2037 0.2343 . 132 . 1340 . 'X-RAY DIFFRACTION' . 
3.9081 22.7344 12 53.0000 1380 . 0.1853 0.2089 . 144 . 1524 . 'X-RAY DIFFRACTION' . 
# 
_struct.entry_id                  4LMT 
_struct.title                     'Structure of The N-terminal domain of Coronavirus Nucleocapsid Protein complexed with NSC663284' 
_struct.pdbx_model_details        ? 
_struct.pdbx_CASP_flag            ? 
_struct.pdbx_model_type_details   ? 
# 
_struct_keywords.entry_id        4LMT 
_struct_keywords.pdbx_keywords   'RNA BINDING PROTEIN' 
_struct_keywords.text            'HCoV-OC43, Nucleocapsid prtoein, N-termainl domain, RNA binding, RNA BINDING PROTEIN' 
# 
loop_
_struct_asym.id 
_struct_asym.pdbx_blank_PDB_chainid_flag 
_struct_asym.pdbx_modified 
_struct_asym.entity_id 
_struct_asym.details 
A N N 1 ? 
B N N 2 ? 
C N N 3 ? 
# 
_struct_biol.id        1 
_struct_biol.details   ? 
# 
loop_
_struct_conf.conf_type_id 
_struct_conf.id 
_struct_conf.pdbx_PDB_helix_id 
_struct_conf.beg_label_comp_id 
_struct_conf.beg_label_asym_id 
_struct_conf.beg_label_seq_id 
_struct_conf.pdbx_beg_PDB_ins_code 
_struct_conf.end_label_comp_id 
_struct_conf.end_label_asym_id 
_struct_conf.end_label_seq_id 
_struct_conf.pdbx_end_PDB_ins_code 
_struct_conf.beg_auth_comp_id 
_struct_conf.beg_auth_asym_id 
_struct_conf.beg_auth_seq_id 
_struct_conf.end_auth_comp_id 
_struct_conf.end_auth_asym_id 
_struct_conf.end_auth_seq_id 
_struct_conf.pdbx_PDB_helix_class 
_struct_conf.details 
_struct_conf.pdbx_PDB_helix_length 
HELX_P HELX_P1 1 PRO A 38 ? GLU A 41 ? PRO A 93  GLU A 96  5 ? 4 
HELX_P HELX_P2 2 THR A 75 ? ALA A 79 ? THR A 130 ALA A 134 5 ? 5 
# 
_struct_conf_type.id          HELX_P 
_struct_conf_type.criteria    ? 
_struct_conf_type.reference   ? 
# 
_struct_mon_prot_cis.pdbx_id                1 
_struct_mon_prot_cis.label_comp_id          ASP 
_struct_mon_prot_cis.label_seq_id           110 
_struct_mon_prot_cis.label_asym_id          A 
_struct_mon_prot_cis.label_alt_id           . 
_struct_mon_prot_cis.pdbx_PDB_ins_code      ? 
_struct_mon_prot_cis.auth_comp_id           ASP 
_struct_mon_prot_cis.auth_seq_id            165 
_struct_mon_prot_cis.auth_asym_id           A 
_struct_mon_prot_cis.pdbx_label_comp_id_2   PRO 
_struct_mon_prot_cis.pdbx_label_seq_id_2    111 
_struct_mon_prot_cis.pdbx_label_asym_id_2   A 
_struct_mon_prot_cis.pdbx_PDB_ins_code_2    ? 
_struct_mon_prot_cis.pdbx_auth_comp_id_2    PRO 
_struct_mon_prot_cis.pdbx_auth_seq_id_2     166 
_struct_mon_prot_cis.pdbx_auth_asym_id_2    A 
_struct_mon_prot_cis.pdbx_PDB_model_num     1 
_struct_mon_prot_cis.pdbx_omega_angle       11.62 
# 
_struct_sheet.id               A 
_struct_sheet.type             ? 
_struct_sheet.number_strands   5 
_struct_sheet.details          ? 
# 
loop_
_struct_sheet_order.sheet_id 
_struct_sheet_order.range_id_1 
_struct_sheet_order.range_id_2 
_struct_sheet_order.offset 
_struct_sheet_order.sense 
A 1 2 ? anti-parallel 
A 2 3 ? anti-parallel 
A 3 4 ? anti-parallel 
A 4 5 ? anti-parallel 
# 
loop_
_struct_sheet_range.sheet_id 
_struct_sheet_range.id 
_struct_sheet_range.beg_label_comp_id 
_struct_sheet_range.beg_label_asym_id 
_struct_sheet_range.beg_label_seq_id 
_struct_sheet_range.pdbx_beg_PDB_ins_code 
_struct_sheet_range.end_label_comp_id 
_struct_sheet_range.end_label_asym_id 
_struct_sheet_range.end_label_seq_id 
_struct_sheet_range.pdbx_end_PDB_ins_code 
_struct_sheet_range.beg_auth_comp_id 
_struct_sheet_range.beg_auth_asym_id 
_struct_sheet_range.beg_auth_seq_id 
_struct_sheet_range.end_auth_comp_id 
_struct_sheet_range.end_auth_asym_id 
_struct_sheet_range.end_auth_seq_id 
A 1 VAL A 90  ? ALA A 94  ? VAL A 145 ALA A 149 
A 2 LYS A 43  ? HIS A 49  ? LYS A 98  HIS A 104 
A 3 ARG A 67  ? TYR A 72  ? ARG A 122 TYR A 127 
A 4 ILE A 14  ? GLN A 16  ? ILE A 69  GLN A 71  
A 5 TYR A 131 ? ILE A 133 ? TYR A 186 ILE A 188 
# 
loop_
_pdbx_struct_sheet_hbond.sheet_id 
_pdbx_struct_sheet_hbond.range_id_1 
_pdbx_struct_sheet_hbond.range_id_2 
_pdbx_struct_sheet_hbond.range_1_label_atom_id 
_pdbx_struct_sheet_hbond.range_1_label_comp_id 
_pdbx_struct_sheet_hbond.range_1_label_asym_id 
_pdbx_struct_sheet_hbond.range_1_label_seq_id 
_pdbx_struct_sheet_hbond.range_1_PDB_ins_code 
_pdbx_struct_sheet_hbond.range_1_auth_atom_id 
_pdbx_struct_sheet_hbond.range_1_auth_comp_id 
_pdbx_struct_sheet_hbond.range_1_auth_asym_id 
_pdbx_struct_sheet_hbond.range_1_auth_seq_id 
_pdbx_struct_sheet_hbond.range_2_label_atom_id 
_pdbx_struct_sheet_hbond.range_2_label_comp_id 
_pdbx_struct_sheet_hbond.range_2_label_asym_id 
_pdbx_struct_sheet_hbond.range_2_label_seq_id 
_pdbx_struct_sheet_hbond.range_2_PDB_ins_code 
_pdbx_struct_sheet_hbond.range_2_auth_atom_id 
_pdbx_struct_sheet_hbond.range_2_auth_comp_id 
_pdbx_struct_sheet_hbond.range_2_auth_asym_id 
_pdbx_struct_sheet_hbond.range_2_auth_seq_id 
A 1 2 O TYR A 91 ? O TYR A 146 N TRP A 46  ? N TRP A 101 
A 2 3 N TYR A 45 ? N TYR A 100 O TYR A 71  ? O TYR A 126 
A 3 4 O TRP A 68 ? O TRP A 123 N ILE A 14  ? N ILE A 69  
A 4 5 N THR A 15 ? N THR A 70  O TYR A 132 ? O TYR A 187 
# 
_struct_site.id                   AC1 
_struct_site.pdbx_evidence_code   Software 
_struct_site.pdbx_auth_asym_id    A 
_struct_site.pdbx_auth_comp_id    CQD 
_struct_site.pdbx_auth_seq_id     201 
_struct_site.pdbx_auth_ins_code   ? 
_struct_site.pdbx_num_residues    10 
_struct_site.details              'BINDING SITE FOR RESIDUE CQD A 201' 
# 
loop_
_struct_site_gen.id 
_struct_site_gen.site_id 
_struct_site_gen.pdbx_num_res 
_struct_site_gen.label_comp_id 
_struct_site_gen.label_asym_id 
_struct_site_gen.label_seq_id 
_struct_site_gen.pdbx_auth_ins_code 
_struct_site_gen.auth_comp_id 
_struct_site_gen.auth_asym_id 
_struct_site_gen.auth_seq_id 
_struct_site_gen.label_atom_id 
_struct_site_gen.label_alt_id 
_struct_site_gen.symmetry 
_struct_site_gen.details 
1  AC1 10 PHE A 2   ? PHE A 57  . ? 1_555 ? 
2  AC1 10 PRO A 6   ? PRO A 61  . ? 1_555 ? 
3  AC1 10 TYR A 7   ? TYR A 62  . ? 1_555 ? 
4  AC1 10 TYR A 8   ? TYR A 63  . ? 1_555 ? 
5  AC1 10 SER A 9   ? SER A 64  . ? 1_555 ? 
6  AC1 10 TYR A 69  ? TYR A 124 . ? 1_555 ? 
7  AC1 10 TYR A 71  ? TYR A 126 . ? 1_555 ? 
8  AC1 10 ARG A 109 ? ARG A 164 . ? 1_555 ? 
9  AC1 10 GLU A 115 ? GLU A 170 . ? 1_555 ? 
10 AC1 10 ALA A 116 ? ALA A 171 . ? 1_555 ? 
# 
_atom_sites.entry_id                    4LMT 
_atom_sites.fract_transf_matrix[1][1]   -0.00112997 
_atom_sites.fract_transf_matrix[1][2]   0.01399675 
_atom_sites.fract_transf_matrix[1][3]   0.00124006 
_atom_sites.fract_transf_matrix[2][1]   -0.00028558 
_atom_sites.fract_transf_matrix[2][2]   0.00809840 
_atom_sites.fract_transf_matrix[2][3]   -0.01153515 
_atom_sites.fract_transf_matrix[3][1]   -0.02324381 
_atom_sites.fract_transf_matrix[3][2]   -0.00181461 
_atom_sites.fract_transf_matrix[3][3]   -0.00069851 
_atom_sites.fract_transf_vector[1]      0.549418 
_atom_sites.fract_transf_vector[2]      -0.166566 
_atom_sites.fract_transf_vector[3]      0.191979 
# 
loop_
_atom_type.symbol 
C  
CL 
N  
O  
# 
loop_
_atom_site.group_PDB 
_atom_site.id 
_atom_site.type_symbol 
_atom_site.label_atom_id 
_atom_site.label_alt_id 
_atom_site.label_comp_id 
_atom_site.label_asym_id 
_atom_site.label_entity_id 
_atom_site.label_seq_id 
_atom_site.pdbx_PDB_ins_code 
_atom_site.Cartn_x 
_atom_site.Cartn_y 
_atom_site.Cartn_z 
_atom_site.occupancy 
_atom_site.B_iso_or_equiv 
_atom_site.pdbx_formal_charge 
_atom_site.auth_seq_id 
_atom_site.auth_comp_id 
_atom_site.auth_asym_id 
_atom_site.auth_atom_id 
_atom_site.pdbx_PDB_model_num 
ATOM   1    N  N   . GLU A 1 1   ? -7.556  2.826   12.458  1.00 41.44 ? 56  GLU A N   1 
ATOM   2    C  CA  . GLU A 1 1   ? -6.672  3.094   13.588  1.00 32.95 ? 56  GLU A CA  1 
ATOM   3    C  C   . GLU A 1 1   ? -6.048  1.807   14.131  1.00 32.22 ? 56  GLU A C   1 
ATOM   4    O  O   . GLU A 1 1   ? -6.568  0.700   13.930  1.00 25.69 ? 56  GLU A O   1 
ATOM   5    C  CB  . GLU A 1 1   ? -7.419  3.838   14.704  1.00 37.16 ? 56  GLU A CB  1 
ATOM   6    C  CG  . GLU A 1 1   ? -6.518  4.560   15.706  1.00 37.79 ? 56  GLU A CG  1 
ATOM   7    C  CD  . GLU A 1 1   ? -6.989  4.383   17.141  1.00 45.35 ? 56  GLU A CD  1 
ATOM   8    O  OE1 . GLU A 1 1   ? -6.549  5.159   18.016  1.00 46.27 ? 56  GLU A OE1 1 
ATOM   9    O  OE2 . GLU A 1 1   ? -7.789  3.458   17.395  1.00 45.54 ? 56  GLU A OE2 1 
ATOM   10   N  N   . PHE A 1 2   ? -4.932  1.964   14.837  1.00 31.97 ? 57  PHE A N   1 
ATOM   11   C  CA  . PHE A 1 2   ? -4.113  0.836   15.255  1.00 28.17 ? 57  PHE A CA  1 
ATOM   12   C  C   . PHE A 1 2   ? -3.854  0.848   16.758  1.00 22.26 ? 57  PHE A C   1 
ATOM   13   O  O   . PHE A 1 2   ? -3.413  1.853   17.305  1.00 31.58 ? 57  PHE A O   1 
ATOM   14   C  CB  . PHE A 1 2   ? -2.768  0.885   14.523  1.00 23.00 ? 57  PHE A CB  1 
ATOM   15   C  CG  . PHE A 1 2   ? -2.856  0.593   13.049  1.00 25.66 ? 57  PHE A CG  1 
ATOM   16   C  CD1 . PHE A 1 2   ? -3.295  1.556   12.158  1.00 32.60 ? 57  PHE A CD1 1 
ATOM   17   C  CD2 . PHE A 1 2   ? -2.490  -0.653  12.557  1.00 21.06 ? 57  PHE A CD2 1 
ATOM   18   C  CE1 . PHE A 1 2   ? -3.372  1.281   10.803  1.00 32.77 ? 57  PHE A CE1 1 
ATOM   19   C  CE2 . PHE A 1 2   ? -2.560  -0.931  11.201  1.00 31.24 ? 57  PHE A CE2 1 
ATOM   20   C  CZ  . PHE A 1 2   ? -2.987  0.039   10.323  1.00 28.52 ? 57  PHE A CZ  1 
ATOM   21   N  N   . ASN A 1 3   ? -4.112  -0.282  17.407  1.00 20.35 ? 58  ASN A N   1 
ATOM   22   C  CA  . ASN A 1 3   ? -3.849  -0.459  18.830  1.00 21.84 ? 58  ASN A CA  1 
ATOM   23   C  C   . ASN A 1 3   ? -2.464  -1.072  19.114  1.00 17.61 ? 58  ASN A C   1 
ATOM   24   O  O   . ASN A 1 3   ? -2.054  -1.234  20.273  1.00 17.41 ? 58  ASN A O   1 
ATOM   25   C  CB  . ASN A 1 3   ? -4.914  -1.355  19.431  1.00 23.06 ? 58  ASN A CB  1 
ATOM   26   C  CG  . ASN A 1 3   ? -4.753  -2.793  19.010  1.00 28.58 ? 58  ASN A CG  1 
ATOM   27   O  OD1 . ASN A 1 3   ? -4.970  -3.146  17.841  1.00 26.21 ? 58  ASN A OD1 1 
ATOM   28   N  ND2 . ASN A 1 3   ? -4.364  -3.639  19.957  1.00 23.44 ? 58  ASN A ND2 1 
ATOM   29   N  N   . VAL A 1 4   ? -1.788  -1.481  18.047  1.00 20.56 ? 59  VAL A N   1 
ATOM   30   C  CA  . VAL A 1 4   ? -0.371  -1.832  18.079  1.00 13.44 ? 59  VAL A CA  1 
ATOM   31   C  C   . VAL A 1 4   ? 0.249   -0.917  17.037  1.00 10.44 ? 59  VAL A C   1 
ATOM   32   O  O   . VAL A 1 4   ? -0.197  -0.891  15.884  1.00 9.96  ? 59  VAL A O   1 
ATOM   33   C  CB  . VAL A 1 4   ? -0.131  -3.319  17.701  1.00 14.06 ? 59  VAL A CB  1 
ATOM   34   C  CG1 . VAL A 1 4   ? 1.343   -3.565  17.457  1.00 12.50 ? 59  VAL A CG1 1 
ATOM   35   C  CG2 . VAL A 1 4   ? -0.618  -4.239  18.810  1.00 13.41 ? 59  VAL A CG2 1 
ATOM   36   N  N   . VAL A 1 5   ? 1.262   -0.138  17.431  1.00 8.42  ? 60  VAL A N   1 
ATOM   37   C  CA  . VAL A 1 5   ? 1.879   0.793   16.505  1.00 8.70  ? 60  VAL A CA  1 
ATOM   38   C  C   . VAL A 1 5   ? 2.325   0.073   15.235  1.00 7.76  ? 60  VAL A C   1 
ATOM   39   O  O   . VAL A 1 5   ? 3.045   -0.928  15.285  1.00 7.87  ? 60  VAL A O   1 
ATOM   40   C  CB  . VAL A 1 5   ? 3.071   1.542   17.154  1.00 6.96  ? 60  VAL A CB  1 
ATOM   41   C  CG1 . VAL A 1 5   ? 3.762   2.404   16.144  1.00 8.59  ? 60  VAL A CG1 1 
ATOM   42   C  CG2 . VAL A 1 5   ? 2.555   2.413   18.300  1.00 6.73  ? 60  VAL A CG2 1 
ATOM   43   N  N   . PRO A 1 6   ? 1.846   0.551   14.089  1.00 11.06 ? 61  PRO A N   1 
ATOM   44   C  CA  . PRO A 1 6   ? 2.159   -0.112  12.825  1.00 12.31 ? 61  PRO A CA  1 
ATOM   45   C  C   . PRO A 1 6   ? 3.503   0.325   12.277  1.00 12.17 ? 61  PRO A C   1 
ATOM   46   O  O   . PRO A 1 6   ? 4.088   1.291   12.766  1.00 11.08 ? 61  PRO A O   1 
ATOM   47   C  CB  . PRO A 1 6   ? 1.079   0.439   11.892  1.00 13.46 ? 61  PRO A CB  1 
ATOM   48   C  CG  . PRO A 1 6   ? 0.877   1.812   12.390  1.00 14.50 ? 61  PRO A CG  1 
ATOM   49   C  CD  . PRO A 1 6   ? 0.976   1.726   13.890  1.00 13.81 ? 61  PRO A CD  1 
ATOM   50   N  N   . TYR A 1 7   ? 3.985   -0.362  11.249  1.00 13.23 ? 62  TYR A N   1 
ATOM   51   C  CA  . TYR A 1 7   ? 5.082   0.181   10.464  1.00 10.16 ? 62  TYR A CA  1 
ATOM   52   C  C   . TYR A 1 7   ? 4.480   1.304   9.638   1.00 11.45 ? 62  TYR A C   1 
ATOM   53   O  O   . TYR A 1 7   ? 3.366   1.176   9.109   1.00 11.88 ? 62  TYR A O   1 
ATOM   54   C  CB  . TYR A 1 7   ? 5.706   -0.891  9.564   1.00 10.62 ? 62  TYR A CB  1 
ATOM   55   C  CG  . TYR A 1 7   ? 6.363   -2.000  10.337  1.00 9.81  ? 62  TYR A CG  1 
ATOM   56   C  CD1 . TYR A 1 7   ? 5.652   -3.133  10.700  1.00 13.90 ? 62  TYR A CD1 1 
ATOM   57   C  CD2 . TYR A 1 7   ? 7.691   -1.911  10.718  1.00 12.80 ? 62  TYR A CD2 1 
ATOM   58   C  CE1 . TYR A 1 7   ? 6.254   -4.153  11.411  1.00 16.93 ? 62  TYR A CE1 1 
ATOM   59   C  CE2 . TYR A 1 7   ? 8.302   -2.920  11.444  1.00 12.77 ? 62  TYR A CE2 1 
ATOM   60   C  CZ  . TYR A 1 7   ? 7.574   -4.036  11.790  1.00 17.63 ? 62  TYR A CZ  1 
ATOM   61   O  OH  . TYR A 1 7   ? 8.163   -5.052  12.501  1.00 22.50 ? 62  TYR A OH  1 
ATOM   62   N  N   . TYR A 1 8   ? 5.177   2.426   9.567   1.00 13.59 ? 63  TYR A N   1 
ATOM   63   C  CA  . TYR A 1 8   ? 4.613   3.564   8.861   1.00 17.45 ? 63  TYR A CA  1 
ATOM   64   C  C   . TYR A 1 8   ? 4.971   3.500   7.363   1.00 13.47 ? 63  TYR A C   1 
ATOM   65   O  O   . TYR A 1 8   ? 6.099   3.174   6.974   1.00 16.83 ? 63  TYR A O   1 
ATOM   66   C  CB  . TYR A 1 8   ? 4.989   4.897   9.536   1.00 25.53 ? 63  TYR A CB  1 
ATOM   67   C  CG  . TYR A 1 8   ? 4.233   5.136   10.840  1.00 24.85 ? 63  TYR A CG  1 
ATOM   68   C  CD1 . TYR A 1 8   ? 4.684   4.605   12.043  1.00 23.71 ? 63  TYR A CD1 1 
ATOM   69   C  CD2 . TYR A 1 8   ? 3.064   5.887   10.865  1.00 30.26 ? 63  TYR A CD2 1 
ATOM   70   C  CE1 . TYR A 1 8   ? 3.984   4.815   13.239  1.00 31.45 ? 63  TYR A CE1 1 
ATOM   71   C  CE2 . TYR A 1 8   ? 2.366   6.106   12.050  1.00 35.15 ? 63  TYR A CE2 1 
ATOM   72   C  CZ  . TYR A 1 8   ? 2.827   5.565   13.234  1.00 30.82 ? 63  TYR A CZ  1 
ATOM   73   O  OH  . TYR A 1 8   ? 2.124   5.785   14.406  1.00 29.63 ? 63  TYR A OH  1 
ATOM   74   N  N   . SER A 1 9   ? 3.963   3.749   6.540   1.00 13.02 ? 64  SER A N   1 
ATOM   75   C  CA  . SER A 1 9   ? 4.084   3.705   5.088   1.00 10.61 ? 64  SER A CA  1 
ATOM   76   C  C   . SER A 1 9   ? 4.458   5.108   4.662   1.00 10.84 ? 64  SER A C   1 
ATOM   77   O  O   . SER A 1 9   ? 4.071   6.057   5.333   1.00 9.94  ? 64  SER A O   1 
ATOM   78   C  CB  . SER A 1 9   ? 2.726   3.338   4.504   1.00 10.03 ? 64  SER A CB  1 
ATOM   79   O  OG  . SER A 1 9   ? 2.624   3.666   3.140   1.00 7.61  ? 64  SER A OG  1 
ATOM   80   N  N   . TRP A 1 10  ? 5.198   5.249   3.566   1.00 8.81  ? 65  TRP A N   1 
ATOM   81   C  CA  . TRP A 1 10  ? 5.536   6.582   3.065   1.00 8.92  ? 65  TRP A CA  1 
ATOM   82   C  C   . TRP A 1 10  ? 4.321   7.294   2.471   1.00 12.44 ? 65  TRP A C   1 
ATOM   83   O  O   . TRP A 1 10  ? 4.379   8.507   2.231   1.00 12.64 ? 65  TRP A O   1 
ATOM   84   C  CB  . TRP A 1 10  ? 6.656   6.511   2.019   1.00 10.69 ? 65  TRP A CB  1 
ATOM   85   C  CG  . TRP A 1 10  ? 8.057   6.629   2.583   1.00 16.09 ? 65  TRP A CG  1 
ATOM   86   C  CD1 . TRP A 1 10  ? 8.963   5.624   2.768   1.00 16.82 ? 65  TRP A CD1 1 
ATOM   87   C  CD2 . TRP A 1 10  ? 8.697   7.833   3.028   1.00 20.15 ? 65  TRP A CD2 1 
ATOM   88   N  NE1 . TRP A 1 10  ? 10.132  6.129   3.299   1.00 21.54 ? 65  TRP A NE1 1 
ATOM   89   C  CE2 . TRP A 1 10  ? 9.991   7.483   3.471   1.00 24.99 ? 65  TRP A CE2 1 
ATOM   90   C  CE3 . TRP A 1 10  ? 8.297   9.171   3.095   1.00 19.61 ? 65  TRP A CE3 1 
ATOM   91   C  CZ2 . TRP A 1 10  ? 10.890  8.429   3.981   1.00 23.58 ? 65  TRP A CZ2 1 
ATOM   92   C  CZ3 . TRP A 1 10  ? 9.192   10.109  3.604   1.00 22.33 ? 65  TRP A CZ3 1 
ATOM   93   C  CH2 . TRP A 1 10  ? 10.473  9.730   4.035   1.00 22.13 ? 65  TRP A CH2 1 
ATOM   94   N  N   . PHE A 1 11  ? 3.225   6.554   2.254   1.00 8.17  ? 66  PHE A N   1 
ATOM   95   C  CA  . PHE A 1 11  ? 2.106   7.039   1.452   1.00 8.14  ? 66  PHE A CA  1 
ATOM   96   C  C   . PHE A 1 11  ? 0.748   6.913   2.132   1.00 8.82  ? 66  PHE A C   1 
ATOM   97   O  O   . PHE A 1 11  ? 0.580   6.146   3.084   1.00 8.80  ? 66  PHE A O   1 
ATOM   98   C  CB  . PHE A 1 11  ? 2.072   6.306   0.096   1.00 7.01  ? 66  PHE A CB  1 
ATOM   99   C  CG  . PHE A 1 11  ? 3.368   6.381   -0.666  1.00 7.76  ? 66  PHE A CG  1 
ATOM   100  C  CD1 . PHE A 1 11  ? 3.641   7.460   -1.515  1.00 7.93  ? 66  PHE A CD1 1 
ATOM   101  C  CD2 . PHE A 1 11  ? 4.314   5.378   -0.538  1.00 6.94  ? 66  PHE A CD2 1 
ATOM   102  C  CE1 . PHE A 1 11  ? 4.846   7.529   -2.219  1.00 10.64 ? 66  PHE A CE1 1 
ATOM   103  C  CE2 . PHE A 1 11  ? 5.517   5.434   -1.231  1.00 5.70  ? 66  PHE A CE2 1 
ATOM   104  C  CZ  . PHE A 1 11  ? 5.782   6.511   -2.084  1.00 9.05  ? 66  PHE A CZ  1 
ATOM   105  N  N   . SER A 1 12  ? -0.235  7.669   1.642   1.00 7.30  ? 67  SER A N   1 
ATOM   106  C  CA  . SER A 1 12  ? -1.582  7.546   2.180   1.00 9.93  ? 67  SER A CA  1 
ATOM   107  C  C   . SER A 1 12  ? -2.169  6.217   1.720   1.00 8.03  ? 67  SER A C   1 
ATOM   108  O  O   . SER A 1 12  ? -1.684  5.615   0.754   1.00 8.72  ? 67  SER A O   1 
ATOM   109  C  CB  . SER A 1 12  ? -2.461  8.705   1.710   1.00 12.41 ? 67  SER A CB  1 
ATOM   110  O  OG  . SER A 1 12  ? -2.497  8.792   0.299   1.00 11.97 ? 67  SER A OG  1 
ATOM   111  N  N   . GLY A 1 13  ? -3.213  5.760   2.400   1.00 12.49 ? 68  GLY A N   1 
ATOM   112  C  CA  . GLY A 1 13  ? -3.826  4.485   2.078   1.00 9.39  ? 68  GLY A CA  1 
ATOM   113  C  C   . GLY A 1 13  ? -4.780  4.492   0.905   1.00 11.01 ? 68  GLY A C   1 
ATOM   114  O  O   . GLY A 1 13  ? -5.139  5.548   0.374   1.00 12.06 ? 68  GLY A O   1 
ATOM   115  N  N   . ILE A 1 14  ? -5.189  3.294   0.493   1.00 11.63 ? 69  ILE A N   1 
ATOM   116  C  CA  . ILE A 1 14  ? -6.234  3.135   -0.498  1.00 7.99  ? 69  ILE A CA  1 
ATOM   117  C  C   . ILE A 1 14  ? -7.363  2.364   0.174   1.00 13.00 ? 69  ILE A C   1 
ATOM   118  O  O   . ILE A 1 14  ? -7.174  1.232   0.630   1.00 9.58  ? 69  ILE A O   1 
ATOM   119  C  CB  . ILE A 1 14  ? -5.720  2.381   -1.740  1.00 8.39  ? 69  ILE A CB  1 
ATOM   120  C  CG1 . ILE A 1 14  ? -4.603  3.195   -2.411  1.00 8.80  ? 69  ILE A CG1 1 
ATOM   121  C  CG2 . ILE A 1 14  ? -6.864  2.100   -2.703  1.00 9.91  ? 69  ILE A CG2 1 
ATOM   122  C  CD1 . ILE A 1 14  ? -4.048  2.583   -3.681  1.00 8.46  ? 69  ILE A CD1 1 
ATOM   123  N  N   . THR A 1 15  ? -8.528  2.995   0.260   1.00 14.43 ? 70  THR A N   1 
ATOM   124  C  CA  . THR A 1 15  ? -9.634  2.437   1.032   1.00 15.19 ? 70  THR A CA  1 
ATOM   125  C  C   . THR A 1 15  ? -10.664 1.758   0.137   1.00 14.30 ? 70  THR A C   1 
ATOM   126  O  O   . THR A 1 15  ? -11.106 2.336   -0.854  1.00 20.24 ? 70  THR A O   1 
ATOM   127  C  CB  . THR A 1 15  ? -10.341 3.547   1.833   1.00 17.59 ? 70  THR A CB  1 
ATOM   128  O  OG1 . THR A 1 15  ? -9.362  4.362   2.493   1.00 20.16 ? 70  THR A OG1 1 
ATOM   129  C  CG2 . THR A 1 15  ? -11.290 2.942   2.870   1.00 14.77 ? 70  THR A CG2 1 
ATOM   130  N  N   . GLN A 1 16  ? -11.066 0.544   0.485   1.00 17.54 ? 71  GLN A N   1 
ATOM   131  C  CA  . GLN A 1 16  ? -12.149 -0.083  -0.249  1.00 18.85 ? 71  GLN A CA  1 
ATOM   132  C  C   . GLN A 1 16  ? -13.453 0.611   0.123   1.00 22.95 ? 71  GLN A C   1 
ATOM   133  O  O   . GLN A 1 16  ? -13.660 0.954   1.294   1.00 19.94 ? 71  GLN A O   1 
ATOM   134  C  CB  . GLN A 1 16  ? -12.234 -1.580  0.048   1.00 19.71 ? 71  GLN A CB  1 
ATOM   135  C  CG  . GLN A 1 16  ? -13.230 -2.294  -0.848  1.00 17.18 ? 71  GLN A CG  1 
ATOM   136  C  CD  . GLN A 1 16  ? -13.322 -3.779  -0.584  1.00 19.69 ? 71  GLN A CD  1 
ATOM   137  O  OE1 . GLN A 1 16  ? -12.614 -4.328  0.261   1.00 21.54 ? 71  GLN A OE1 1 
ATOM   138  N  NE2 . GLN A 1 16  ? -14.209 -4.442  -1.310  1.00 24.48 ? 71  GLN A NE2 1 
ATOM   139  N  N   . PHE A 1 17  ? -14.315 0.847   -0.865  1.00 19.97 ? 72  PHE A N   1 
ATOM   140  C  CA  . PHE A 1 17  ? -15.650 1.386   -0.587  1.00 22.47 ? 72  PHE A CA  1 
ATOM   141  C  C   . PHE A 1 17  ? -16.783 0.531   -1.176  1.00 27.09 ? 72  PHE A C   1 
ATOM   142  O  O   . PHE A 1 17  ? -17.933 0.640   -0.747  1.00 30.93 ? 72  PHE A O   1 
ATOM   143  C  CB  . PHE A 1 17  ? -15.765 2.872   -0.984  1.00 24.08 ? 72  PHE A CB  1 
ATOM   144  C  CG  . PHE A 1 17  ? -15.770 3.132   -2.474  1.00 29.85 ? 72  PHE A CG  1 
ATOM   145  C  CD1 . PHE A 1 17  ? -16.953 3.062   -3.197  1.00 29.09 ? 72  PHE A CD1 1 
ATOM   146  C  CD2 . PHE A 1 17  ? -14.601 3.509   -3.141  1.00 26.31 ? 72  PHE A CD2 1 
ATOM   147  C  CE1 . PHE A 1 17  ? -16.974 3.324   -4.557  1.00 29.38 ? 72  PHE A CE1 1 
ATOM   148  C  CE2 . PHE A 1 17  ? -14.621 3.775   -4.509  1.00 23.98 ? 72  PHE A CE2 1 
ATOM   149  C  CZ  . PHE A 1 17  ? -15.806 3.681   -5.215  1.00 27.49 ? 72  PHE A CZ  1 
ATOM   150  N  N   . GLN A 1 18  ? -16.450 -0.316  -2.147  1.00 23.23 ? 73  GLN A N   1 
ATOM   151  C  CA  . GLN A 1 18  ? -17.397 -1.287  -2.714  1.00 24.83 ? 73  GLN A CA  1 
ATOM   152  C  C   . GLN A 1 18  ? -16.992 -2.710  -2.382  1.00 26.90 ? 73  GLN A C   1 
ATOM   153  O  O   . GLN A 1 18  ? -15.959 -3.178  -2.862  1.00 27.02 ? 73  GLN A O   1 
ATOM   154  C  CB  . GLN A 1 18  ? -17.418 -1.204  -4.238  1.00 27.97 ? 73  GLN A CB  1 
ATOM   155  C  CG  . GLN A 1 18  ? -18.005 0.056   -4.826  1.00 33.89 ? 73  GLN A CG  1 
ATOM   156  C  CD  . GLN A 1 18  ? -18.239 -0.073  -6.322  1.00 34.36 ? 73  GLN A CD  1 
ATOM   157  O  OE1 . GLN A 1 18  ? -17.293 -0.095  -7.111  1.00 36.28 ? 73  GLN A OE1 1 
ATOM   158  N  NE2 . GLN A 1 18  ? -19.502 -0.168  -6.716  1.00 40.09 ? 73  GLN A NE2 1 
ATOM   159  N  N   . LYS A 1 19  ? -17.797 -3.434  -1.608  1.00 27.90 ? 74  LYS A N   1 
ATOM   160  C  CA  . LYS A 1 19  ? -17.418 -4.813  -1.305  1.00 25.61 ? 74  LYS A CA  1 
ATOM   161  C  C   . LYS A 1 19  ? -17.504 -5.638  -2.580  1.00 25.10 ? 74  LYS A C   1 
ATOM   162  O  O   . LYS A 1 19  ? -18.301 -5.326  -3.462  1.00 29.05 ? 74  LYS A O   1 
ATOM   163  C  CB  . LYS A 1 19  ? -18.283 -5.423  -0.200  1.00 32.25 ? 74  LYS A CB  1 
ATOM   164  C  CG  . LYS A 1 19  ? -17.737 -6.758  0.324   1.00 36.67 ? 74  LYS A CG  1 
ATOM   165  C  CD  . LYS A 1 19  ? -18.404 -7.167  1.635   1.00 30.34 ? 74  LYS A CD  1 
ATOM   166  C  CE  . LYS A 1 19  ? -17.797 -6.418  2.810   1.00 34.04 ? 74  LYS A CE  1 
ATOM   167  N  NZ  . LYS A 1 19  ? -18.697 -6.336  3.994   1.00 36.48 ? 74  LYS A NZ  1 
ATOM   168  N  N   . GLY A 1 20  ? -16.660 -6.657  -2.694  1.00 30.39 ? 75  GLY A N   1 
ATOM   169  C  CA  . GLY A 1 20  ? -16.671 -7.522  -3.859  1.00 33.09 ? 75  GLY A CA  1 
ATOM   170  C  C   . GLY A 1 20  ? -15.780 -7.048  -4.995  1.00 29.59 ? 75  GLY A C   1 
ATOM   171  O  O   . GLY A 1 20  ? -15.683 -7.705  -6.031  1.00 32.69 ? 75  GLY A O   1 
ATOM   172  N  N   . LYS A 1 21  ? -15.148 -5.895  -4.815  1.00 27.29 ? 76  LYS A N   1 
ATOM   173  C  CA  . LYS A 1 21  ? -14.201 -5.392  -5.812  1.00 27.95 ? 76  LYS A CA  1 
ATOM   174  C  C   . LYS A 1 21  ? -12.780 -5.756  -5.367  1.00 25.91 ? 76  LYS A C   1 
ATOM   175  O  O   . LYS A 1 21  ? -12.416 -5.566  -4.198  1.00 24.31 ? 76  LYS A O   1 
ATOM   176  C  CB  . LYS A 1 21  ? -14.352 -3.874  -6.005  1.00 27.11 ? 76  LYS A CB  1 
ATOM   177  C  CG  . LYS A 1 21  ? -15.661 -3.415  -6.669  1.00 27.24 ? 76  LYS A CG  1 
ATOM   178  C  CD  . LYS A 1 21  ? -15.758 -3.880  -8.115  1.00 33.65 ? 76  LYS A CD  1 
ATOM   179  C  CE  . LYS A 1 21  ? -17.089 -3.479  -8.744  1.00 42.69 ? 76  LYS A CE  1 
ATOM   180  N  NZ  . LYS A 1 21  ? -17.563 -4.474  -9.756  1.00 54.31 ? 76  LYS A NZ  1 
ATOM   181  N  N   . GLU A 1 22  ? -11.989 -6.306  -6.283  1.00 19.50 ? 77  GLU A N   1 
ATOM   182  C  CA  . GLU A 1 22  ? -10.664 -6.827  -5.935  1.00 22.36 ? 77  GLU A CA  1 
ATOM   183  C  C   . GLU A 1 22  ? -9.574  -5.756  -6.002  1.00 16.43 ? 77  GLU A C   1 
ATOM   184  O  O   . GLU A 1 22  ? -9.599  -4.895  -6.884  1.00 17.63 ? 77  GLU A O   1 
ATOM   185  C  CB  . GLU A 1 22  ? -10.294 -8.020  -6.831  1.00 25.82 ? 77  GLU A CB  1 
ATOM   186  C  CG  . GLU A 1 22  ? -11.329 -9.151  -6.820  1.00 30.13 ? 77  GLU A CG  1 
ATOM   187  C  CD  . GLU A 1 22  ? -11.750 -9.543  -5.413  1.00 36.81 ? 77  GLU A CD  1 
ATOM   188  O  OE1 . GLU A 1 22  ? -10.859 -9.722  -4.552  1.00 34.83 ? 77  GLU A OE1 1 
ATOM   189  O  OE2 . GLU A 1 22  ? -12.972 -9.660  -5.164  1.00 36.00 ? 77  GLU A OE2 1 
ATOM   190  N  N   . PHE A 1 23  ? -8.636  -5.795  -5.053  1.00 15.96 ? 78  PHE A N   1 
ATOM   191  C  CA  . PHE A 1 23  ? -7.499  -4.877  -5.060  1.00 14.22 ? 78  PHE A CA  1 
ATOM   192  C  C   . PHE A 1 23  ? -6.438  -5.439  -5.998  1.00 9.61  ? 78  PHE A C   1 
ATOM   193  O  O   . PHE A 1 23  ? -5.865  -6.509  -5.760  1.00 12.49 ? 78  PHE A O   1 
ATOM   194  C  CB  . PHE A 1 23  ? -6.930  -4.725  -3.642  1.00 12.40 ? 78  PHE A CB  1 
ATOM   195  C  CG  . PHE A 1 23  ? -5.811  -3.720  -3.531  1.00 8.33  ? 78  PHE A CG  1 
ATOM   196  C  CD1 . PHE A 1 23  ? -6.092  -2.398  -3.243  1.00 9.50  ? 78  PHE A CD1 1 
ATOM   197  C  CD2 . PHE A 1 23  ? -4.497  -4.101  -3.705  1.00 7.37  ? 78  PHE A CD2 1 
ATOM   198  C  CE1 . PHE A 1 23  ? -5.089  -1.454  -3.153  1.00 8.32  ? 78  PHE A CE1 1 
ATOM   199  C  CE2 . PHE A 1 23  ? -3.463  -3.154  -3.602  1.00 8.52  ? 78  PHE A CE2 1 
ATOM   200  C  CZ  . PHE A 1 23  ? -3.771  -1.826  -3.321  1.00 5.19  ? 78  PHE A CZ  1 
ATOM   201  N  N   . GLU A 1 24  ? -6.165  -4.707  -7.072  1.00 12.46 ? 79  GLU A N   1 
ATOM   202  C  CA  . GLU A 1 24  ? -5.252  -5.201  -8.090  1.00 9.51  ? 79  GLU A CA  1 
ATOM   203  C  C   . GLU A 1 24  ? -4.704  -4.035  -8.913  1.00 6.65  ? 79  GLU A C   1 
ATOM   204  O  O   . GLU A 1 24  ? -5.301  -2.946  -8.948  1.00 8.19  ? 79  GLU A O   1 
ATOM   205  C  CB  . GLU A 1 24  ? -5.987  -6.161  -9.014  1.00 14.31 ? 79  GLU A CB  1 
ATOM   206  C  CG  . GLU A 1 24  ? -7.136  -5.481  -9.736  1.00 10.66 ? 79  GLU A CG  1 
ATOM   207  C  CD  . GLU A 1 24  ? -7.949  -6.432  -10.581 1.00 21.04 ? 79  GLU A CD  1 
ATOM   208  O  OE1 . GLU A 1 24  ? -7.685  -7.653  -10.532 1.00 23.86 ? 79  GLU A OE1 1 
ATOM   209  O  OE2 . GLU A 1 24  ? -8.851  -5.938  -11.288 1.00 18.06 ? 79  GLU A OE2 1 
ATOM   210  N  N   . PHE A 1 25  ? -3.559  -4.295  -9.540  1.00 9.27  ? 80  PHE A N   1 
ATOM   211  C  CA  . PHE A 1 25  ? -2.959  -3.395  -10.525 1.00 8.70  ? 80  PHE A CA  1 
ATOM   212  C  C   . PHE A 1 25  ? -2.452  -4.225  -11.683 1.00 11.77 ? 80  PHE A C   1 
ATOM   213  O  O   . PHE A 1 25  ? -2.172  -5.415  -11.523 1.00 13.85 ? 80  PHE A O   1 
ATOM   214  C  CB  . PHE A 1 25  ? -1.781  -2.653  -9.904  1.00 6.54  ? 80  PHE A CB  1 
ATOM   215  C  CG  . PHE A 1 25  ? -2.188  -1.628  -8.903  1.00 4.89  ? 80  PHE A CG  1 
ATOM   216  C  CD1 . PHE A 1 25  ? -2.545  -0.352  -9.314  1.00 5.11  ? 80  PHE A CD1 1 
ATOM   217  C  CD2 . PHE A 1 25  ? -2.202  -1.925  -7.553  1.00 5.99  ? 80  PHE A CD2 1 
ATOM   218  C  CE1 . PHE A 1 25  ? -2.915  0.621   -8.399  1.00 3.49  ? 80  PHE A CE1 1 
ATOM   219  C  CE2 . PHE A 1 25  ? -2.579  -0.966  -6.623  1.00 4.29  ? 80  PHE A CE2 1 
ATOM   220  C  CZ  . PHE A 1 25  ? -2.944  0.315   -7.047  1.00 3.16  ? 80  PHE A CZ  1 
ATOM   221  N  N   . VAL A 1 26  ? -2.324  -3.601  -12.848 1.00 13.93 ? 81  VAL A N   1 
ATOM   222  C  CA  . VAL A 1 26  ? -1.648  -4.237  -13.974 1.00 16.89 ? 81  VAL A CA  1 
ATOM   223  C  C   . VAL A 1 26  ? -0.180  -4.440  -13.614 1.00 12.04 ? 81  VAL A C   1 
ATOM   224  O  O   . VAL A 1 26  ? 0.421   -3.571  -12.978 1.00 11.31 ? 81  VAL A O   1 
ATOM   225  C  CB  . VAL A 1 26  ? -1.780  -3.355  -15.224 1.00 13.45 ? 81  VAL A CB  1 
ATOM   226  C  CG1 . VAL A 1 26  ? -0.992  -3.925  -16.391 1.00 16.28 ? 81  VAL A CG1 1 
ATOM   227  C  CG2 . VAL A 1 26  ? -3.254  -3.212  -15.588 1.00 14.69 ? 81  VAL A CG2 1 
ATOM   228  N  N   . GLU A 1 27  ? 0.411   -5.568  -14.009 1.00 14.15 ? 82  GLU A N   1 
ATOM   229  C  CA  . GLU A 1 27  ? 1.830   -5.812  -13.739 1.00 12.94 ? 82  GLU A CA  1 
ATOM   230  C  C   . GLU A 1 27  ? 2.653   -4.651  -14.303 1.00 12.42 ? 82  GLU A C   1 
ATOM   231  O  O   . GLU A 1 27  ? 2.429   -4.213  -15.441 1.00 15.54 ? 82  GLU A O   1 
ATOM   232  C  CB  . GLU A 1 27  ? 2.279   -7.163  -14.330 1.00 15.07 ? 82  GLU A CB  1 
ATOM   233  C  CG  . GLU A 1 27  ? 3.685   -7.606  -13.930 1.00 19.63 ? 82  GLU A CG  1 
ATOM   234  C  CD  . GLU A 1 27  ? 4.085   -8.922  -14.594 1.00 34.86 ? 82  GLU A CD  1 
ATOM   235  O  OE1 . GLU A 1 27  ? 3.420   -9.300  -15.585 1.00 34.70 ? 82  GLU A OE1 1 
ATOM   236  O  OE2 . GLU A 1 27  ? 5.055   -9.571  -14.127 1.00 32.50 ? 82  GLU A OE2 1 
ATOM   237  N  N   . GLY A 1 28  ? 3.591   -4.145  -13.507 1.00 9.02  ? 83  GLY A N   1 
ATOM   238  C  CA  . GLY A 1 28  ? 4.391   -2.992  -13.904 1.00 8.25  ? 83  GLY A CA  1 
ATOM   239  C  C   . GLY A 1 28  ? 3.861   -1.702  -13.317 1.00 7.44  ? 83  GLY A C   1 
ATOM   240  O  O   . GLY A 1 28  ? 4.544   -0.653  -13.322 1.00 7.63  ? 83  GLY A O   1 
ATOM   241  N  N   . GLN A 1 29  ? 2.640   -1.769  -12.794 1.00 4.34  ? 84  GLN A N   1 
ATOM   242  C  CA  . GLN A 1 29  ? 1.997   -0.592  -12.224 1.00 4.94  ? 84  GLN A CA  1 
ATOM   243  C  C   . GLN A 1 29  ? 1.721   -0.766  -10.736 1.00 3.35  ? 84  GLN A C   1 
ATOM   244  O  O   . GLN A 1 29  ? 1.913   -1.849  -10.184 1.00 6.21  ? 84  GLN A O   1 
ATOM   245  C  CB  . GLN A 1 29  ? 0.690   -0.282  -12.953 1.00 7.50  ? 84  GLN A CB  1 
ATOM   246  C  CG  . GLN A 1 29  ? 0.895   -0.165  -14.469 1.00 10.71 ? 84  GLN A CG  1 
ATOM   247  C  CD  . GLN A 1 29  ? -0.373  0.147   -15.252 1.00 10.82 ? 84  GLN A CD  1 
ATOM   248  O  OE1 . GLN A 1 29  ? -1.456  0.346   -14.699 1.00 7.04  ? 84  GLN A OE1 1 
ATOM   249  N  NE2 . GLN A 1 29  ? -0.227  0.211   -16.570 1.00 15.86 ? 84  GLN A NE2 1 
ATOM   250  N  N   . GLY A 1 30  ? 1.280   0.321   -10.108 1.00 3.71  ? 85  GLY A N   1 
ATOM   251  C  CA  . GLY A 1 30  ? 0.858   0.286   -8.723  1.00 3.85  ? 85  GLY A CA  1 
ATOM   252  C  C   . GLY A 1 30  ? 1.828   0.784   -7.673  1.00 3.39  ? 85  GLY A C   1 
ATOM   253  O  O   . GLY A 1 30  ? 1.515   0.702   -6.488  1.00 3.53  ? 85  GLY A O   1 
ATOM   254  N  N   . VAL A 1 31  ? 3.011   1.266   -8.073  1.00 3.35  ? 86  VAL A N   1 
ATOM   255  C  CA  . VAL A 1 31  ? 3.941   1.878   -7.117  1.00 4.46  ? 86  VAL A CA  1 
ATOM   256  C  C   . VAL A 1 31  ? 3.684   3.378   -7.082  1.00 5.73  ? 86  VAL A C   1 
ATOM   257  O  O   . VAL A 1 31  ? 3.793   4.068   -8.111  1.00 5.21  ? 86  VAL A O   1 
ATOM   258  C  CB  . VAL A 1 31  ? 5.432   1.576   -7.473  1.00 2.75  ? 86  VAL A CB  1 
ATOM   259  C  CG1 . VAL A 1 31  ? 6.357   2.185   -6.427  1.00 5.37  ? 86  VAL A CG1 1 
ATOM   260  C  CG2 . VAL A 1 31  ? 5.653   0.073   -7.591  1.00 4.41  ? 86  VAL A CG2 1 
ATOM   261  N  N   . PRO A 1 32  ? 3.303   3.895   -5.908  1.00 5.89  ? 87  PRO A N   1 
ATOM   262  C  CA  . PRO A 1 32  ? 2.942   5.314   -5.818  1.00 6.47  ? 87  PRO A CA  1 
ATOM   263  C  C   . PRO A 1 32  ? 4.162   6.192   -6.049  1.00 7.75  ? 87  PRO A C   1 
ATOM   264  O  O   . PRO A 1 32  ? 5.301   5.731   -5.871  1.00 5.38  ? 87  PRO A O   1 
ATOM   265  C  CB  . PRO A 1 32  ? 2.375   5.469   -4.390  1.00 8.55  ? 87  PRO A CB  1 
ATOM   266  C  CG  . PRO A 1 32  ? 2.823   4.236   -3.637  1.00 7.22  ? 87  PRO A CG  1 
ATOM   267  C  CD  . PRO A 1 32  ? 3.113   3.160   -4.635  1.00 3.77  ? 87  PRO A CD  1 
ATOM   268  N  N   . ILE A 1 33  ? 3.924   7.430   -6.479  1.00 7.05  ? 88  ILE A N   1 
ATOM   269  C  CA  . ILE A 1 33  ? 5.003   8.322   -6.872  1.00 10.52 ? 88  ILE A CA  1 
ATOM   270  C  C   . ILE A 1 33  ? 5.616   9.068   -5.688  1.00 7.34  ? 88  ILE A C   1 
ATOM   271  O  O   . ILE A 1 33  ? 4.920   9.723   -4.903  1.00 11.44 ? 88  ILE A O   1 
ATOM   272  C  CB  . ILE A 1 33  ? 4.533   9.351   -7.919  1.00 10.84 ? 88  ILE A CB  1 
ATOM   273  C  CG1 . ILE A 1 33  ? 4.064   8.654   -9.189  1.00 11.21 ? 88  ILE A CG1 1 
ATOM   274  C  CG2 . ILE A 1 33  ? 5.673   10.312  -8.262  1.00 13.32 ? 88  ILE A CG2 1 
ATOM   275  C  CD1 . ILE A 1 33  ? 3.187   9.557   -10.076 1.00 9.87  ? 88  ILE A CD1 1 
ATOM   276  N  N   . ALA A 1 34  ? 6.934   8.965   -5.569  1.00 15.09 ? 89  ALA A N   1 
ATOM   277  C  CA  . ALA A 1 34  ? 7.661   9.761   -4.593  1.00 17.59 ? 89  ALA A CA  1 
ATOM   278  C  C   . ALA A 1 34  ? 8.721   10.550  -5.344  1.00 15.30 ? 89  ALA A C   1 
ATOM   279  O  O   . ALA A 1 34  ? 9.425   9.992   -6.175  1.00 15.93 ? 89  ALA A O   1 
ATOM   280  C  CB  . ALA A 1 34  ? 8.306   8.850   -3.540  1.00 17.57 ? 89  ALA A CB  1 
ATOM   281  N  N   . PRO A 1 35  ? 8.835   11.855  -5.045  1.00 19.38 ? 90  PRO A N   1 
ATOM   282  C  CA  . PRO A 1 35  ? 9.805   12.732  -5.710  1.00 20.37 ? 90  PRO A CA  1 
ATOM   283  C  C   . PRO A 1 35  ? 11.203  12.131  -5.684  1.00 16.70 ? 90  PRO A C   1 
ATOM   284  O  O   . PRO A 1 35  ? 11.703  11.760  -4.616  1.00 21.04 ? 90  PRO A O   1 
ATOM   285  C  CB  . PRO A 1 35  ? 9.763   14.012  -4.859  1.00 20.00 ? 90  PRO A CB  1 
ATOM   286  C  CG  . PRO A 1 35  ? 9.116   13.608  -3.547  1.00 27.46 ? 90  PRO A CG  1 
ATOM   287  C  CD  . PRO A 1 35  ? 8.129   12.548  -3.952  1.00 19.82 ? 90  PRO A CD  1 
ATOM   288  N  N   . GLY A 1 36  ? 11.798  11.968  -6.861  1.00 22.02 ? 91  GLY A N   1 
ATOM   289  C  CA  . GLY A 1 36  ? 13.192  11.583  -6.948  1.00 22.55 ? 91  GLY A CA  1 
ATOM   290  C  C   . GLY A 1 36  ? 13.555  10.125  -6.724  1.00 25.68 ? 91  GLY A C   1 
ATOM   291  O  O   . GLY A 1 36  ? 14.723  9.750   -6.860  1.00 25.97 ? 91  GLY A O   1 
ATOM   292  N  N   . VAL A 1 37  ? 12.581  9.296   -6.367  1.00 19.14 ? 92  VAL A N   1 
ATOM   293  C  CA  . VAL A 1 37  ? 12.844  7.870   -6.235  1.00 19.65 ? 92  VAL A CA  1 
ATOM   294  C  C   . VAL A 1 37  ? 13.076  7.299   -7.637  1.00 19.04 ? 92  VAL A C   1 
ATOM   295  O  O   . VAL A 1 37  ? 12.280  7.530   -8.546  1.00 19.07 ? 92  VAL A O   1 
ATOM   296  C  CB  . VAL A 1 37  ? 11.673  7.165   -5.503  1.00 18.19 ? 92  VAL A CB  1 
ATOM   297  C  CG1 . VAL A 1 37  ? 11.806  5.652   -5.579  1.00 17.16 ? 92  VAL A CG1 1 
ATOM   298  C  CG2 . VAL A 1 37  ? 11.638  7.621   -4.058  1.00 17.93 ? 92  VAL A CG2 1 
ATOM   299  N  N   . PRO A 1 38  ? 14.200  6.602   -7.832  1.00 18.88 ? 93  PRO A N   1 
ATOM   300  C  CA  . PRO A 1 38  ? 14.518  6.041   -9.150  1.00 18.87 ? 93  PRO A CA  1 
ATOM   301  C  C   . PRO A 1 38  ? 13.631  4.847   -9.446  1.00 16.80 ? 93  PRO A C   1 
ATOM   302  O  O   . PRO A 1 38  ? 13.263  4.143   -8.509  1.00 14.74 ? 93  PRO A O   1 
ATOM   303  C  CB  . PRO A 1 38  ? 15.972  5.575   -8.983  1.00 22.33 ? 93  PRO A CB  1 
ATOM   304  C  CG  . PRO A 1 38  ? 16.496  6.374   -7.797  1.00 20.67 ? 93  PRO A CG  1 
ATOM   305  C  CD  . PRO A 1 38  ? 15.319  6.461   -6.887  1.00 16.13 ? 93  PRO A CD  1 
ATOM   306  N  N   . ALA A 1 39  ? 13.305  4.606   -10.710 1.00 16.68 ? 94  ALA A N   1 
ATOM   307  C  CA  . ALA A 1 39  ? 12.387  3.522   -11.060 1.00 14.32 ? 94  ALA A CA  1 
ATOM   308  C  C   . ALA A 1 39  ? 12.930  2.143   -10.695 1.00 11.55 ? 94  ALA A C   1 
ATOM   309  O  O   . ALA A 1 39  ? 12.169  1.202   -10.485 1.00 9.73  ? 94  ALA A O   1 
ATOM   310  C  CB  . ALA A 1 39  ? 12.017  3.592   -12.552 1.00 16.83 ? 94  ALA A CB  1 
ATOM   311  N  N   . THR A 1 40  ? 14.248  2.014   -10.606 1.00 11.88 ? 95  THR A N   1 
ATOM   312  C  CA  . THR A 1 40  ? 14.838  0.743   -10.199 1.00 16.32 ? 95  THR A CA  1 
ATOM   313  C  C   . THR A 1 40  ? 14.473  0.399   -8.763  1.00 11.53 ? 95  THR A C   1 
ATOM   314  O  O   . THR A 1 40  ? 14.494  -0.771  -8.385  1.00 13.36 ? 95  THR A O   1 
ATOM   315  C  CB  . THR A 1 40  ? 16.366  0.728   -10.363 1.00 17.00 ? 95  THR A CB  1 
ATOM   316  O  OG1 . THR A 1 40  ? 16.934  1.870   -9.711  1.00 16.71 ? 95  THR A OG1 1 
ATOM   317  C  CG2 . THR A 1 40  ? 16.736  0.741   -11.846 1.00 11.15 ? 95  THR A CG2 1 
ATOM   318  N  N   . GLU A 1 41  ? 14.132  1.415   -7.972  1.00 10.97 ? 96  GLU A N   1 
ATOM   319  C  CA  . GLU A 1 41  ? 13.743  1.205   -6.572  1.00 14.28 ? 96  GLU A CA  1 
ATOM   320  C  C   . GLU A 1 41  ? 12.227  1.099   -6.370  1.00 11.24 ? 96  GLU A C   1 
ATOM   321  O  O   . GLU A 1 41  ? 11.770  0.919   -5.248  1.00 11.90 ? 96  GLU A O   1 
ATOM   322  C  CB  . GLU A 1 41  ? 14.283  2.327   -5.681  1.00 16.48 ? 96  GLU A CB  1 
ATOM   323  C  CG  . GLU A 1 41  ? 15.781  2.551   -5.816  1.00 19.59 ? 96  GLU A CG  1 
ATOM   324  C  CD  . GLU A 1 41  ? 16.552  1.265   -5.671  1.00 23.63 ? 96  GLU A CD  1 
ATOM   325  O  OE1 . GLU A 1 41  ? 16.382  0.614   -4.622  1.00 26.10 ? 96  GLU A OE1 1 
ATOM   326  O  OE2 . GLU A 1 41  ? 17.312  0.901   -6.604  1.00 31.61 ? 96  GLU A OE2 1 
ATOM   327  N  N   . ALA A 1 42  ? 11.456  1.219   -7.448  1.00 9.77  ? 97  ALA A N   1 
ATOM   328  C  CA  . ALA A 1 42  ? 9.998   1.217   -7.341  1.00 6.00  ? 97  ALA A CA  1 
ATOM   329  C  C   . ALA A 1 42  ? 9.486   -0.220  -7.307  1.00 5.93  ? 97  ALA A C   1 
ATOM   330  O  O   . ALA A 1 42  ? 9.070   -0.781  -8.321  1.00 6.71  ? 97  ALA A O   1 
ATOM   331  C  CB  . ALA A 1 42  ? 9.364   1.999   -8.489  1.00 6.85  ? 97  ALA A CB  1 
ATOM   332  N  N   . LYS A 1 43  ? 9.495   -0.806  -6.109  1.00 7.64  ? 98  LYS A N   1 
ATOM   333  C  CA  . LYS A 1 43  ? 9.128   -2.202  -5.933  1.00 6.22  ? 98  LYS A CA  1 
ATOM   334  C  C   . LYS A 1 43  ? 8.694   -2.401  -4.486  1.00 6.69  ? 98  LYS A C   1 
ATOM   335  O  O   . LYS A 1 43  ? 9.300   -1.865  -3.579  1.00 7.26  ? 98  LYS A O   1 
ATOM   336  C  CB  . LYS A 1 43  ? 10.341  -3.099  -6.217  1.00 7.37  ? 98  LYS A CB  1 
ATOM   337  C  CG  . LYS A 1 43  ? 11.645  -2.518  -5.690  1.00 8.19  ? 98  LYS A CG  1 
ATOM   338  C  CD  . LYS A 1 43  ? 12.827  -3.467  -5.915  1.00 13.45 ? 98  LYS A CD  1 
ATOM   339  C  CE  . LYS A 1 43  ? 14.164  -2.798  -5.536  1.00 15.33 ? 98  LYS A CE  1 
ATOM   340  N  NZ  . LYS A 1 43  ? 15.316  -3.719  -5.766  1.00 14.89 ? 98  LYS A NZ  1 
ATOM   341  N  N   . GLY A 1 44  ? 7.649   -3.184  -4.274  1.00 5.60  ? 99  GLY A N   1 
ATOM   342  C  CA  . GLY A 1 44  ? 7.147   -3.354  -2.920  1.00 4.33  ? 99  GLY A CA  1 
ATOM   343  C  C   . GLY A 1 44  ? 5.813   -4.040  -2.881  1.00 4.76  ? 99  GLY A C   1 
ATOM   344  O  O   . GLY A 1 44  ? 5.487   -4.857  -3.740  1.00 5.73  ? 99  GLY A O   1 
ATOM   345  N  N   . TYR A 1 45  ? 5.006   -3.712  -1.876  1.00 4.85  ? 100 TYR A N   1 
ATOM   346  C  CA  . TYR A 1 45  ? 3.693   -4.358  -1.771  1.00 3.52  ? 100 TYR A CA  1 
ATOM   347  C  C   . TYR A 1 45  ? 2.714   -3.459  -1.057  1.00 4.48  ? 100 TYR A C   1 
ATOM   348  O  O   . TYR A 1 45  ? 3.113   -2.609  -0.248  1.00 5.62  ? 100 TYR A O   1 
ATOM   349  C  CB  . TYR A 1 45  ? 3.785   -5.688  -0.996  1.00 3.48  ? 100 TYR A CB  1 
ATOM   350  C  CG  . TYR A 1 45  ? 4.330   -5.518  0.421   1.00 5.06  ? 100 TYR A CG  1 
ATOM   351  C  CD1 . TYR A 1 45  ? 5.687   -5.404  0.648   1.00 4.78  ? 100 TYR A CD1 1 
ATOM   352  C  CD2 . TYR A 1 45  ? 3.474   -5.453  1.534   1.00 5.41  ? 100 TYR A CD2 1 
ATOM   353  C  CE1 . TYR A 1 45  ? 6.202   -5.231  1.918   1.00 6.30  ? 100 TYR A CE1 1 
ATOM   354  C  CE2 . TYR A 1 45  ? 4.000   -5.288  2.834   1.00 4.80  ? 100 TYR A CE2 1 
ATOM   355  C  CZ  . TYR A 1 45  ? 5.360   -5.173  3.006   1.00 7.72  ? 100 TYR A CZ  1 
ATOM   356  O  OH  . TYR A 1 45  ? 5.924   -4.996  4.247   1.00 8.74  ? 100 TYR A OH  1 
ATOM   357  N  N   . TRP A 1 46  ? 1.437   -3.657  -1.378  1.00 3.67  ? 101 TRP A N   1 
ATOM   358  C  CA  . TRP A 1 46  ? 0.352   -3.050  -0.634  1.00 3.75  ? 101 TRP A CA  1 
ATOM   359  C  C   . TRP A 1 46  ? -0.041  -4.065  0.433   1.00 4.76  ? 101 TRP A C   1 
ATOM   360  O  O   . TRP A 1 46  ? -0.124  -5.262  0.157   1.00 4.54  ? 101 TRP A O   1 
ATOM   361  C  CB  . TRP A 1 46  ? -0.809  -2.749  -1.573  1.00 4.73  ? 101 TRP A CB  1 
ATOM   362  C  CG  . TRP A 1 46  ? -0.505  -1.592  -2.488  1.00 5.20  ? 101 TRP A CG  1 
ATOM   363  C  CD1 . TRP A 1 46  ? 0.006   -1.663  -3.746  1.00 4.34  ? 101 TRP A CD1 1 
ATOM   364  C  CD2 . TRP A 1 46  ? -0.680  -0.214  -2.204  1.00 5.27  ? 101 TRP A CD2 1 
ATOM   365  N  NE1 . TRP A 1 46  ? 0.162   -0.400  -4.271  1.00 3.79  ? 101 TRP A NE1 1 
ATOM   366  C  CE2 . TRP A 1 46  ? -0.266  0.508   -3.338  1.00 3.66  ? 101 TRP A CE2 1 
ATOM   367  C  CE3 . TRP A 1 46  ? -1.148  0.494   -1.096  1.00 5.17  ? 101 TRP A CE3 1 
ATOM   368  C  CZ2 . TRP A 1 46  ? -0.297  1.895   -3.387  1.00 3.99  ? 101 TRP A CZ2 1 
ATOM   369  C  CZ3 . TRP A 1 46  ? -1.186  1.875   -1.152  1.00 4.02  ? 101 TRP A CZ3 1 
ATOM   370  C  CH2 . TRP A 1 46  ? -0.764  2.559   -2.282  1.00 5.54  ? 101 TRP A CH2 1 
ATOM   371  N  N   . TYR A 1 47  ? -0.287  -3.582  1.657   1.00 3.66  ? 102 TYR A N   1 
ATOM   372  C  CA  . TYR A 1 47  ? -0.633  -4.430  2.793   1.00 5.47  ? 102 TYR A CA  1 
ATOM   373  C  C   . TYR A 1 47  ? -2.030  -4.074  3.264   1.00 7.42  ? 102 TYR A C   1 
ATOM   374  O  O   . TYR A 1 47  ? -2.341  -2.895  3.470   1.00 6.78  ? 102 TYR A O   1 
ATOM   375  C  CB  . TYR A 1 47  ? 0.361   -4.193  3.921   1.00 4.34  ? 102 TYR A CB  1 
ATOM   376  C  CG  . TYR A 1 47  ? 0.058   -4.990  5.155   1.00 9.52  ? 102 TYR A CG  1 
ATOM   377  C  CD1 . TYR A 1 47  ? 0.072   -6.378  5.119   1.00 13.68 ? 102 TYR A CD1 1 
ATOM   378  C  CD2 . TYR A 1 47  ? -0.231  -4.362  6.350   1.00 18.22 ? 102 TYR A CD2 1 
ATOM   379  C  CE1 . TYR A 1 47  ? -0.195  -7.118  6.248   1.00 20.48 ? 102 TYR A CE1 1 
ATOM   380  C  CE2 . TYR A 1 47  ? -0.506  -5.102  7.489   1.00 17.92 ? 102 TYR A CE2 1 
ATOM   381  C  CZ  . TYR A 1 47  ? -0.480  -6.468  7.428   1.00 19.44 ? 102 TYR A CZ  1 
ATOM   382  O  OH  . TYR A 1 47  ? -0.753  -7.218  8.551   1.00 29.29 ? 102 TYR A OH  1 
ATOM   383  N  N   . ARG A 1 48  ? -2.885  -5.083  3.390   1.00 6.01  ? 103 ARG A N   1 
ATOM   384  C  CA  . ARG A 1 48  ? -4.272  -4.855  3.754   1.00 6.72  ? 103 ARG A CA  1 
ATOM   385  C  C   . ARG A 1 48  ? -4.418  -4.696  5.269   1.00 10.32 ? 103 ARG A C   1 
ATOM   386  O  O   . ARG A 1 48  ? -3.978  -5.558  6.025   1.00 10.83 ? 103 ARG A O   1 
ATOM   387  C  CB  . ARG A 1 48  ? -5.130  -6.030  3.281   1.00 7.20  ? 103 ARG A CB  1 
ATOM   388  C  CG  . ARG A 1 48  ? -6.630  -5.786  3.470   1.00 8.54  ? 103 ARG A CG  1 
ATOM   389  C  CD  . ARG A 1 48  ? -7.462  -6.953  2.972   1.00 7.75  ? 103 ARG A CD  1 
ATOM   390  N  NE  . ARG A 1 48  ? -6.981  -8.239  3.457   1.00 10.67 ? 103 ARG A NE  1 
ATOM   391  C  CZ  . ARG A 1 48  ? -7.197  -9.386  2.815   1.00 12.15 ? 103 ARG A CZ  1 
ATOM   392  N  NH1 . ARG A 1 48  ? -7.873  -9.378  1.685   1.00 15.83 ? 103 ARG A NH1 1 
ATOM   393  N  NH2 . ARG A 1 48  ? -6.733  -10.529 3.291   1.00 13.37 ? 103 ARG A NH2 1 
ATOM   394  N  N   . HIS A 1 49  ? -5.024  -3.594  5.698   1.00 8.31  ? 104 HIS A N   1 
ATOM   395  C  CA  . HIS A 1 49  ? -5.409  -3.445  7.087   1.00 10.09 ? 104 HIS A CA  1 
ATOM   396  C  C   . HIS A 1 49  ? -6.913  -3.700  7.226   1.00 10.63 ? 104 HIS A C   1 
ATOM   397  O  O   . HIS A 1 49  ? -7.725  -2.896  6.750   1.00 9.87  ? 104 HIS A O   1 
ATOM   398  C  CB  . HIS A 1 49  ? -5.084  -2.045  7.578   1.00 11.18 ? 104 HIS A CB  1 
ATOM   399  C  CG  . HIS A 1 49  ? -5.398  -1.854  9.027   1.00 18.98 ? 104 HIS A CG  1 
ATOM   400  N  ND1 . HIS A 1 49  ? -5.871  -0.664  9.536   1.00 28.29 ? 104 HIS A ND1 1 
ATOM   401  C  CD2 . HIS A 1 49  ? -5.323  -2.710  10.072  1.00 21.51 ? 104 HIS A CD2 1 
ATOM   402  C  CE1 . HIS A 1 49  ? -6.059  -0.791  10.837  1.00 19.66 ? 104 HIS A CE1 1 
ATOM   403  N  NE2 . HIS A 1 49  ? -5.736  -2.026  11.187  1.00 21.10 ? 104 HIS A NE2 1 
ATOM   404  N  N   . ASN A 1 50  ? -7.277  -4.814  7.870   1.00 8.91  ? 105 ASN A N   1 
ATOM   405  C  CA  . ASN A 1 50  ? -8.676  -5.138  8.143   1.00 11.19 ? 105 ASN A CA  1 
ATOM   406  C  C   . ASN A 1 50  ? -9.098  -4.370  9.388   1.00 16.67 ? 105 ASN A C   1 
ATOM   407  O  O   . ASN A 1 50  ? -8.329  -4.313  10.356  1.00 15.79 ? 105 ASN A O   1 
ATOM   408  C  CB  . ASN A 1 50  ? -8.813  -6.644  8.381   1.00 11.73 ? 105 ASN A CB  1 
ATOM   409  C  CG  . ASN A 1 50  ? -8.576  -7.456  7.121   1.00 11.44 ? 105 ASN A CG  1 
ATOM   410  O  OD1 . ASN A 1 50  ? -9.182  -7.192  6.088   1.00 16.57 ? 105 ASN A OD1 1 
ATOM   411  N  ND2 . ASN A 1 50  ? -7.697  -8.443  7.201   1.00 13.42 ? 105 ASN A ND2 1 
ATOM   412  N  N   . ARG A 1 51  ? -10.304 -3.798  9.383   1.00 19.91 ? 106 ARG A N   1 
ATOM   413  C  CA  . ARG A 1 51  ? -10.621 -2.709  10.326  1.00 28.71 ? 106 ARG A CA  1 
ATOM   414  C  C   . ARG A 1 51  ? -11.535 -2.962  11.550  1.00 32.50 ? 106 ARG A C   1 
ATOM   415  O  O   . ARG A 1 51  ? -11.249 -2.446  12.635  1.00 41.73 ? 106 ARG A O   1 
ATOM   416  C  CB  . ARG A 1 51  ? -11.047 -1.445  9.567   1.00 26.87 ? 106 ARG A CB  1 
ATOM   417  C  CG  . ARG A 1 51  ? -9.863  -0.566  9.107   1.00 24.80 ? 106 ARG A CG  1 
ATOM   418  C  CD  . ARG A 1 51  ? -10.226 0.306   7.900   1.00 19.91 ? 106 ARG A CD  1 
ATOM   419  N  NE  . ARG A 1 51  ? -10.678 1.645   8.266   1.00 37.19 ? 106 ARG A NE  1 
ATOM   420  C  CZ  . ARG A 1 51  ? -11.521 2.374   7.542   1.00 27.25 ? 106 ARG A CZ  1 
ATOM   421  N  NH1 . ARG A 1 51  ? -12.013 1.894   6.407   1.00 23.15 ? 106 ARG A NH1 1 
ATOM   422  N  NH2 . ARG A 1 51  ? -11.875 3.580   7.954   1.00 34.04 ? 106 ARG A NH2 1 
ATOM   423  N  N   . ARG A 1 52  ? -12.607 -3.737  11.392  1.00 31.21 ? 107 ARG A N   1 
ATOM   424  C  CA  . ARG A 1 52  ? -13.597 -3.965  12.483  1.00 33.16 ? 107 ARG A CA  1 
ATOM   425  C  C   . ARG A 1 52  ? -14.309 -2.712  13.038  1.00 36.90 ? 107 ARG A C   1 
ATOM   426  O  O   . ARG A 1 52  ? -13.702 -1.659  13.231  1.00 35.23 ? 107 ARG A O   1 
ATOM   427  C  CB  . ARG A 1 52  ? -13.010 -4.781  13.656  1.00 37.96 ? 107 ARG A CB  1 
ATOM   428  C  CG  . ARG A 1 52  ? -13.685 -6.152  13.872  1.00 31.44 ? 107 ARG A CG  1 
ATOM   429  C  CD  . ARG A 1 52  ? -13.695 -6.622  15.343  1.00 29.40 ? 107 ARG A CD  1 
ATOM   430  N  NE  . ARG A 1 52  ? -15.025 -6.464  15.942  1.00 31.98 ? 107 ARG A NE  1 
ATOM   431  C  CZ  . ARG A 1 52  ? -15.624 -7.336  16.760  1.00 23.04 ? 107 ARG A CZ  1 
ATOM   432  N  NH1 . ARG A 1 52  ? -15.030 -8.475  17.130  1.00 16.02 ? 107 ARG A NH1 1 
ATOM   433  N  NH2 . ARG A 1 52  ? -16.835 -7.058  17.219  1.00 22.32 ? 107 ARG A NH2 1 
ATOM   434  N  N   . SER A 1 53  ? -15.601 -2.856  13.318  1.00 36.99 ? 108 SER A N   1 
ATOM   435  C  CA  . SER A 1 53  ? -16.398 -1.776  13.893  1.00 40.97 ? 108 SER A CA  1 
ATOM   436  C  C   . SER A 1 53  ? -17.235 -2.327  15.043  1.00 41.09 ? 108 SER A C   1 
ATOM   437  O  O   . SER A 1 53  ? -17.801 -3.420  14.936  1.00 37.37 ? 108 SER A O   1 
ATOM   438  C  CB  . SER A 1 53  ? -17.309 -1.150  12.827  1.00 45.70 ? 108 SER A CB  1 
ATOM   439  O  OG  . SER A 1 53  ? -18.292 -2.071  12.364  1.00 52.18 ? 108 SER A OG  1 
ATOM   440  N  N   . PHE A 1 54  ? -17.309 -1.580  16.144  1.00 39.83 ? 109 PHE A N   1 
ATOM   441  C  CA  . PHE A 1 54  ? -18.086 -2.030  17.301  1.00 32.46 ? 109 PHE A CA  1 
ATOM   442  C  C   . PHE A 1 54  ? -19.578 -2.153  16.992  1.00 32.21 ? 109 PHE A C   1 
ATOM   443  O  O   . PHE A 1 54  ? -20.102 -1.485  16.099  1.00 32.67 ? 109 PHE A O   1 
ATOM   444  C  CB  . PHE A 1 54  ? -17.847 -1.144  18.530  1.00 32.45 ? 109 PHE A CB  1 
ATOM   445  C  CG  . PHE A 1 54  ? -18.208 0.307   18.330  1.00 36.03 ? 109 PHE A CG  1 
ATOM   446  C  CD1 . PHE A 1 54  ? -19.536 0.714   18.265  1.00 32.11 ? 109 PHE A CD1 1 
ATOM   447  C  CD2 . PHE A 1 54  ? -17.214 1.270   18.253  1.00 40.86 ? 109 PHE A CD2 1 
ATOM   448  C  CE1 . PHE A 1 54  ? -19.862 2.048   18.101  1.00 31.53 ? 109 PHE A CE1 1 
ATOM   449  C  CE2 . PHE A 1 54  ? -17.535 2.605   18.086  1.00 37.01 ? 109 PHE A CE2 1 
ATOM   450  C  CZ  . PHE A 1 54  ? -18.859 2.995   18.013  1.00 32.73 ? 109 PHE A CZ  1 
ATOM   451  N  N   . LYS A 1 55  ? -20.249 -3.020  17.738  1.00 26.28 ? 110 LYS A N   1 
ATOM   452  C  CA  . LYS A 1 55  ? -21.671 -3.244  17.561  1.00 28.56 ? 110 LYS A CA  1 
ATOM   453  C  C   . LYS A 1 55  ? -22.437 -2.064  18.146  1.00 29.76 ? 110 LYS A C   1 
ATOM   454  O  O   . LYS A 1 55  ? -22.111 -1.577  19.231  1.00 20.35 ? 110 LYS A O   1 
ATOM   455  C  CB  . LYS A 1 55  ? -22.078 -4.525  18.281  1.00 30.20 ? 110 LYS A CB  1 
ATOM   456  C  CG  . LYS A 1 55  ? -23.406 -5.113  17.850  1.00 35.81 ? 110 LYS A CG  1 
ATOM   457  C  CD  . LYS A 1 55  ? -23.771 -6.258  18.790  1.00 26.34 ? 110 LYS A CD  1 
ATOM   458  C  CE  . LYS A 1 55  ? -24.506 -7.375  18.071  1.00 29.86 ? 110 LYS A CE  1 
ATOM   459  N  NZ  . LYS A 1 55  ? -25.032 -8.362  19.041  1.00 24.52 ? 110 LYS A NZ  1 
ATOM   460  N  N   . THR A 1 56  ? -23.445 -1.597  17.415  1.00 29.86 ? 111 THR A N   1 
ATOM   461  C  CA  . THR A 1 56  ? -24.339 -0.549  17.901  1.00 31.50 ? 111 THR A CA  1 
ATOM   462  C  C   . THR A 1 56  ? -25.750 -1.110  17.979  1.00 36.85 ? 111 THR A C   1 
ATOM   463  O  O   . THR A 1 56  ? -25.942 -2.332  17.987  1.00 35.93 ? 111 THR A O   1 
ATOM   464  C  CB  . THR A 1 56  ? -24.385 0.653   16.934  1.00 39.25 ? 111 THR A CB  1 
ATOM   465  O  OG1 . THR A 1 56  ? -24.409 0.181   15.578  1.00 38.41 ? 111 THR A OG1 1 
ATOM   466  C  CG2 . THR A 1 56  ? -23.191 1.588   17.139  1.00 32.13 ? 111 THR A CG2 1 
ATOM   467  N  N   . ALA A 1 57  ? -26.732 -0.212  18.007  1.00 44.79 ? 112 ALA A N   1 
ATOM   468  C  CA  . ALA A 1 57  ? -28.129 -0.584  17.784  1.00 41.60 ? 112 ALA A CA  1 
ATOM   469  C  C   . ALA A 1 57  ? -28.699 0.133   16.552  1.00 44.40 ? 112 ALA A C   1 
ATOM   470  O  O   . ALA A 1 57  ? -29.910 0.290   16.420  1.00 37.98 ? 112 ALA A O   1 
ATOM   471  C  CB  . ALA A 1 57  ? -28.974 -0.295  19.024  1.00 35.00 ? 112 ALA A CB  1 
ATOM   472  N  N   . ASP A 1 58  ? -27.825 0.564   15.647  1.00 49.84 ? 113 ASP A N   1 
ATOM   473  C  CA  . ASP A 1 58  ? -28.277 1.177   14.398  1.00 55.07 ? 113 ASP A CA  1 
ATOM   474  C  C   . ASP A 1 58  ? -28.453 0.105   13.322  1.00 60.57 ? 113 ASP A C   1 
ATOM   475  O  O   . ASP A 1 58  ? -29.380 -0.708  13.375  1.00 60.03 ? 113 ASP A O   1 
ATOM   476  C  CB  . ASP A 1 58  ? -27.279 2.230   13.905  1.00 52.53 ? 113 ASP A CB  1 
ATOM   477  C  CG  . ASP A 1 58  ? -26.974 3.291   14.945  1.00 47.06 ? 113 ASP A CG  1 
ATOM   478  O  OD1 . ASP A 1 58  ? -27.786 4.228   15.099  1.00 44.94 ? 113 ASP A OD1 1 
ATOM   479  O  OD2 . ASP A 1 58  ? -25.909 3.202   15.595  1.00 48.43 ? 113 ASP A OD2 1 
ATOM   480  N  N   . GLY A 1 59  ? -27.549 0.108   12.346  1.00 64.13 ? 114 GLY A N   1 
ATOM   481  C  CA  . GLY A 1 59  ? -27.552 -0.894  11.297  1.00 64.16 ? 114 GLY A CA  1 
ATOM   482  C  C   . GLY A 1 59  ? -26.598 -2.034  11.599  1.00 68.84 ? 114 GLY A C   1 
ATOM   483  O  O   . GLY A 1 59  ? -26.601 -3.052  10.903  1.00 69.22 ? 114 GLY A O   1 
ATOM   484  N  N   . ASN A 1 60  ? -25.778 -1.846  12.633  1.00 70.94 ? 115 ASN A N   1 
ATOM   485  C  CA  . ASN A 1 60  ? -24.874 -2.875  13.156  1.00 70.94 ? 115 ASN A CA  1 
ATOM   486  C  C   . ASN A 1 60  ? -23.723 -3.244  12.215  1.00 74.92 ? 115 ASN A C   1 
ATOM   487  O  O   . ASN A 1 60  ? -22.595 -3.462  12.662  1.00 74.07 ? 115 ASN A O   1 
ATOM   488  C  CB  . ASN A 1 60  ? -25.654 -4.126  13.594  1.00 72.28 ? 115 ASN A CB  1 
ATOM   489  C  CG  . ASN A 1 60  ? -26.989 -3.788  14.259  1.00 72.36 ? 115 ASN A CG  1 
ATOM   490  O  OD1 . ASN A 1 60  ? -27.077 -2.867  15.078  1.00 62.88 ? 115 ASN A OD1 1 
ATOM   491  N  ND2 . ASN A 1 60  ? -28.035 -4.536  13.906  1.00 69.21 ? 115 ASN A ND2 1 
ATOM   492  N  N   . GLN A 1 63  ? -19.253 -2.820  9.465   1.00 57.95 ? 118 GLN A N   1 
ATOM   493  C  CA  . GLN A 1 63  ? -19.497 -2.157  8.188   1.00 58.78 ? 118 GLN A CA  1 
ATOM   494  C  C   . GLN A 1 63  ? -18.211 -1.562  7.597   1.00 52.02 ? 118 GLN A C   1 
ATOM   495  O  O   . GLN A 1 63  ? -18.241 -0.925  6.542   1.00 46.24 ? 118 GLN A O   1 
ATOM   496  C  CB  . GLN A 1 63  ? -20.559 -1.060  8.354   1.00 62.28 ? 118 GLN A CB  1 
ATOM   497  C  CG  . GLN A 1 63  ? -20.321 -0.141  9.550   1.00 63.04 ? 118 GLN A CG  1 
ATOM   498  C  CD  . GLN A 1 63  ? -21.286 1.034   9.602   1.00 70.23 ? 118 GLN A CD  1 
ATOM   499  O  OE1 . GLN A 1 63  ? -22.193 1.151   8.773   1.00 69.54 ? 118 GLN A OE1 1 
ATOM   500  N  NE2 . GLN A 1 63  ? -21.095 1.911   10.586  1.00 63.34 ? 118 GLN A NE2 1 
ATOM   501  N  N   . LEU A 1 64  ? -17.088 -1.785  8.280   1.00 41.95 ? 119 LEU A N   1 
ATOM   502  C  CA  . LEU A 1 64  ? -15.815 -1.150  7.933   1.00 35.55 ? 119 LEU A CA  1 
ATOM   503  C  C   . LEU A 1 64  ? -14.961 -1.950  6.950   1.00 28.21 ? 119 LEU A C   1 
ATOM   504  O  O   . LEU A 1 64  ? -14.555 -3.080  7.242   1.00 29.76 ? 119 LEU A O   1 
ATOM   505  C  CB  . LEU A 1 64  ? -14.996 -0.893  9.192   1.00 34.07 ? 119 LEU A CB  1 
ATOM   506  C  CG  . LEU A 1 64  ? -15.026 0.516   9.755   1.00 37.83 ? 119 LEU A CG  1 
ATOM   507  C  CD1 . LEU A 1 64  ? -13.996 0.641   10.867  1.00 32.66 ? 119 LEU A CD1 1 
ATOM   508  C  CD2 . LEU A 1 64  ? -14.761 1.527   8.661   1.00 34.79 ? 119 LEU A CD2 1 
ATOM   509  N  N   . LEU A 1 65  ? -14.657 -1.333  5.812   1.00 24.95 ? 120 LEU A N   1 
ATOM   510  C  CA  . LEU A 1 65  ? -13.938 -1.998  4.728   1.00 22.76 ? 120 LEU A CA  1 
ATOM   511  C  C   . LEU A 1 65  ? -12.416 -1.826  4.827   1.00 17.77 ? 120 LEU A C   1 
ATOM   512  O  O   . LEU A 1 65  ? -11.930 -0.888  5.471   1.00 19.03 ? 120 LEU A O   1 
ATOM   513  C  CB  . LEU A 1 65  ? -14.469 -1.511  3.381   1.00 21.91 ? 120 LEU A CB  1 
ATOM   514  C  CG  . LEU A 1 65  ? -15.927 -1.887  3.132   1.00 28.65 ? 120 LEU A CG  1 
ATOM   515  C  CD1 . LEU A 1 65  ? -16.442 -1.298  1.841   1.00 24.15 ? 120 LEU A CD1 1 
ATOM   516  C  CD2 . LEU A 1 65  ? -16.030 -3.391  3.088   1.00 28.74 ? 120 LEU A CD2 1 
ATOM   517  N  N   . PRO A 1 66  ? -11.656 -2.761  4.222   1.00 15.31 ? 121 PRO A N   1 
ATOM   518  C  CA  . PRO A 1 66  ? -10.195 -2.711  4.378   1.00 14.58 ? 121 PRO A CA  1 
ATOM   519  C  C   . PRO A 1 66  ? -9.564  -1.473  3.748   1.00 14.80 ? 121 PRO A C   1 
ATOM   520  O  O   . PRO A 1 66  ? -10.136 -0.890  2.820   1.00 14.21 ? 121 PRO A O   1 
ATOM   521  C  CB  . PRO A 1 66  ? -9.723  -3.980  3.662   1.00 11.81 ? 121 PRO A CB  1 
ATOM   522  C  CG  . PRO A 1 66  ? -10.921 -4.906  3.711   1.00 18.23 ? 121 PRO A CG  1 
ATOM   523  C  CD  . PRO A 1 66  ? -12.098 -4.005  3.562   1.00 13.82 ? 121 PRO A CD  1 
ATOM   524  N  N   . ARG A 1 67  ? -8.409  -1.085  4.285   1.00 12.23 ? 122 ARG A N   1 
ATOM   525  C  CA  . ARG A 1 67  ? -7.597  0.001   3.757   1.00 10.31 ? 122 ARG A CA  1 
ATOM   526  C  C   . ARG A 1 67  ? -6.189  -0.535  3.526   1.00 7.71  ? 122 ARG A C   1 
ATOM   527  O  O   . ARG A 1 67  ? -5.644  -1.226  4.375   1.00 7.49  ? 122 ARG A O   1 
ATOM   528  C  CB  . ARG A 1 67  ? -7.558  1.162   4.744   1.00 12.76 ? 122 ARG A CB  1 
ATOM   529  C  CG  . ARG A 1 67  ? -6.609  2.306   4.335   1.00 14.05 ? 122 ARG A CG  1 
ATOM   530  C  CD  . ARG A 1 67  ? -6.720  3.486   5.305   1.00 17.11 ? 122 ARG A CD  1 
ATOM   531  N  NE  . ARG A 1 67  ? -8.020  4.136   5.184   1.00 23.18 ? 122 ARG A NE  1 
ATOM   532  C  CZ  . ARG A 1 67  ? -8.552  4.933   6.105   1.00 25.95 ? 122 ARG A CZ  1 
ATOM   533  N  NH1 . ARG A 1 67  ? -7.897  5.190   7.227   1.00 31.89 ? 122 ARG A NH1 1 
ATOM   534  N  NH2 . ARG A 1 67  ? -9.744  5.471   5.897   1.00 23.81 ? 122 ARG A NH2 1 
ATOM   535  N  N   . TRP A 1 68  ? -5.606  -0.251  2.363   1.00 9.40  ? 123 TRP A N   1 
ATOM   536  C  CA  . TRP A 1 68  ? -4.312  -0.834  2.025   1.00 5.75  ? 123 TRP A CA  1 
ATOM   537  C  C   . TRP A 1 68  ? -3.220  0.226   2.082   1.00 6.37  ? 123 TRP A C   1 
ATOM   538  O  O   . TRP A 1 68  ? -3.456  1.370   1.716   1.00 7.11  ? 123 TRP A O   1 
ATOM   539  C  CB  . TRP A 1 68  ? -4.350  -1.421  0.613   1.00 7.06  ? 123 TRP A CB  1 
ATOM   540  C  CG  . TRP A 1 68  ? -5.289  -2.594  0.417   1.00 6.41  ? 123 TRP A CG  1 
ATOM   541  C  CD1 . TRP A 1 68  ? -6.656  -2.564  0.424   1.00 8.05  ? 123 TRP A CD1 1 
ATOM   542  C  CD2 . TRP A 1 68  ? -4.920  -3.951  0.131   1.00 6.83  ? 123 TRP A CD2 1 
ATOM   543  N  NE1 . TRP A 1 68  ? -7.161  -3.827  0.187   1.00 8.04  ? 123 TRP A NE1 1 
ATOM   544  C  CE2 . TRP A 1 68  ? -6.114  -4.693  -0.002  1.00 5.84  ? 123 TRP A CE2 1 
ATOM   545  C  CE3 . TRP A 1 68  ? -3.690  -4.617  -0.009  1.00 5.60  ? 123 TRP A CE3 1 
ATOM   546  C  CZ2 . TRP A 1 68  ? -6.117  -6.056  -0.290  1.00 8.76  ? 123 TRP A CZ2 1 
ATOM   547  C  CZ3 . TRP A 1 68  ? -3.697  -5.971  -0.291  1.00 4.68  ? 123 TRP A CZ3 1 
ATOM   548  C  CH2 . TRP A 1 68  ? -4.901  -6.678  -0.422  1.00 8.26  ? 123 TRP A CH2 1 
ATOM   549  N  N   . TYR A 1 69  ? -2.024  -0.170  2.520   1.00 6.93  ? 124 TYR A N   1 
ATOM   550  C  CA  . TYR A 1 69  ? -0.894  0.746   2.645   1.00 6.60  ? 124 TYR A CA  1 
ATOM   551  C  C   . TYR A 1 69  ? 0.327   0.201   1.910   1.00 3.73  ? 124 TYR A C   1 
ATOM   552  O  O   . TYR A 1 69  ? 0.580   -1.008  1.932   1.00 5.10  ? 124 TYR A O   1 
ATOM   553  C  CB  . TYR A 1 69  ? -0.538  0.929   4.117   1.00 6.85  ? 124 TYR A CB  1 
ATOM   554  C  CG  . TYR A 1 69  ? -1.532  1.740   4.913   1.00 8.45  ? 124 TYR A CG  1 
ATOM   555  C  CD1 . TYR A 1 69  ? -1.554  3.113   4.823   1.00 10.86 ? 124 TYR A CD1 1 
ATOM   556  C  CD2 . TYR A 1 69  ? -2.440  1.126   5.748   1.00 12.83 ? 124 TYR A CD2 1 
ATOM   557  C  CE1 . TYR A 1 69  ? -2.460  3.870   5.571   1.00 13.46 ? 124 TYR A CE1 1 
ATOM   558  C  CE2 . TYR A 1 69  ? -3.339  1.865   6.498   1.00 12.27 ? 124 TYR A CE2 1 
ATOM   559  C  CZ  . TYR A 1 69  ? -3.349  3.231   6.398   1.00 13.79 ? 124 TYR A CZ  1 
ATOM   560  O  OH  . TYR A 1 69  ? -4.256  3.945   7.151   1.00 18.15 ? 124 TYR A OH  1 
ATOM   561  N  N   . PHE A 1 70  ? 1.113   1.085   1.301   1.00 3.98  ? 125 PHE A N   1 
ATOM   562  C  CA  . PHE A 1 70  ? 2.279   0.635   0.536   1.00 3.57  ? 125 PHE A CA  1 
ATOM   563  C  C   . PHE A 1 70  ? 3.583   0.608   1.330   1.00 4.78  ? 125 PHE A C   1 
ATOM   564  O  O   . PHE A 1 70  ? 3.930   1.567   2.045   1.00 4.18  ? 125 PHE A O   1 
ATOM   565  C  CB  . PHE A 1 70  ? 2.480   1.504   -0.711  1.00 3.47  ? 125 PHE A CB  1 
ATOM   566  C  CG  . PHE A 1 70  ? 3.719   1.152   -1.501  1.00 3.76  ? 125 PHE A CG  1 
ATOM   567  C  CD1 . PHE A 1 70  ? 3.686   0.141   -2.444  1.00 4.17  ? 125 PHE A CD1 1 
ATOM   568  C  CD2 . PHE A 1 70  ? 4.912   1.840   -1.309  1.00 4.74  ? 125 PHE A CD2 1 
ATOM   569  C  CE1 . PHE A 1 70  ? 4.813   -0.205  -3.175  1.00 3.90  ? 125 PHE A CE1 1 
ATOM   570  C  CE2 . PHE A 1 70  ? 6.037   1.507   -2.039  1.00 4.56  ? 125 PHE A CE2 1 
ATOM   571  C  CZ  . PHE A 1 70  ? 5.988   0.474   -2.976  1.00 5.90  ? 125 PHE A CZ  1 
ATOM   572  N  N   . TYR A 1 71  ? 4.343   -0.460  1.120   1.00 3.96  ? 126 TYR A N   1 
ATOM   573  C  CA  . TYR A 1 71  ? 5.650   -0.621  1.716   1.00 4.64  ? 126 TYR A CA  1 
ATOM   574  C  C   . TYR A 1 71  ? 6.649   -0.994  0.640   1.00 6.07  ? 126 TYR A C   1 
ATOM   575  O  O   . TYR A 1 71  ? 6.385   -1.857  -0.188  1.00 5.44  ? 126 TYR A O   1 
ATOM   576  C  CB  . TYR A 1 71  ? 5.594   -1.714  2.785   1.00 5.65  ? 126 TYR A CB  1 
ATOM   577  C  CG  . TYR A 1 71  ? 4.733   -1.311  3.957   1.00 5.25  ? 126 TYR A CG  1 
ATOM   578  C  CD1 . TYR A 1 71  ? 5.238   -0.474  4.940   1.00 11.58 ? 126 TYR A CD1 1 
ATOM   579  C  CD2 . TYR A 1 71  ? 3.414   -1.736  4.058   1.00 5.95  ? 126 TYR A CD2 1 
ATOM   580  C  CE1 . TYR A 1 71  ? 4.472   -0.083  5.998   1.00 7.73  ? 126 TYR A CE1 1 
ATOM   581  C  CE2 . TYR A 1 71  ? 2.627   -1.330  5.124   1.00 8.37  ? 126 TYR A CE2 1 
ATOM   582  C  CZ  . TYR A 1 71  ? 3.177   -0.507  6.092   1.00 10.53 ? 126 TYR A CZ  1 
ATOM   583  O  OH  . TYR A 1 71  ? 2.413   -0.098  7.175   1.00 12.62 ? 126 TYR A OH  1 
ATOM   584  N  N   . TYR A 1 72  ? 7.792   -0.321  0.639   1.00 5.62  ? 127 TYR A N   1 
ATOM   585  C  CA  . TYR A 1 72  ? 8.889   -0.708  -0.251  1.00 7.43  ? 127 TYR A CA  1 
ATOM   586  C  C   . TYR A 1 72  ? 9.410   -2.116  0.092   1.00 10.05 ? 127 TYR A C   1 
ATOM   587  O  O   . TYR A 1 72  ? 9.372   -2.557  1.258   1.00 10.71 ? 127 TYR A O   1 
ATOM   588  C  CB  . TYR A 1 72  ? 10.007  0.324   -0.178  1.00 8.78  ? 127 TYR A CB  1 
ATOM   589  C  CG  . TYR A 1 72  ? 9.675   1.637   -0.865  1.00 8.60  ? 127 TYR A CG  1 
ATOM   590  C  CD1 . TYR A 1 72  ? 9.752   1.760   -2.252  1.00 8.21  ? 127 TYR A CD1 1 
ATOM   591  C  CD2 . TYR A 1 72  ? 9.298   2.754   -0.128  1.00 12.04 ? 127 TYR A CD2 1 
ATOM   592  C  CE1 . TYR A 1 72  ? 9.458   2.967   -2.881  1.00 9.57  ? 127 TYR A CE1 1 
ATOM   593  C  CE2 . TYR A 1 72  ? 9.007   3.966   -0.751  1.00 9.39  ? 127 TYR A CE2 1 
ATOM   594  C  CZ  . TYR A 1 72  ? 9.091   4.054   -2.129  1.00 10.48 ? 127 TYR A CZ  1 
ATOM   595  O  OH  . TYR A 1 72  ? 8.797   5.250   -2.750  1.00 11.45 ? 127 TYR A OH  1 
ATOM   596  N  N   . LEU A 1 73  ? 9.881   -2.831  -0.926  1.00 8.20  ? 128 LEU A N   1 
ATOM   597  C  CA  . LEU A 1 73  ? 10.339  -4.203  -0.747  1.00 8.85  ? 128 LEU A CA  1 
ATOM   598  C  C   . LEU A 1 73  ? 11.440  -4.248  0.306   1.00 12.14 ? 128 LEU A C   1 
ATOM   599  O  O   . LEU A 1 73  ? 12.375  -3.452  0.273   1.00 15.68 ? 128 LEU A O   1 
ATOM   600  C  CB  . LEU A 1 73  ? 10.868  -4.753  -2.065  1.00 8.24  ? 128 LEU A CB  1 
ATOM   601  C  CG  . LEU A 1 73  ? 11.301  -6.210  -2.080  1.00 11.93 ? 128 LEU A CG  1 
ATOM   602  C  CD1 . LEU A 1 73  ? 10.111  -7.091  -1.899  1.00 10.10 ? 128 LEU A CD1 1 
ATOM   603  C  CD2 . LEU A 1 73  ? 11.968  -6.513  -3.412  1.00 16.42 ? 128 LEU A CD2 1 
ATOM   604  N  N   . GLY A 1 74  ? 11.290  -5.150  1.270   1.00 19.24 ? 129 GLY A N   1 
ATOM   605  C  CA  . GLY A 1 74  ? 12.261  -5.277  2.342   1.00 17.60 ? 129 GLY A CA  1 
ATOM   606  C  C   . GLY A 1 74  ? 11.962  -4.435  3.570   1.00 18.02 ? 129 GLY A C   1 
ATOM   607  O  O   . GLY A 1 74  ? 12.800  -4.339  4.470   1.00 22.02 ? 129 GLY A O   1 
ATOM   608  N  N   . THR A 1 75  ? 10.790  -3.803  3.588   1.00 14.73 ? 130 THR A N   1 
ATOM   609  C  CA  . THR A 1 75  ? 10.348  -2.994  4.722   1.00 16.13 ? 130 THR A CA  1 
ATOM   610  C  C   . THR A 1 75  ? 8.932   -3.385  5.115   1.00 13.31 ? 130 THR A C   1 
ATOM   611  O  O   . THR A 1 75  ? 8.258   -4.142  4.404   1.00 11.98 ? 130 THR A O   1 
ATOM   612  C  CB  . THR A 1 75  ? 10.361  -1.477  4.418   1.00 13.80 ? 130 THR A CB  1 
ATOM   613  O  OG1 . THR A 1 75  ? 9.244   -1.141  3.583   1.00 12.20 ? 130 THR A OG1 1 
ATOM   614  C  CG2 . THR A 1 75  ? 11.652  -1.057  3.734   1.00 14.33 ? 130 THR A CG2 1 
ATOM   615  N  N   . GLY A 1 76  ? 8.492   -2.882  6.264   1.00 14.37 ? 131 GLY A N   1 
ATOM   616  C  CA  . GLY A 1 76  ? 7.115   -3.048  6.689   1.00 12.63 ? 131 GLY A CA  1 
ATOM   617  C  C   . GLY A 1 76  ? 6.853   -4.378  7.346   1.00 11.97 ? 131 GLY A C   1 
ATOM   618  O  O   . GLY A 1 76  ? 7.797   -5.106  7.661   1.00 15.19 ? 131 GLY A O   1 
ATOM   619  N  N   . PRO A 1 77  ? 5.572   -4.713  7.542   1.00 11.36 ? 132 PRO A N   1 
ATOM   620  C  CA  . PRO A 1 77  ? 5.164   -5.938  8.232   1.00 13.40 ? 132 PRO A CA  1 
ATOM   621  C  C   . PRO A 1 77  ? 5.509   -7.214  7.455   1.00 14.74 ? 132 PRO A C   1 
ATOM   622  O  O   . PRO A 1 77  ? 5.514   -8.288  8.046   1.00 17.15 ? 132 PRO A O   1 
ATOM   623  C  CB  . PRO A 1 77  ? 3.645   -5.785  8.355   1.00 15.49 ? 132 PRO A CB  1 
ATOM   624  C  CG  . PRO A 1 77  ? 3.255   -4.814  7.293   1.00 13.83 ? 132 PRO A CG  1 
ATOM   625  C  CD  . PRO A 1 77  ? 4.422   -3.882  7.148   1.00 10.89 ? 132 PRO A CD  1 
ATOM   626  N  N   . HIS A 1 78  ? 5.776   -7.105  6.156   1.00 12.33 ? 133 HIS A N   1 
ATOM   627  C  CA  . HIS A 1 78  ? 6.178   -8.268  5.367   1.00 13.99 ? 133 HIS A CA  1 
ATOM   628  C  C   . HIS A 1 78  ? 7.558   -8.082  4.728   1.00 12.17 ? 133 HIS A C   1 
ATOM   629  O  O   . HIS A 1 78  ? 7.816   -8.511  3.591   1.00 15.52 ? 133 HIS A O   1 
ATOM   630  C  CB  . HIS A 1 78  ? 5.104   -8.621  4.343   1.00 13.02 ? 133 HIS A CB  1 
ATOM   631  C  CG  . HIS A 1 78  ? 3.894   -9.264  4.951   1.00 15.35 ? 133 HIS A CG  1 
ATOM   632  N  ND1 . HIS A 1 78  ? 3.870   -10.595 5.319   1.00 16.76 ? 133 HIS A ND1 1 
ATOM   633  C  CD2 . HIS A 1 78  ? 2.681   -8.763  5.273   1.00 17.25 ? 133 HIS A CD2 1 
ATOM   634  C  CE1 . HIS A 1 78  ? 2.688   -10.887 5.832   1.00 19.72 ? 133 HIS A CE1 1 
ATOM   635  N  NE2 . HIS A 1 78  ? 1.942   -9.792  5.811   1.00 22.75 ? 133 HIS A NE2 1 
ATOM   636  N  N   . ALA A 1 79  ? 8.454   -7.476  5.499   1.00 12.63 ? 134 ALA A N   1 
ATOM   637  C  CA  . ALA A 1 79  ? 9.808   -7.151  5.067   1.00 15.47 ? 134 ALA A CA  1 
ATOM   638  C  C   . ALA A 1 79  ? 10.639  -8.372  4.653   1.00 20.77 ? 134 ALA A C   1 
ATOM   639  O  O   . ALA A 1 79  ? 11.545  -8.256  3.820   1.00 19.44 ? 134 ALA A O   1 
ATOM   640  C  CB  . ALA A 1 79  ? 10.510  -6.398  6.156   1.00 13.45 ? 134 ALA A CB  1 
ATOM   641  N  N   . LYS A 1 80  ? 10.322  -9.534  5.222   1.00 19.56 ? 135 LYS A N   1 
ATOM   642  C  CA  . LYS A 1 80  ? 11.104  -10.749 4.975   1.00 14.89 ? 135 LYS A CA  1 
ATOM   643  C  C   . LYS A 1 80  ? 10.547  -11.651 3.881   1.00 19.44 ? 135 LYS A C   1 
ATOM   644  O  O   . LYS A 1 80  ? 11.203  -12.622 3.482   1.00 19.83 ? 135 LYS A O   1 
ATOM   645  C  CB  . LYS A 1 80  ? 11.244  -11.569 6.266   1.00 15.54 ? 135 LYS A CB  1 
ATOM   646  C  CG  . LYS A 1 80  ? 12.169  -10.962 7.300   1.00 24.03 ? 135 LYS A CG  1 
ATOM   647  C  CD  . LYS A 1 80  ? 12.037  -11.699 8.635   1.00 34.11 ? 135 LYS A CD  1 
ATOM   648  C  CE  . LYS A 1 80  ? 12.754  -10.956 9.763   1.00 38.02 ? 135 LYS A CE  1 
ATOM   649  N  NZ  . LYS A 1 80  ? 11.951  -10.987 11.033  1.00 44.93 ? 135 LYS A NZ  1 
ATOM   650  N  N   . ASP A 1 81  ? 9.341   -11.371 3.401   1.00 16.40 ? 136 ASP A N   1 
ATOM   651  C  CA  . ASP A 1 81  ? 8.716   -12.248 2.412   1.00 10.39 ? 136 ASP A CA  1 
ATOM   652  C  C   . ASP A 1 81  ? 9.220   -11.969 0.997   1.00 13.79 ? 136 ASP A C   1 
ATOM   653  O  O   . ASP A 1 81  ? 9.519   -10.821 0.638   1.00 14.34 ? 136 ASP A O   1 
ATOM   654  C  CB  . ASP A 1 81  ? 7.198   -12.098 2.434   1.00 11.85 ? 136 ASP A CB  1 
ATOM   655  C  CG  . ASP A 1 81  ? 6.590   -12.506 3.756   1.00 21.27 ? 136 ASP A CG  1 
ATOM   656  O  OD1 . ASP A 1 81  ? 6.288   -13.703 3.921   1.00 22.48 ? 136 ASP A OD1 1 
ATOM   657  O  OD2 . ASP A 1 81  ? 6.396   -11.624 4.615   1.00 19.93 ? 136 ASP A OD2 1 
ATOM   658  N  N   . GLN A 1 82  ? 9.298   -13.027 0.199   1.00 12.04 ? 137 GLN A N   1 
ATOM   659  C  CA  . GLN A 1 82  ? 9.800   -12.917 -1.169  1.00 14.04 ? 137 GLN A CA  1 
ATOM   660  C  C   . GLN A 1 82  ? 8.779   -12.285 -2.105  1.00 10.49 ? 137 GLN A C   1 
ATOM   661  O  O   . GLN A 1 82  ? 7.587   -12.629 -2.073  1.00 12.38 ? 137 GLN A O   1 
ATOM   662  C  CB  . GLN A 1 82  ? 10.162  -14.308 -1.682  1.00 12.25 ? 137 GLN A CB  1 
ATOM   663  C  CG  . GLN A 1 82  ? 10.636  -14.336 -3.125  1.00 12.54 ? 137 GLN A CG  1 
ATOM   664  C  CD  . GLN A 1 82  ? 10.713  -15.750 -3.655  1.00 15.79 ? 137 GLN A CD  1 
ATOM   665  O  OE1 . GLN A 1 82  ? 9.910   -16.606 -3.278  1.00 17.41 ? 137 GLN A OE1 1 
ATOM   666  N  NE2 . GLN A 1 82  ? 11.665  -15.999 -4.537  1.00 14.38 ? 137 GLN A NE2 1 
ATOM   667  N  N   . TYR A 1 83  ? 9.252   -11.372 -2.954  1.00 10.45 ? 138 TYR A N   1 
ATOM   668  C  CA  . TYR A 1 83  ? 8.390   -10.736 -3.929  1.00 9.66  ? 138 TYR A CA  1 
ATOM   669  C  C   . TYR A 1 83  ? 7.600   -11.774 -4.745  1.00 14.15 ? 138 TYR A C   1 
ATOM   670  O  O   . TYR A 1 83  ? 8.149   -12.765 -5.259  1.00 11.96 ? 138 TYR A O   1 
ATOM   671  C  CB  . TYR A 1 83  ? 9.188   -9.757  -4.833  1.00 8.92  ? 138 TYR A CB  1 
ATOM   672  C  CG  . TYR A 1 83  ? 8.287   -8.957  -5.748  1.00 10.78 ? 138 TYR A CG  1 
ATOM   673  C  CD1 . TYR A 1 83  ? 7.897   -7.669  -5.416  1.00 6.30  ? 138 TYR A CD1 1 
ATOM   674  C  CD2 . TYR A 1 83  ? 7.779   -9.511  -6.913  1.00 8.95  ? 138 TYR A CD2 1 
ATOM   675  C  CE1 . TYR A 1 83  ? 7.045   -6.952  -6.248  1.00 8.21  ? 138 TYR A CE1 1 
ATOM   676  C  CE2 . TYR A 1 83  ? 6.925   -8.817  -7.735  1.00 9.77  ? 138 TYR A CE2 1 
ATOM   677  C  CZ  . TYR A 1 83  ? 6.562   -7.530  -7.397  1.00 6.66  ? 138 TYR A CZ  1 
ATOM   678  O  OH  . TYR A 1 83  ? 5.697   -6.852  -8.221  1.00 8.36  ? 138 TYR A OH  1 
ATOM   679  N  N   . GLY A 1 84  ? 6.297   -11.554 -4.814  1.00 9.60  ? 139 GLY A N   1 
ATOM   680  C  CA  . GLY A 1 84  ? 5.395   -12.313 -5.655  1.00 9.58  ? 139 GLY A CA  1 
ATOM   681  C  C   . GLY A 1 84  ? 4.797   -13.524 -4.961  1.00 12.51 ? 139 GLY A C   1 
ATOM   682  O  O   . GLY A 1 84  ? 3.967   -14.227 -5.548  1.00 12.53 ? 139 GLY A O   1 
ATOM   683  N  N   . THR A 1 85  ? 5.228   -13.769 -3.728  1.00 12.70 ? 140 THR A N   1 
ATOM   684  C  CA  . THR A 1 85  ? 4.773   -14.929 -2.961  1.00 17.24 ? 140 THR A CA  1 
ATOM   685  C  C   . THR A 1 85  ? 3.321   -14.726 -2.576  1.00 20.44 ? 140 THR A C   1 
ATOM   686  O  O   . THR A 1 85  ? 2.946   -13.642 -2.098  1.00 16.87 ? 140 THR A O   1 
ATOM   687  C  CB  . THR A 1 85  ? 5.585   -15.127 -1.652  1.00 14.53 ? 140 THR A CB  1 
ATOM   688  O  OG1 . THR A 1 85  ? 6.993   -15.106 -1.915  1.00 17.76 ? 140 THR A OG1 1 
ATOM   689  C  CG2 . THR A 1 85  ? 5.222   -16.444 -0.979  1.00 16.08 ? 140 THR A CG2 1 
ATOM   690  N  N   . ASP A 1 86  ? 2.518   -15.772 -2.751  1.00 17.84 ? 141 ASP A N   1 
ATOM   691  C  CA  . ASP A 1 86  ? 1.089   -15.721 -2.454  1.00 21.55 ? 141 ASP A CA  1 
ATOM   692  C  C   . ASP A 1 86  ? 0.823   -15.608 -0.946  1.00 22.25 ? 141 ASP A C   1 
ATOM   693  O  O   . ASP A 1 86  ? 0.988   -16.578 -0.206  1.00 23.51 ? 141 ASP A O   1 
ATOM   694  C  CB  . ASP A 1 86  ? 0.387   -16.957 -3.022  1.00 25.88 ? 141 ASP A CB  1 
ATOM   695  C  CG  . ASP A 1 86  ? -1.109  -16.773 -3.122  1.00 29.70 ? 141 ASP A CG  1 
ATOM   696  O  OD1 . ASP A 1 86  ? -1.621  -15.827 -2.476  1.00 27.49 ? 141 ASP A OD1 1 
ATOM   697  O  OD2 . ASP A 1 86  ? -1.770  -17.561 -3.842  1.00 40.70 ? 141 ASP A OD2 1 
ATOM   698  N  N   . ILE A 1 87  ? 0.420   -14.419 -0.496  1.00 15.25 ? 142 ILE A N   1 
ATOM   699  C  CA  . ILE A 1 87  ? 0.195   -14.155 0.931   1.00 15.18 ? 142 ILE A CA  1 
ATOM   700  C  C   . ILE A 1 87  ? -1.104  -13.400 1.102   1.00 19.12 ? 142 ILE A C   1 
ATOM   701  O  O   . ILE A 1 87  ? -1.337  -12.387 0.428   1.00 16.68 ? 142 ILE A O   1 
ATOM   702  C  CB  . ILE A 1 87  ? 1.321   -13.299 1.545   1.00 18.17 ? 142 ILE A CB  1 
ATOM   703  C  CG1 . ILE A 1 87  ? 2.670   -14.002 1.410   1.00 16.47 ? 142 ILE A CG1 1 
ATOM   704  C  CG2 . ILE A 1 87  ? 1.021   -13.000 3.007   1.00 19.22 ? 142 ILE A CG2 1 
ATOM   705  C  CD1 . ILE A 1 87  ? 3.834   -13.202 1.937   1.00 19.00 ? 142 ILE A CD1 1 
ATOM   706  N  N   . ASP A 1 88  ? -1.966  -13.878 1.992   1.00 12.67 ? 143 ASP A N   1 
ATOM   707  C  CA  . ASP A 1 88  ? -3.249  -13.234 2.139   1.00 12.13 ? 143 ASP A CA  1 
ATOM   708  C  C   . ASP A 1 88  ? -3.001  -11.836 2.692   1.00 10.83 ? 143 ASP A C   1 
ATOM   709  O  O   . ASP A 1 88  ? -2.291  -11.670 3.696   1.00 15.02 ? 143 ASP A O   1 
ATOM   710  C  CB  . ASP A 1 88  ? -4.137  -14.032 3.088   1.00 12.67 ? 143 ASP A CB  1 
ATOM   711  C  CG  . ASP A 1 88  ? -5.566  -13.590 3.044   1.00 18.62 ? 143 ASP A CG  1 
ATOM   712  O  OD1 . ASP A 1 88  ? -6.227  -13.648 4.105   1.00 17.37 ? 143 ASP A OD1 1 
ATOM   713  O  OD2 . ASP A 1 88  ? -6.038  -13.194 1.954   1.00 19.89 ? 143 ASP A OD2 1 
ATOM   714  N  N   . GLY A 1 89  ? -3.535  -10.835 2.001   1.00 13.45 ? 144 GLY A N   1 
ATOM   715  C  CA  . GLY A 1 89  ? -3.440  -9.467  2.468   1.00 12.35 ? 144 GLY A CA  1 
ATOM   716  C  C   . GLY A 1 89  ? -2.233  -8.716  1.952   1.00 10.47 ? 144 GLY A C   1 
ATOM   717  O  O   . GLY A 1 89  ? -1.991  -7.586  2.387   1.00 7.71  ? 144 GLY A O   1 
ATOM   718  N  N   . VAL A 1 90  ? -1.485  -9.327  1.029   1.00 10.95 ? 145 VAL A N   1 
ATOM   719  C  CA  . VAL A 1 90  ? -0.270  -8.711  0.489   1.00 8.64  ? 145 VAL A CA  1 
ATOM   720  C  C   . VAL A 1 90  ? -0.401  -8.678  -1.027  1.00 9.96  ? 145 VAL A C   1 
ATOM   721  O  O   . VAL A 1 90  ? -0.697  -9.705  -1.637  1.00 10.17 ? 145 VAL A O   1 
ATOM   722  C  CB  . VAL A 1 90  ? 0.990   -9.475  0.919   1.00 10.33 ? 145 VAL A CB  1 
ATOM   723  C  CG1 . VAL A 1 90  ? 2.222   -8.895  0.265   1.00 9.47  ? 145 VAL A CG1 1 
ATOM   724  C  CG2 . VAL A 1 90  ? 1.145   -9.429  2.425   1.00 13.50 ? 145 VAL A CG2 1 
ATOM   725  N  N   . TYR A 1 91  ? -0.230  -7.502  -1.631  1.00 6.66  ? 146 TYR A N   1 
ATOM   726  C  CA  . TYR A 1 91  ? -0.349  -7.405  -3.083  1.00 5.63  ? 146 TYR A CA  1 
ATOM   727  C  C   . TYR A 1 91  ? 0.928   -6.783  -3.646  1.00 7.06  ? 146 TYR A C   1 
ATOM   728  O  O   . TYR A 1 91  ? 1.144   -5.585  -3.504  1.00 6.18  ? 146 TYR A O   1 
ATOM   729  C  CB  . TYR A 1 91  ? -1.576  -6.587  -3.496  1.00 7.18  ? 146 TYR A CB  1 
ATOM   730  C  CG  . TYR A 1 91  ? -1.883  -6.725  -4.981  1.00 8.34  ? 146 TYR A CG  1 
ATOM   731  C  CD1 . TYR A 1 91  ? -2.796  -7.665  -5.440  1.00 9.98  ? 146 TYR A CD1 1 
ATOM   732  C  CD2 . TYR A 1 91  ? -1.227  -5.941  -5.923  1.00 8.03  ? 146 TYR A CD2 1 
ATOM   733  C  CE1 . TYR A 1 91  ? -3.067  -7.801  -6.796  1.00 10.88 ? 146 TYR A CE1 1 
ATOM   734  C  CE2 . TYR A 1 91  ? -1.481  -6.070  -7.278  1.00 11.51 ? 146 TYR A CE2 1 
ATOM   735  C  CZ  . TYR A 1 91  ? -2.401  -6.992  -7.712  1.00 12.25 ? 146 TYR A CZ  1 
ATOM   736  O  OH  . TYR A 1 91  ? -2.656  -7.119  -9.056  1.00 11.14 ? 146 TYR A OH  1 
ATOM   737  N  N   . TRP A 1 92  ? 1.744   -7.596  -4.320  1.00 6.90  ? 147 TRP A N   1 
ATOM   738  C  CA  . TRP A 1 92  ? 3.064   -7.142  -4.778  1.00 5.97  ? 147 TRP A CA  1 
ATOM   739  C  C   . TRP A 1 92  ? 2.961   -6.318  -6.062  1.00 7.16  ? 147 TRP A C   1 
ATOM   740  O  O   . TRP A 1 92  ? 2.197   -6.646  -6.983  1.00 7.33  ? 147 TRP A O   1 
ATOM   741  C  CB  . TRP A 1 92  ? 3.979   -8.340  -5.031  1.00 7.62  ? 147 TRP A CB  1 
ATOM   742  C  CG  . TRP A 1 92  ? 4.159   -9.247  -3.842  1.00 6.13  ? 147 TRP A CG  1 
ATOM   743  C  CD1 . TRP A 1 92  ? 3.479   -10.402 -3.588  1.00 10.31 ? 147 TRP A CD1 1 
ATOM   744  C  CD2 . TRP A 1 92  ? 5.098   -9.087  -2.769  1.00 6.33  ? 147 TRP A CD2 1 
ATOM   745  N  NE1 . TRP A 1 92  ? 3.937   -10.970 -2.424  1.00 10.19 ? 147 TRP A NE1 1 
ATOM   746  C  CE2 . TRP A 1 92  ? 4.926   -10.185 -1.897  1.00 6.92  ? 147 TRP A CE2 1 
ATOM   747  C  CE3 . TRP A 1 92  ? 6.058   -8.131  -2.462  1.00 5.25  ? 147 TRP A CE3 1 
ATOM   748  C  CZ2 . TRP A 1 92  ? 5.682   -10.343 -0.740  1.00 7.26  ? 147 TRP A CZ2 1 
ATOM   749  C  CZ3 . TRP A 1 92  ? 6.809   -8.283  -1.326  1.00 8.96  ? 147 TRP A CZ3 1 
ATOM   750  C  CH2 . TRP A 1 92  ? 6.628   -9.406  -0.471  1.00 7.60  ? 147 TRP A CH2 1 
ATOM   751  N  N   . VAL A 1 93  ? 3.741   -5.241  -6.116  1.00 6.56  ? 148 VAL A N   1 
ATOM   752  C  CA  . VAL A 1 93  ? 3.775   -4.363  -7.289  1.00 5.27  ? 148 VAL A CA  1 
ATOM   753  C  C   . VAL A 1 93  ? 5.222   -3.947  -7.549  1.00 5.61  ? 148 VAL A C   1 
ATOM   754  O  O   . VAL A 1 93  ? 5.993   -3.805  -6.611  1.00 5.58  ? 148 VAL A O   1 
ATOM   755  C  CB  . VAL A 1 93  ? 2.917   -3.084  -7.057  1.00 6.09  ? 148 VAL A CB  1 
ATOM   756  C  CG1 . VAL A 1 93  ? 1.425   -3.402  -7.098  1.00 4.91  ? 148 VAL A CG1 1 
ATOM   757  C  CG2 . VAL A 1 93  ? 3.321   -2.389  -5.740  1.00 3.74  ? 148 VAL A CG2 1 
ATOM   758  N  N   . ALA A 1 94  ? 5.597   -3.739  -8.813  1.00 5.05  ? 149 ALA A N   1 
ATOM   759  C  CA  . ALA A 1 94  ? 6.947   -3.260  -9.107  1.00 5.92  ? 149 ALA A CA  1 
ATOM   760  C  C   . ALA A 1 94  ? 7.020   -2.674  -10.506 1.00 8.26  ? 149 ALA A C   1 
ATOM   761  O  O   . ALA A 1 94  ? 6.374   -3.184  -11.414 1.00 7.31  ? 149 ALA A O   1 
ATOM   762  C  CB  . ALA A 1 94  ? 7.961   -4.395  -8.986  1.00 6.98  ? 149 ALA A CB  1 
ATOM   763  N  N   . SER A 1 95  ? 7.811   -1.614  -10.652 1.00 8.82  ? 150 SER A N   1 
ATOM   764  C  CA  . SER A 1 95  ? 8.178   -1.100  -11.972 1.00 7.03  ? 150 SER A CA  1 
ATOM   765  C  C   . SER A 1 95  ? 8.891   -2.169  -12.773 1.00 10.40 ? 150 SER A C   1 
ATOM   766  O  O   . SER A 1 95  ? 9.602   -3.011  -12.201 1.00 8.73  ? 150 SER A O   1 
ATOM   767  C  CB  . SER A 1 95  ? 9.119   0.086   -11.826 1.00 10.26 ? 150 SER A CB  1 
ATOM   768  O  OG  . SER A 1 95  ? 9.507   0.561   -13.104 1.00 15.93 ? 150 SER A OG  1 
ATOM   769  N  N   . ASN A 1 96  ? 8.734   -2.143  -14.095 1.00 12.25 ? 151 ASN A N   1 
ATOM   770  C  CA  . ASN A 1 96  ? 9.454   -3.121  -14.904 1.00 15.21 ? 151 ASN A CA  1 
ATOM   771  C  C   . ASN A 1 96  ? 10.958  -2.869  -14.904 1.00 13.19 ? 151 ASN A C   1 
ATOM   772  O  O   . ASN A 1 96  ? 11.728  -3.671  -15.437 1.00 17.68 ? 151 ASN A O   1 
ATOM   773  C  CB  . ASN A 1 96  ? 8.876   -3.245  -16.325 1.00 18.40 ? 151 ASN A CB  1 
ATOM   774  C  CG  . ASN A 1 96  ? 8.811   -1.929  -17.062 1.00 18.62 ? 151 ASN A CG  1 
ATOM   775  O  OD1 . ASN A 1 96  ? 9.588   -1.004  -16.806 1.00 25.08 ? 151 ASN A OD1 1 
ATOM   776  N  ND2 . ASN A 1 96  ? 7.877   -1.838  -18.012 1.00 27.23 ? 151 ASN A ND2 1 
ATOM   777  N  N   . GLN A 1 97  ? 11.376  -1.776  -14.271 1.00 10.74 ? 152 GLN A N   1 
ATOM   778  C  CA  . GLN A 1 97  ? 12.793  -1.439  -14.139 1.00 9.61  ? 152 GLN A CA  1 
ATOM   779  C  C   . GLN A 1 97  ? 13.393  -2.028  -12.873 1.00 13.91 ? 152 GLN A C   1 
ATOM   780  O  O   . GLN A 1 97  ? 14.609  -1.991  -12.679 1.00 11.26 ? 152 GLN A O   1 
ATOM   781  C  CB  . GLN A 1 97  ? 12.962  0.072   -14.073 1.00 13.34 ? 152 GLN A CB  1 
ATOM   782  C  CG  . GLN A 1 97  ? 12.290  0.793   -15.228 1.00 13.38 ? 152 GLN A CG  1 
ATOM   783  C  CD  . GLN A 1 97  ? 12.993  0.488   -16.523 1.00 16.50 ? 152 GLN A CD  1 
ATOM   784  O  OE1 . GLN A 1 97  ? 14.162  0.852   -16.705 1.00 20.89 ? 152 GLN A OE1 1 
ATOM   785  N  NE2 . GLN A 1 97  ? 12.307  -0.211  -17.424 1.00 18.52 ? 152 GLN A NE2 1 
ATOM   786  N  N   . ALA A 1 98  ? 12.543  -2.568  -12.003 1.00 10.05 ? 153 ALA A N   1 
ATOM   787  C  CA  . ALA A 1 98  ? 13.024  -3.011  -10.704 1.00 9.61  ? 153 ALA A CA  1 
ATOM   788  C  C   . ALA A 1 98  ? 13.473  -4.459  -10.714 1.00 12.77 ? 153 ALA A C   1 
ATOM   789  O  O   . ALA A 1 98  ? 12.855  -5.319  -11.361 1.00 13.22 ? 153 ALA A O   1 
ATOM   790  C  CB  . ALA A 1 98  ? 11.955  -2.811  -9.647  1.00 10.55 ? 153 ALA A CB  1 
ATOM   791  N  N   . ASP A 1 99  ? 14.543  -4.721  -9.967  1.00 11.04 ? 154 ASP A N   1 
ATOM   792  C  CA  . ASP A 1 99  ? 14.976  -6.079  -9.677  1.00 12.22 ? 154 ASP A CA  1 
ATOM   793  C  C   . ASP A 1 99  ? 14.402  -6.510  -8.319  1.00 16.09 ? 154 ASP A C   1 
ATOM   794  O  O   . ASP A 1 99  ? 14.820  -6.024  -7.267  1.00 18.47 ? 154 ASP A O   1 
ATOM   795  C  CB  . ASP A 1 99  ? 16.511  -6.160  -9.665  1.00 18.03 ? 154 ASP A CB  1 
ATOM   796  C  CG  . ASP A 1 99  ? 17.024  -7.554  -9.326  1.00 20.05 ? 154 ASP A CG  1 
ATOM   797  O  OD1 . ASP A 1 99  ? 18.249  -7.689  -9.113  1.00 30.22 ? 154 ASP A OD1 1 
ATOM   798  O  OD2 . ASP A 1 99  ? 16.220  -8.507  -9.275  1.00 19.13 ? 154 ASP A OD2 1 
ATOM   799  N  N   . VAL A 1 100 ? 13.444  -7.426  -8.347  1.00 15.01 ? 155 VAL A N   1 
ATOM   800  C  CA  . VAL A 1 100 ? 12.714  -7.761  -7.120  1.00 18.55 ? 155 VAL A CA  1 
ATOM   801  C  C   . VAL A 1 100 ? 13.431  -8.799  -6.251  1.00 21.35 ? 155 VAL A C   1 
ATOM   802  O  O   . VAL A 1 100 ? 12.852  -9.307  -5.281  1.00 21.83 ? 155 VAL A O   1 
ATOM   803  C  CB  . VAL A 1 100 ? 11.258  -8.190  -7.414  1.00 17.18 ? 155 VAL A CB  1 
ATOM   804  C  CG1 . VAL A 1 100 ? 10.508  -7.072  -8.141  1.00 10.79 ? 155 VAL A CG1 1 
ATOM   805  C  CG2 . VAL A 1 100 ? 11.212  -9.472  -8.225  1.00 14.90 ? 155 VAL A CG2 1 
ATOM   806  N  N   . ASN A 1 101 ? 14.678  -9.109  -6.618  1.00 24.78 ? 156 ASN A N   1 
ATOM   807  C  CA  . ASN A 1 101 ? 15.554  -9.973  -5.828  1.00 25.02 ? 156 ASN A CA  1 
ATOM   808  C  C   . ASN A 1 101 ? 16.236  -9.205  -4.710  1.00 23.36 ? 156 ASN A C   1 
ATOM   809  O  O   . ASN A 1 101 ? 16.732  -9.797  -3.758  1.00 32.07 ? 156 ASN A O   1 
ATOM   810  C  CB  . ASN A 1 101 ? 16.645  -10.592 -6.711  1.00 25.62 ? 156 ASN A CB  1 
ATOM   811  C  CG  . ASN A 1 101 ? 16.127  -11.711 -7.602  1.00 29.66 ? 156 ASN A CG  1 
ATOM   812  O  OD1 . ASN A 1 101 ? 15.031  -12.226 -7.397  1.00 23.09 ? 156 ASN A OD1 1 
ATOM   813  N  ND2 . ASN A 1 101 ? 16.927  -12.092 -8.603  1.00 29.98 ? 156 ASN A ND2 1 
ATOM   814  N  N   . THR A 1 102 ? 16.297  -7.885  -4.840  1.00 23.18 ? 157 THR A N   1 
ATOM   815  C  CA  . THR A 1 102 ? 16.966  -7.057  -3.847  1.00 25.73 ? 157 THR A CA  1 
ATOM   816  C  C   . THR A 1 102 ? 15.993  -6.082  -3.195  1.00 25.21 ? 157 THR A C   1 
ATOM   817  O  O   . THR A 1 102 ? 15.094  -5.569  -3.857  1.00 21.62 ? 157 THR A O   1 
ATOM   818  C  CB  . THR A 1 102 ? 18.133  -6.271  -4.469  1.00 27.68 ? 157 THR A CB  1 
ATOM   819  O  OG1 . THR A 1 102 ? 17.640  -5.445  -5.530  1.00 27.28 ? 157 THR A OG1 1 
ATOM   820  C  CG2 . THR A 1 102 ? 19.183  -7.229  -5.020  1.00 27.90 ? 157 THR A CG2 1 
ATOM   821  N  N   . PRO A 1 103 ? 16.163  -5.837  -1.885  1.00 26.06 ? 158 PRO A N   1 
ATOM   822  C  CA  . PRO A 1 103 ? 15.357  -4.849  -1.161  1.00 20.82 ? 158 PRO A CA  1 
ATOM   823  C  C   . PRO A 1 103 ? 15.556  -3.447  -1.716  1.00 25.02 ? 158 PRO A C   1 
ATOM   824  O  O   . PRO A 1 103 ? 16.635  -3.121  -2.220  1.00 23.72 ? 158 PRO A O   1 
ATOM   825  C  CB  . PRO A 1 103 ? 15.912  -4.920  0.271   1.00 25.92 ? 158 PRO A CB  1 
ATOM   826  C  CG  . PRO A 1 103 ? 17.268  -5.556  0.128   1.00 25.86 ? 158 PRO A CG  1 
ATOM   827  C  CD  . PRO A 1 103 ? 17.099  -6.536  -0.988  1.00 26.07 ? 158 PRO A CD  1 
ATOM   828  N  N   . ALA A 1 104 ? 14.516  -2.625  -1.630  1.00 18.48 ? 159 ALA A N   1 
ATOM   829  C  CA  . ALA A 1 104 ? 14.609  -1.245  -2.081  1.00 20.55 ? 159 ALA A CA  1 
ATOM   830  C  C   . ALA A 1 104 ? 15.567  -0.524  -1.152  1.00 25.38 ? 159 ALA A C   1 
ATOM   831  O  O   . ALA A 1 104 ? 15.555  -0.766  0.049   1.00 26.22 ? 159 ALA A O   1 
ATOM   832  C  CB  . ALA A 1 104 ? 13.238  -0.586  -2.059  1.00 19.41 ? 159 ALA A CB  1 
ATOM   833  N  N   . ASP A 1 105 ? 16.414  0.339   -1.700  1.00 29.43 ? 160 ASP A N   1 
ATOM   834  C  CA  . ASP A 1 105 ? 17.330  1.100   -0.857  1.00 31.87 ? 160 ASP A CA  1 
ATOM   835  C  C   . ASP A 1 105 ? 16.608  2.344   -0.345  1.00 34.48 ? 160 ASP A C   1 
ATOM   836  O  O   . ASP A 1 105 ? 16.963  3.471   -0.693  1.00 40.81 ? 160 ASP A O   1 
ATOM   837  C  CB  . ASP A 1 105 ? 18.614  1.465   -1.615  1.00 36.54 ? 160 ASP A CB  1 
ATOM   838  C  CG  . ASP A 1 105 ? 19.675  2.089   -0.710  1.00 39.99 ? 160 ASP A CG  1 
ATOM   839  O  OD1 . ASP A 1 105 ? 20.553  2.805   -1.234  1.00 45.97 ? 160 ASP A OD1 1 
ATOM   840  O  OD2 . ASP A 1 105 ? 19.635  1.860   0.521   1.00 43.13 ? 160 ASP A OD2 1 
ATOM   841  N  N   . ILE A 1 106 ? 15.588  2.128   0.480   1.00 34.22 ? 161 ILE A N   1 
ATOM   842  C  CA  . ILE A 1 106 ? 14.722  3.208   0.936   1.00 31.71 ? 161 ILE A CA  1 
ATOM   843  C  C   . ILE A 1 106 ? 14.525  3.140   2.443   1.00 32.06 ? 161 ILE A C   1 
ATOM   844  O  O   . ILE A 1 106 ? 14.068  2.122   2.976   1.00 34.54 ? 161 ILE A O   1 
ATOM   845  C  CB  . ILE A 1 106 ? 13.326  3.155   0.243   1.00 30.02 ? 161 ILE A CB  1 
ATOM   846  C  CG1 . ILE A 1 106 ? 13.461  2.972   -1.277  1.00 28.01 ? 161 ILE A CG1 1 
ATOM   847  C  CG2 . ILE A 1 106 ? 12.498  4.395   0.595   1.00 27.71 ? 161 ILE A CG2 1 
ATOM   848  C  CD1 . ILE A 1 106 ? 13.504  4.256   -2.066  1.00 26.63 ? 161 ILE A CD1 1 
ATOM   849  N  N   . VAL A 1 107 ? 14.850  4.237   3.122   1.00 40.39 ? 162 VAL A N   1 
ATOM   850  C  CA  . VAL A 1 107 ? 14.711  4.326   4.574   1.00 37.91 ? 162 VAL A CA  1 
ATOM   851  C  C   . VAL A 1 107 ? 13.250  4.529   4.964   1.00 33.42 ? 162 VAL A C   1 
ATOM   852  O  O   . VAL A 1 107 ? 12.490  5.154   4.218   1.00 33.64 ? 162 VAL A O   1 
ATOM   853  C  CB  . VAL A 1 107 ? 15.543  5.499   5.131   1.00 42.49 ? 162 VAL A CB  1 
ATOM   854  C  CG1 . VAL A 1 107 ? 15.964  5.218   6.572   1.00 40.79 ? 162 VAL A CG1 1 
ATOM   855  C  CG2 . VAL A 1 107 ? 16.764  5.750   4.240   1.00 42.79 ? 162 VAL A CG2 1 
ATOM   856  N  N   . ASP A 1 108 ? 12.854  4.008   6.126   1.00 33.14 ? 163 ASP A N   1 
ATOM   857  C  CA  . ASP A 1 108 ? 11.477  4.155   6.604   1.00 31.39 ? 163 ASP A CA  1 
ATOM   858  C  C   . ASP A 1 108 ? 11.135  5.603   6.955   1.00 36.57 ? 163 ASP A C   1 
ATOM   859  O  O   . ASP A 1 108 ? 12.022  6.461   7.000   1.00 37.35 ? 163 ASP A O   1 
ATOM   860  C  CB  . ASP A 1 108 ? 11.208  3.244   7.800   1.00 32.28 ? 163 ASP A CB  1 
ATOM   861  C  CG  . ASP A 1 108 ? 10.962  1.808   7.393   1.00 34.98 ? 163 ASP A CG  1 
ATOM   862  O  OD1 . ASP A 1 108 ? 10.961  1.539   6.178   1.00 28.05 ? 163 ASP A OD1 1 
ATOM   863  O  OD2 . ASP A 1 108 ? 10.749  0.957   8.289   1.00 37.34 ? 163 ASP A OD2 1 
ATOM   864  N  N   . ARG A 1 109 ? 9.850   5.864   7.200   1.00 36.09 ? 164 ARG A N   1 
ATOM   865  C  CA  . ARG A 1 109 ? 9.350   7.214   7.482   1.00 32.73 ? 164 ARG A CA  1 
ATOM   866  C  C   . ARG A 1 109 ? 9.066   7.396   8.984   1.00 32.70 ? 164 ARG A C   1 
ATOM   867  O  O   . ARG A 1 109 ? 9.007   6.405   9.711   1.00 37.72 ? 164 ARG A O   1 
ATOM   868  C  CB  . ARG A 1 109 ? 8.091   7.499   6.634   1.00 25.36 ? 164 ARG A CB  1 
ATOM   869  C  CG  . ARG A 1 109 ? 7.414   8.856   6.901   1.00 25.32 ? 164 ARG A CG  1 
ATOM   870  C  CD  . ARG A 1 109 ? 6.230   9.176   6.002   1.00 23.39 ? 164 ARG A CD  1 
ATOM   871  N  NE  . ARG A 1 109 ? 4.995   8.479   6.361   1.00 19.45 ? 164 ARG A NE  1 
ATOM   872  C  CZ  . ARG A 1 109 ? 4.180   8.829   7.349   1.00 19.50 ? 164 ARG A CZ  1 
ATOM   873  N  NH1 . ARG A 1 109 ? 4.456   9.877   8.122   1.00 21.44 ? 164 ARG A NH1 1 
ATOM   874  N  NH2 . ARG A 1 109 ? 3.076   8.131   7.567   1.00 19.43 ? 164 ARG A NH2 1 
ATOM   875  N  N   . ASP A 1 110 ? 8.910   8.663   9.409   1.00 40.54 ? 165 ASP A N   1 
ATOM   876  C  CA  . ASP A 1 110 ? 8.645   9.134   10.784  1.00 31.88 ? 165 ASP A CA  1 
ATOM   877  C  C   . ASP A 1 110 ? 9.999   9.329   11.428  1.00 41.71 ? 165 ASP A C   1 
ATOM   878  O  O   . ASP A 1 110 ? 10.974  8.740   10.955  1.00 42.84 ? 165 ASP A O   1 
ATOM   879  C  CB  . ASP A 1 110 ? 7.756   8.184   11.594  1.00 35.43 ? 165 ASP A CB  1 
ATOM   880  C  CG  . ASP A 1 110 ? 6.392   8.773   11.895  1.00 35.98 ? 165 ASP A CG  1 
ATOM   881  O  OD1 . ASP A 1 110 ? 6.019   9.788   11.271  1.00 37.25 ? 165 ASP A OD1 1 
ATOM   882  O  OD2 . ASP A 1 110 ? 5.688   8.209   12.756  1.00 35.91 ? 165 ASP A OD2 1 
ATOM   883  N  N   . PRO A 1 111 ? 10.091  10.142  12.504  1.00 35.78 ? 166 PRO A N   1 
ATOM   884  C  CA  . PRO A 1 111 ? 9.142   10.802  13.425  1.00 40.28 ? 166 PRO A CA  1 
ATOM   885  C  C   . PRO A 1 111 ? 8.296   11.945  12.857  1.00 38.76 ? 166 PRO A C   1 
ATOM   886  O  O   . PRO A 1 111 ? 7.497   11.794  11.929  1.00 39.21 ? 166 PRO A O   1 
ATOM   887  C  CB  . PRO A 1 111 ? 10.075  11.420  14.473  1.00 42.02 ? 166 PRO A CB  1 
ATOM   888  C  CG  . PRO A 1 111 ? 11.296  11.767  13.694  1.00 42.96 ? 166 PRO A CG  1 
ATOM   889  C  CD  . PRO A 1 111 ? 11.470  10.618  12.726  1.00 37.26 ? 166 PRO A CD  1 
ATOM   890  N  N   . SER A 1 112 ? 8.473   13.109  13.480  1.00 44.27 ? 167 SER A N   1 
ATOM   891  C  CA  . SER A 1 112 ? 7.981   14.372  12.958  1.00 41.82 ? 167 SER A CA  1 
ATOM   892  C  C   . SER A 1 112 ? 8.934   14.847  11.873  1.00 41.75 ? 167 SER A C   1 
ATOM   893  O  O   . SER A 1 112 ? 9.029   16.043  11.607  1.00 47.25 ? 167 SER A O   1 
ATOM   894  C  CB  . SER A 1 112 ? 7.927   15.422  14.071  1.00 47.04 ? 167 SER A CB  1 
ATOM   895  O  OG  . SER A 1 112 ? 9.225   15.691  14.583  1.00 49.18 ? 167 SER A OG  1 
ATOM   896  N  N   . SER A 1 113 ? 9.656   13.911  11.263  1.00 38.39 ? 168 SER A N   1 
ATOM   897  C  CA  . SER A 1 113 ? 10.557  14.239  10.170  1.00 36.31 ? 168 SER A CA  1 
ATOM   898  C  C   . SER A 1 113 ? 9.767   14.424  8.876   1.00 36.41 ? 168 SER A C   1 
ATOM   899  O  O   . SER A 1 113 ? 10.011  15.381  8.140   1.00 39.26 ? 168 SER A O   1 
ATOM   900  C  CB  . SER A 1 113 ? 11.619  13.153  9.987   1.00 39.19 ? 168 SER A CB  1 
ATOM   901  O  OG  . SER A 1 113 ? 11.114  12.072  9.221   1.00 44.78 ? 168 SER A OG  1 
ATOM   902  N  N   . ASP A 1 114 ? 8.816   13.521  8.608   1.00 31.42 ? 169 ASP A N   1 
ATOM   903  C  CA  . ASP A 1 114 ? 8.054   13.550  7.352   1.00 29.75 ? 169 ASP A CA  1 
ATOM   904  C  C   . ASP A 1 114 ? 6.603   13.055  7.451   1.00 26.18 ? 169 ASP A C   1 
ATOM   905  O  O   . ASP A 1 114 ? 6.322   12.042  8.089   1.00 24.53 ? 169 ASP A O   1 
ATOM   906  C  CB  . ASP A 1 114 ? 8.785   12.743  6.276   1.00 28.23 ? 169 ASP A CB  1 
ATOM   907  C  CG  . ASP A 1 114 ? 10.147  13.305  5.952   1.00 35.85 ? 169 ASP A CG  1 
ATOM   908  O  OD1 . ASP A 1 114 ? 11.140  12.803  6.517   1.00 30.31 ? 169 ASP A OD1 1 
ATOM   909  O  OD2 . ASP A 1 114 ? 10.222  14.254  5.142   1.00 37.01 ? 169 ASP A OD2 1 
ATOM   910  N  N   . GLU A 1 115 ? 5.693   13.777  6.793   1.00 27.41 ? 170 GLU A N   1 
ATOM   911  C  CA  . GLU A 1 115 ? 4.279   13.402  6.687   1.00 28.18 ? 170 GLU A CA  1 
ATOM   912  C  C   . GLU A 1 115 ? 4.104   12.391  5.529   1.00 22.13 ? 170 GLU A C   1 
ATOM   913  O  O   . GLU A 1 115 ? 5.019   12.223  4.734   1.00 16.79 ? 170 GLU A O   1 
ATOM   914  C  CB  . GLU A 1 115 ? 3.455   14.664  6.429   1.00 29.76 ? 170 GLU A CB  1 
ATOM   915  C  CG  . GLU A 1 115 ? 1.955   14.561  6.699   1.00 35.43 ? 170 GLU A CG  1 
ATOM   916  C  CD  . GLU A 1 115 ? 1.576   14.811  8.158   1.00 43.48 ? 170 GLU A CD  1 
ATOM   917  O  OE1 . GLU A 1 115 ? 0.421   15.227  8.404   1.00 47.93 ? 170 GLU A OE1 1 
ATOM   918  O  OE2 . GLU A 1 115 ? 2.421   14.586  9.055   1.00 41.63 ? 170 GLU A OE2 1 
ATOM   919  N  N   . ALA A 1 116 ? 2.958   11.711  5.446   1.00 22.09 ? 171 ALA A N   1 
ATOM   920  C  CA  . ALA A 1 116 ? 2.719   10.754  4.346   1.00 15.84 ? 171 ALA A CA  1 
ATOM   921  C  C   . ALA A 1 116 ? 2.472   11.492  3.046   1.00 17.91 ? 171 ALA A C   1 
ATOM   922  O  O   . ALA A 1 116 ? 1.690   12.444  3.006   1.00 21.10 ? 171 ALA A O   1 
ATOM   923  C  CB  . ALA A 1 116 ? 1.534   9.859   4.636   1.00 16.16 ? 171 ALA A CB  1 
ATOM   924  N  N   . ILE A 1 117 ? 3.119   11.017  1.987   1.00 14.74 ? 172 ILE A N   1 
ATOM   925  C  CA  . ILE A 1 117 ? 2.931   11.527  0.642   1.00 11.59 ? 172 ILE A CA  1 
ATOM   926  C  C   . ILE A 1 117 ? 1.555   11.075  0.168   1.00 16.16 ? 172 ILE A C   1 
ATOM   927  O  O   . ILE A 1 117 ? 1.260   9.878   0.200   1.00 9.61  ? 172 ILE A O   1 
ATOM   928  C  CB  . ILE A 1 117 ? 3.966   10.899  -0.314  1.00 15.43 ? 172 ILE A CB  1 
ATOM   929  C  CG1 . ILE A 1 117 ? 5.415   11.097  0.175   1.00 17.61 ? 172 ILE A CG1 1 
ATOM   930  C  CG2 . ILE A 1 117 ? 3.786   11.411  -1.743  1.00 11.84 ? 172 ILE A CG2 1 
ATOM   931  C  CD1 . ILE A 1 117 ? 5.699   12.463  0.731   1.00 27.98 ? 172 ILE A CD1 1 
ATOM   932  N  N   . PRO A 1 118 ? 0.708   12.009  -0.297  1.00 15.31 ? 173 PRO A N   1 
ATOM   933  C  CA  . PRO A 1 118 ? -0.563  11.557  -0.877  1.00 12.79 ? 173 PRO A CA  1 
ATOM   934  C  C   . PRO A 1 118 ? -0.304  10.619  -2.045  1.00 11.55 ? 173 PRO A C   1 
ATOM   935  O  O   . PRO A 1 118 ? 0.523   10.938  -2.898  1.00 10.57 ? 173 PRO A O   1 
ATOM   936  C  CB  . PRO A 1 118 ? -1.206  12.860  -1.349  1.00 16.02 ? 173 PRO A CB  1 
ATOM   937  C  CG  . PRO A 1 118 ? -0.694  13.871  -0.340  1.00 16.22 ? 173 PRO A CG  1 
ATOM   938  C  CD  . PRO A 1 118 ? 0.745   13.476  -0.128  1.00 15.31 ? 173 PRO A CD  1 
ATOM   939  N  N   . THR A 1 119 ? -0.979  9.469   -2.058  1.00 11.19 ? 174 THR A N   1 
ATOM   940  C  CA  . THR A 1 119 ? -0.773  8.462   -3.086  1.00 7.69  ? 174 THR A CA  1 
ATOM   941  C  C   . THR A 1 119 ? -1.214  8.942   -4.474  1.00 9.15  ? 174 THR A C   1 
ATOM   942  O  O   . THR A 1 119 ? -2.355  9.364   -4.658  1.00 11.50 ? 174 THR A O   1 
ATOM   943  C  CB  . THR A 1 119 ? -1.502  7.143   -2.705  1.00 6.40  ? 174 THR A CB  1 
ATOM   944  O  OG1 . THR A 1 119 ? -0.812  6.556   -1.595  1.00 6.85  ? 174 THR A OG1 1 
ATOM   945  C  CG2 . THR A 1 119 ? -1.459  6.139   -3.852  1.00 5.44  ? 174 THR A CG2 1 
ATOM   946  N  N   . ARG A 1 120 ? -0.285  8.867   -5.427  1.00 6.61  ? 175 ARG A N   1 
ATOM   947  C  CA  . ARG A 1 120 ? -0.471  9.321   -6.809  1.00 11.63 ? 175 ARG A CA  1 
ATOM   948  C  C   . ARG A 1 120 ? 0.124   8.245   -7.691  1.00 10.19 ? 175 ARG A C   1 
ATOM   949  O  O   . ARG A 1 120 ? 1.155   7.641   -7.338  1.00 7.65  ? 175 ARG A O   1 
ATOM   950  C  CB  . ARG A 1 120 ? 0.346   10.610  -7.061  1.00 14.74 ? 175 ARG A CB  1 
ATOM   951  C  CG  . ARG A 1 120 ? -0.367  11.925  -6.937  1.00 25.26 ? 175 ARG A CG  1 
ATOM   952  C  CD  . ARG A 1 120 ? 0.189   12.926  -7.979  1.00 27.87 ? 175 ARG A CD  1 
ATOM   953  N  NE  . ARG A 1 120 ? 1.653   12.934  -8.080  1.00 32.40 ? 175 ARG A NE  1 
ATOM   954  C  CZ  . ARG A 1 120 ? 2.339   12.874  -9.225  1.00 28.99 ? 175 ARG A CZ  1 
ATOM   955  N  NH1 . ARG A 1 120 ? 1.711   12.787  -10.389 1.00 29.90 ? 175 ARG A NH1 1 
ATOM   956  N  NH2 . ARG A 1 120 ? 3.664   12.883  -9.208  1.00 35.69 ? 175 ARG A NH2 1 
ATOM   957  N  N   . PHE A 1 121 ? -0.459  8.031   -8.869  1.00 7.25  ? 176 PHE A N   1 
ATOM   958  C  CA  . PHE A 1 121 ? 0.116   7.100   -9.826  1.00 5.90  ? 176 PHE A CA  1 
ATOM   959  C  C   . PHE A 1 121 ? 0.357   7.797   -11.166 1.00 6.75  ? 176 PHE A C   1 
ATOM   960  O  O   . PHE A 1 121 ? -0.289  8.794   -11.453 1.00 7.48  ? 176 PHE A O   1 
ATOM   961  C  CB  . PHE A 1 121 ? -0.796  5.877   -10.022 1.00 8.73  ? 176 PHE A CB  1 
ATOM   962  C  CG  . PHE A 1 121 ? -1.027  5.081   -8.767  1.00 6.28  ? 176 PHE A CG  1 
ATOM   963  C  CD1 . PHE A 1 121 ? -0.026  4.270   -8.244  1.00 6.91  ? 176 PHE A CD1 1 
ATOM   964  C  CD2 . PHE A 1 121 ? -2.259  5.124   -8.115  1.00 7.50  ? 176 PHE A CD2 1 
ATOM   965  C  CE1 . PHE A 1 121 ? -0.258  3.515   -7.069  1.00 4.90  ? 176 PHE A CE1 1 
ATOM   966  C  CE2 . PHE A 1 121 ? -2.483  4.380   -6.958  1.00 6.75  ? 176 PHE A CE2 1 
ATOM   967  C  CZ  . PHE A 1 121 ? -1.494  3.573   -6.443  1.00 7.40  ? 176 PHE A CZ  1 
ATOM   968  N  N   . PRO A 1 122 ? 1.303   7.289   -11.970 1.00 8.16  ? 177 PRO A N   1 
ATOM   969  C  CA  . PRO A 1 122 ? 1.613   7.965   -13.242 1.00 9.75  ? 177 PRO A CA  1 
ATOM   970  C  C   . PRO A 1 122 ? 0.504   7.787   -14.273 1.00 7.82  ? 177 PRO A C   1 
ATOM   971  O  O   . PRO A 1 122 ? -0.253  6.810   -14.186 1.00 6.34  ? 177 PRO A O   1 
ATOM   972  C  CB  . PRO A 1 122 ? 2.884   7.265   -13.720 1.00 10.72 ? 177 PRO A CB  1 
ATOM   973  C  CG  . PRO A 1 122 ? 2.941   5.964   -12.959 1.00 9.89  ? 177 PRO A CG  1 
ATOM   974  C  CD  . PRO A 1 122 ? 2.252   6.200   -11.662 1.00 6.98  ? 177 PRO A CD  1 
ATOM   975  N  N   . PRO A 1 123 ? 0.397   8.731   -15.237 1.00 8.40  ? 178 PRO A N   1 
ATOM   976  C  CA  . PRO A 1 123 ? -0.587  8.606   -16.321 1.00 8.76  ? 178 PRO A CA  1 
ATOM   977  C  C   . PRO A 1 123 ? -0.490  7.256   -16.960 1.00 7.18  ? 178 PRO A C   1 
ATOM   978  O  O   . PRO A 1 123 ? 0.620   6.756   -17.151 1.00 10.43 ? 178 PRO A O   1 
ATOM   979  C  CB  . PRO A 1 123 ? -0.127  9.666   -17.330 1.00 9.10  ? 178 PRO A CB  1 
ATOM   980  C  CG  . PRO A 1 123 ? 0.514   10.719  -16.500 1.00 9.19  ? 178 PRO A CG  1 
ATOM   981  C  CD  . PRO A 1 123 ? 1.156   9.996   -15.318 1.00 11.98 ? 178 PRO A CD  1 
ATOM   982  N  N   . GLY A 1 124 ? -1.631  6.673   -17.300 1.00 5.57  ? 179 GLY A N   1 
ATOM   983  C  CA  . GLY A 1 124 ? -1.681  5.336   -17.837 1.00 5.72  ? 179 GLY A CA  1 
ATOM   984  C  C   . GLY A 1 124 ? -2.011  4.268   -16.805 1.00 5.47  ? 179 GLY A C   1 
ATOM   985  O  O   . GLY A 1 124 ? -2.304  3.133   -17.171 1.00 7.05  ? 179 GLY A O   1 
ATOM   986  N  N   . THR A 1 125 ? -1.970  4.609   -15.518 1.00 5.18  ? 180 THR A N   1 
ATOM   987  C  CA  . THR A 1 125 ? -2.161  3.574   -14.502 1.00 5.31  ? 180 THR A CA  1 
ATOM   988  C  C   . THR A 1 125 ? -3.633  3.185   -14.424 1.00 5.52  ? 180 THR A C   1 
ATOM   989  O  O   . THR A 1 125 ? -4.470  4.053   -14.236 1.00 7.07  ? 180 THR A O   1 
ATOM   990  C  CB  . THR A 1 125 ? -1.745  4.074   -13.118 1.00 5.44  ? 180 THR A CB  1 
ATOM   991  O  OG1 . THR A 1 125 ? -0.346  4.411   -13.136 1.00 5.38  ? 180 THR A OG1 1 
ATOM   992  C  CG2 . THR A 1 125 ? -1.967  2.973   -12.095 1.00 7.66  ? 180 THR A CG2 1 
ATOM   993  N  N   . VAL A 1 126 ? -3.916  1.887   -14.531 1.00 7.66  ? 181 VAL A N   1 
ATOM   994  C  CA  . VAL A 1 126 ? -5.273  1.377   -14.401 1.00 8.10  ? 181 VAL A CA  1 
ATOM   995  C  C   . VAL A 1 126 ? -5.633  1.339   -12.918 1.00 6.62  ? 181 VAL A C   1 
ATOM   996  O  O   . VAL A 1 126 ? -5.034  0.577   -12.163 1.00 10.46 ? 181 VAL A O   1 
ATOM   997  C  CB  . VAL A 1 126 ? -5.393  -0.021  -15.001 1.00 9.53  ? 181 VAL A CB  1 
ATOM   998  C  CG1 . VAL A 1 126 ? -6.826  -0.536  -14.839 1.00 11.95 ? 181 VAL A CG1 1 
ATOM   999  C  CG2 . VAL A 1 126 ? -5.009  -0.011  -16.495 1.00 11.18 ? 181 VAL A CG2 1 
ATOM   1000 N  N   . LEU A 1 127 ? -6.597  2.162   -12.519 1.00 9.56  ? 182 LEU A N   1 
ATOM   1001 C  CA  . LEU A 1 127 ? -6.969  2.291   -11.107 1.00 8.82  ? 182 LEU A CA  1 
ATOM   1002 C  C   . LEU A 1 127 ? -8.005  1.242   -10.748 1.00 10.04 ? 182 LEU A C   1 
ATOM   1003 O  O   . LEU A 1 127 ? -8.928  0.980   -11.516 1.00 11.57 ? 182 LEU A O   1 
ATOM   1004 C  CB  . LEU A 1 127 ? -7.518  3.672   -10.817 1.00 10.65 ? 182 LEU A CB  1 
ATOM   1005 C  CG  . LEU A 1 127 ? -6.579  4.852   -11.037 1.00 8.06  ? 182 LEU A CG  1 
ATOM   1006 C  CD1 . LEU A 1 127 ? -7.297  6.159   -10.796 1.00 13.37 ? 182 LEU A CD1 1 
ATOM   1007 C  CD2 . LEU A 1 127 ? -5.394  4.730   -10.101 1.00 10.10 ? 182 LEU A CD2 1 
ATOM   1008 N  N   . PRO A 1 128 ? -7.861  0.640   -9.565  1.00 10.14 ? 183 PRO A N   1 
ATOM   1009 C  CA  . PRO A 1 128 ? -8.753  -0.456  -9.181  1.00 11.79 ? 183 PRO A CA  1 
ATOM   1010 C  C   . PRO A 1 128 ? -10.123 0.087   -8.825  1.00 13.82 ? 183 PRO A C   1 
ATOM   1011 O  O   . PRO A 1 128 ? -10.273 0.899   -7.913  1.00 16.20 ? 183 PRO A O   1 
ATOM   1012 C  CB  . PRO A 1 128 ? -8.063  -1.057  -7.954  1.00 10.54 ? 183 PRO A CB  1 
ATOM   1013 C  CG  . PRO A 1 128 ? -7.281  0.102   -7.360  1.00 6.38  ? 183 PRO A CG  1 
ATOM   1014 C  CD  . PRO A 1 128 ? -6.796  0.880   -8.575  1.00 8.12  ? 183 PRO A CD  1 
ATOM   1015 N  N   . GLN A 1 129 ? -11.126 -0.340  -9.575  1.00 15.47 ? 184 GLN A N   1 
ATOM   1016 C  CA  . GLN A 1 129 ? -12.474 0.133   -9.343  1.00 15.19 ? 184 GLN A CA  1 
ATOM   1017 C  C   . GLN A 1 129 ? -12.954 -0.273  -7.955  1.00 16.28 ? 184 GLN A C   1 
ATOM   1018 O  O   . GLN A 1 129 ? -12.704 -1.389  -7.516  1.00 17.06 ? 184 GLN A O   1 
ATOM   1019 C  CB  . GLN A 1 129 ? -13.390 -0.454  -10.414 1.00 24.25 ? 184 GLN A CB  1 
ATOM   1020 C  CG  . GLN A 1 129 ? -14.799 0.089   -10.407 1.00 33.93 ? 184 GLN A CG  1 
ATOM   1021 C  CD  . GLN A 1 129 ? -15.373 0.147   -11.806 1.00 36.60 ? 184 GLN A CD  1 
ATOM   1022 O  OE1 . GLN A 1 129 ? -14.673 0.512   -12.757 1.00 44.57 ? 184 GLN A OE1 1 
ATOM   1023 N  NE2 . GLN A 1 129 ? -16.642 -0.221  -11.947 1.00 40.27 ? 184 GLN A NE2 1 
ATOM   1024 N  N   . GLY A 1 130 ? -13.616 0.643   -7.256  1.00 18.45 ? 185 GLY A N   1 
ATOM   1025 C  CA  . GLY A 1 130 ? -14.221 0.311   -5.977  1.00 18.02 ? 185 GLY A CA  1 
ATOM   1026 C  C   . GLY A 1 130 ? -13.339 0.668   -4.804  1.00 22.33 ? 185 GLY A C   1 
ATOM   1027 O  O   . GLY A 1 130 ? -13.654 0.368   -3.649  1.00 21.64 ? 185 GLY A O   1 
ATOM   1028 N  N   . TYR A 1 131 ? -12.223 1.318   -5.109  1.00 15.76 ? 186 TYR A N   1 
ATOM   1029 C  CA  . TYR A 1 131 ? -11.286 1.754   -4.093  1.00 14.74 ? 186 TYR A CA  1 
ATOM   1030 C  C   . TYR A 1 131 ? -11.092 3.250   -4.189  1.00 16.73 ? 186 TYR A C   1 
ATOM   1031 O  O   . TYR A 1 131 ? -11.081 3.811   -5.289  1.00 15.88 ? 186 TYR A O   1 
ATOM   1032 C  CB  . TYR A 1 131 ? -9.958  1.012   -4.252  1.00 17.55 ? 186 TYR A CB  1 
ATOM   1033 C  CG  . TYR A 1 131 ? -10.073 -0.439  -3.891  1.00 13.76 ? 186 TYR A CG  1 
ATOM   1034 C  CD1 . TYR A 1 131 ? -10.589 -1.361  -4.789  1.00 13.00 ? 186 TYR A CD1 1 
ATOM   1035 C  CD2 . TYR A 1 131 ? -9.694  -0.884  -2.642  1.00 11.82 ? 186 TYR A CD2 1 
ATOM   1036 C  CE1 . TYR A 1 131 ? -10.708 -2.681  -4.455  1.00 18.04 ? 186 TYR A CE1 1 
ATOM   1037 C  CE2 . TYR A 1 131 ? -9.809  -2.201  -2.300  1.00 13.83 ? 186 TYR A CE2 1 
ATOM   1038 C  CZ  . TYR A 1 131 ? -10.327 -3.094  -3.203  1.00 16.41 ? 186 TYR A CZ  1 
ATOM   1039 O  OH  . TYR A 1 131 ? -10.435 -4.413  -2.853  1.00 20.26 ? 186 TYR A OH  1 
ATOM   1040 N  N   . TYR A 1 132 ? -10.964 3.895   -3.032  1.00 19.31 ? 187 TYR A N   1 
ATOM   1041 C  CA  . TYR A 1 132 ? -10.759 5.336   -2.952  1.00 15.97 ? 187 TYR A CA  1 
ATOM   1042 C  C   . TYR A 1 132 ? -9.339  5.605   -2.484  1.00 16.47 ? 187 TYR A C   1 
ATOM   1043 O  O   . TYR A 1 132 ? -8.891  5.039   -1.482  1.00 16.87 ? 187 TYR A O   1 
ATOM   1044 C  CB  . TYR A 1 132 ? -11.764 5.978   -1.991  1.00 21.36 ? 187 TYR A CB  1 
ATOM   1045 C  CG  . TYR A 1 132 ? -11.481 7.440   -1.734  1.00 22.70 ? 187 TYR A CG  1 
ATOM   1046 C  CD1 . TYR A 1 132 ? -11.623 8.383   -2.754  1.00 25.77 ? 187 TYR A CD1 1 
ATOM   1047 C  CD2 . TYR A 1 132 ? -11.053 7.883   -0.486  1.00 21.61 ? 187 TYR A CD2 1 
ATOM   1048 C  CE1 . TYR A 1 132 ? -11.358 9.727   -2.529  1.00 28.40 ? 187 TYR A CE1 1 
ATOM   1049 C  CE2 . TYR A 1 132 ? -10.778 9.226   -0.252  1.00 24.33 ? 187 TYR A CE2 1 
ATOM   1050 C  CZ  . TYR A 1 132 ? -10.936 10.142  -1.277  1.00 29.45 ? 187 TYR A CZ  1 
ATOM   1051 O  OH  . TYR A 1 132 ? -10.671 11.476  -1.049  1.00 34.05 ? 187 TYR A OH  1 
ATOM   1052 N  N   . ILE A 1 133 ? -8.619  6.444   -3.220  1.00 17.10 ? 188 ILE A N   1 
ATOM   1053 C  CA  . ILE A 1 133 ? -7.257  6.798   -2.837  1.00 13.22 ? 188 ILE A CA  1 
ATOM   1054 C  C   . ILE A 1 133 ? -7.285  7.964   -1.866  1.00 21.90 ? 188 ILE A C   1 
ATOM   1055 O  O   . ILE A 1 133 ? -7.641  9.089   -2.240  1.00 21.43 ? 188 ILE A O   1 
ATOM   1056 C  CB  . ILE A 1 133 ? -6.397  7.169   -4.064  1.00 13.98 ? 188 ILE A CB  1 
ATOM   1057 C  CG1 . ILE A 1 133 ? -6.264  5.956   -4.995  1.00 14.85 ? 188 ILE A CG1 1 
ATOM   1058 C  CG2 . ILE A 1 133 ? -5.029  7.656   -3.617  1.00 18.25 ? 188 ILE A CG2 1 
ATOM   1059 C  CD1 . ILE A 1 133 ? -5.723  6.289   -6.379  1.00 15.79 ? 188 ILE A CD1 1 
ATOM   1060 N  N   . GLU A 1 134 ? -6.913  7.692   -0.622  1.00 15.30 ? 189 GLU A N   1 
ATOM   1061 C  CA  . GLU A 1 134 ? -6.885  8.717   0.413   1.00 22.02 ? 189 GLU A CA  1 
ATOM   1062 C  C   . GLU A 1 134 ? -6.062  9.929   -0.024  1.00 23.93 ? 189 GLU A C   1 
ATOM   1063 O  O   . GLU A 1 134 ? -4.960  9.787   -0.563  1.00 15.56 ? 189 GLU A O   1 
ATOM   1064 C  CB  . GLU A 1 134 ? -6.340  8.141   1.720   1.00 16.19 ? 189 GLU A CB  1 
ATOM   1065 C  CG  . GLU A 1 134 ? -7.223  7.069   2.367   1.00 20.12 ? 189 GLU A CG  1 
ATOM   1066 C  CD  . GLU A 1 134 ? -8.620  7.565   2.751   1.00 25.87 ? 189 GLU A CD  1 
ATOM   1067 O  OE1 . GLU A 1 134 ? -9.523  6.721   2.921   1.00 26.80 ? 189 GLU A OE1 1 
ATOM   1068 O  OE2 . GLU A 1 134 ? -8.814  8.787   2.908   1.00 31.70 ? 189 GLU A OE2 1 
ATOM   1069 N  N   . GLY A 1 135 ? -6.615  11.123  0.179   1.00 28.34 ? 190 GLY A N   1 
ATOM   1070 C  CA  . GLY A 1 135 ? -5.937  12.343  -0.227  1.00 26.19 ? 190 GLY A CA  1 
ATOM   1071 C  C   . GLY A 1 135 ? -6.307  12.804  -1.631  1.00 33.79 ? 190 GLY A C   1 
ATOM   1072 O  O   . GLY A 1 135 ? -5.803  13.825  -2.101  1.00 38.90 ? 190 GLY A O   1 
ATOM   1073 N  N   . SER A 1 136 ? -7.174  12.052  -2.309  1.00 35.28 ? 191 SER A N   1 
ATOM   1074 C  CA  . SER A 1 136 ? -7.605  12.416  -3.661  1.00 34.73 ? 191 SER A CA  1 
ATOM   1075 C  C   . SER A 1 136 ? -8.969  13.102  -3.630  1.00 38.64 ? 191 SER A C   1 
ATOM   1076 O  O   . SER A 1 136 ? -9.540  13.302  -2.555  1.00 37.80 ? 191 SER A O   1 
ATOM   1077 C  CB  . SER A 1 136 ? -7.649  11.188  -4.580  1.00 29.45 ? 191 SER A CB  1 
ATOM   1078 O  OG  . SER A 1 136 ? -8.764  10.363  -4.287  1.00 34.18 ? 191 SER A OG  1 
ATOM   1079 O  OXT . SER A 1 136 ? -9.520  13.482  -4.671  1.00 42.00 ? 191 SER A OXT 1 
HETATM 1080 O  O   . CQD B 2 .   ? 0.997   6.949   9.203   1.00 44.92 ? 201 CQD A O   1 
HETATM 1081 C  C   . CQD B 2 .   ? -0.263  6.379   9.337   1.00 47.39 ? 201 CQD A C   1 
HETATM 1082 C  CAS . CQD B 2 .   ? -0.238  5.003   8.666   1.00 37.69 ? 201 CQD A CAS 1 
HETATM 1083 N  NAM . CQD B 2 .   ? 1.113   4.395   8.642   1.00 30.44 ? 201 CQD A NAM 1 
HETATM 1084 C  CAE . CQD B 2 .   ? 1.127   3.327   7.614   1.00 25.14 ? 201 CQD A CAE 1 
HETATM 1085 C  CAD . CQD B 2 .   ? 0.191   2.183   7.981   1.00 24.45 ? 201 CQD A CAD 1 
HETATM 1086 C  CAF . CQD B 2 .   ? -0.821  2.563   9.045   1.00 35.82 ? 201 CQD A CAF 1 
HETATM 1087 C  CD2 . CQD B 2 .   ? -1.309  3.960   9.083   1.00 37.07 ? 201 CQD A CD2 1 
HETATM 1088 C  CG  . CQD B 2 .   ? -1.914  4.253   10.476  1.00 46.41 ? 201 CQD A CG  1 
HETATM 1089 O  OD1 . CQD B 2 .   ? -1.223  3.567   11.407  1.00 50.84 ? 201 CQD A OD1 1 
HETATM 1090 C  CB  . CQD B 2 .   ? -1.988  5.726   10.934  1.00 51.82 ? 201 CQD A CB  1 
HETATM 1091 CL CL  . CQD B 2 .   ? -2.402  5.763   12.627  1.00 72.60 ? 201 CQD A CL  1 
HETATM 1092 C  CA  . CQD B 2 .   ? -0.723  6.393   10.775  1.00 49.85 ? 201 CQD A CA  1 
HETATM 1093 N  N   . CQD B 2 .   ? -0.914  7.736   11.465  1.00 54.63 ? 201 CQD A N   1 
HETATM 1094 C  CAG . CQD B 2 .   ? -0.590  8.937   10.722  1.00 51.73 ? 201 CQD A CAG 1 
HETATM 1095 C  CAJ . CQD B 2 .   ? -1.517  9.416   9.619   1.00 55.99 ? 201 CQD A CAJ 1 
HETATM 1096 N  NAV . CQD B 2 .   ? -0.837  9.742   8.356   1.00 49.46 ? 201 CQD A NAV 1 
HETATM 1097 C  CAK . CQD B 2 .   ? -1.633  10.491  7.456   1.00 48.96 ? 201 CQD A CAK 1 
HETATM 1098 C  CAH . CQD B 2 .   ? -0.897  11.473  6.569   1.00 45.73 ? 201 CQD A CAH 1 
HETATM 1099 O  OAO . CQD B 2 .   ? 0.038   12.188  7.338   1.00 41.81 ? 201 CQD A OAO 1 
HETATM 1100 C  CAI . CQD B 2 .   ? 1.049   11.347  7.839   1.00 34.63 ? 201 CQD A CAI 1 
HETATM 1101 C  CAL . CQD B 2 .   ? 0.547   10.065  8.482   1.00 42.57 ? 201 CQD A CAL 1 
HETATM 1102 O  O   . HOH C 3 .   ? 0.197   3.716   1.507   1.00 6.63  ? 301 HOH A O   1 
HETATM 1103 O  O   . HOH C 3 .   ? 2.252   9.116   -4.392  1.00 7.65  ? 302 HOH A O   1 
HETATM 1104 O  O   . HOH C 3 .   ? -2.705  -0.859  -12.710 1.00 9.33  ? 303 HOH A O   1 
HETATM 1105 O  O   . HOH C 3 .   ? -11.806 -4.304  7.197   1.00 20.28 ? 304 HOH A O   1 
HETATM 1106 O  O   . HOH C 3 .   ? 6.070   2.979   2.321   1.00 7.13  ? 305 HOH A O   1 
HETATM 1107 O  O   . HOH C 3 .   ? -9.877  -4.926  -0.036  1.00 13.08 ? 306 HOH A O   1 
HETATM 1108 O  O   . HOH C 3 .   ? -12.796 -9.849  17.434  1.00 13.26 ? 307 HOH A O   1 
HETATM 1109 O  O   . HOH C 3 .   ? 8.005   5.324   -5.273  1.00 10.39 ? 308 HOH A O   1 
HETATM 1110 O  O   . HOH C 3 .   ? -3.254  8.918   -9.112  1.00 11.47 ? 309 HOH A O   1 
HETATM 1111 O  O   . HOH C 3 .   ? -4.936  -6.184  8.824   1.00 18.65 ? 310 HOH A O   1 
HETATM 1112 O  O   . HOH C 3 .   ? 0.618   6.384   5.911   1.00 14.93 ? 311 HOH A O   1 
HETATM 1113 O  O   . HOH C 3 .   ? 9.096   -7.221  1.348   1.00 14.20 ? 312 HOH A O   1 
HETATM 1114 O  O   . HOH C 3 .   ? 8.448   1.447   3.095   1.00 9.16  ? 313 HOH A O   1 
HETATM 1115 O  O   . HOH C 3 .   ? -8.103  -12.499 0.727   1.00 23.93 ? 314 HOH A O   1 
HETATM 1116 O  O   . HOH C 3 .   ? 1.457   2.795   -11.784 1.00 8.58  ? 315 HOH A O   1 
HETATM 1117 O  O   . HOH C 3 .   ? -6.167  -1.696  -11.165 1.00 12.57 ? 316 HOH A O   1 
HETATM 1118 O  O   . HOH C 3 .   ? -3.584  -7.367  -12.904 1.00 20.46 ? 317 HOH A O   1 
HETATM 1119 O  O   . HOH C 3 .   ? 17.157  -2.876  -11.566 1.00 12.15 ? 318 HOH A O   1 
HETATM 1120 O  O   . HOH C 3 .   ? 0.920   -9.084  -7.416  1.00 15.41 ? 319 HOH A O   1 
HETATM 1121 O  O   . HOH C 3 .   ? -11.350 -3.573  -8.514  1.00 21.51 ? 320 HOH A O   1 
HETATM 1122 O  O   . HOH C 3 .   ? 12.650  -8.186  -11.036 1.00 16.21 ? 321 HOH A O   1 
HETATM 1123 O  O   . HOH C 3 .   ? 11.166  8.649   -0.437  1.00 25.43 ? 322 HOH A O   1 
HETATM 1124 O  O   . HOH C 3 .   ? 6.723   -0.553  -15.126 1.00 15.70 ? 323 HOH A O   1 
HETATM 1125 O  O   . HOH C 3 .   ? -14.937 -5.567  9.620   1.00 34.58 ? 324 HOH A O   1 
HETATM 1126 O  O   . HOH C 3 .   ? -4.417  -11.186 -0.325  1.00 22.69 ? 325 HOH A O   1 
HETATM 1127 O  O   . HOH C 3 .   ? 1.453   13.132  -3.888  1.00 20.78 ? 326 HOH A O   1 
HETATM 1128 O  O   . HOH C 3 .   ? -3.877  10.989  -2.881  1.00 16.77 ? 327 HOH A O   1 
HETATM 1129 O  O   . HOH C 3 .   ? -4.109  10.075  -6.609  1.00 21.43 ? 328 HOH A O   1 
HETATM 1130 O  O   . HOH C 3 .   ? -4.066  13.490  -4.096  1.00 30.56 ? 329 HOH A O   1 
HETATM 1131 O  O   . HOH C 3 .   ? -9.268  3.612   -7.264  1.00 21.59 ? 330 HOH A O   1 
HETATM 1132 O  O   . HOH C 3 .   ? -5.430  -5.671  16.462  1.00 30.02 ? 331 HOH A O   1 
HETATM 1133 O  O   . HOH C 3 .   ? -10.878 -2.191  -11.873 1.00 20.89 ? 332 HOH A O   1 
HETATM 1134 O  O   . HOH C 3 .   ? 3.461   -10.866 -7.939  1.00 22.38 ? 333 HOH A O   1 
HETATM 1135 O  O   . HOH C 3 .   ? 5.268   -13.876 6.404   1.00 31.66 ? 334 HOH A O   1 
HETATM 1136 O  O   . HOH C 3 .   ? -10.253 0.087   -13.752 1.00 16.05 ? 335 HOH A O   1 
HETATM 1137 O  O   . HOH C 3 .   ? 19.824  -9.634  -9.740  1.00 24.68 ? 336 HOH A O   1 
HETATM 1138 O  O   . HOH C 3 .   ? 8.281   7.058   -7.694  1.00 21.97 ? 337 HOH A O   1 
HETATM 1139 O  O   . HOH C 3 .   ? -5.995  2.386   8.803   1.00 28.37 ? 338 HOH A O   1 
HETATM 1140 O  O   . HOH C 3 .   ? -14.313 -6.775  3.870   1.00 31.00 ? 339 HOH A O   1 
HETATM 1141 O  O   . HOH C 3 .   ? 4.122   3.814   -18.444 1.00 42.33 ? 340 HOH A O   1 
HETATM 1142 O  O   . HOH C 3 .   ? -9.069  -7.749  -3.222  1.00 27.29 ? 341 HOH A O   1 
HETATM 1143 O  O   . HOH C 3 .   ? 0.073   -12.328 -2.211  1.00 19.01 ? 342 HOH A O   1 
HETATM 1144 O  O   . HOH C 3 .   ? 18.370  3.626   -11.288 1.00 34.24 ? 343 HOH A O   1 
HETATM 1145 O  O   . HOH C 3 .   ? 13.332  -3.154  6.947   1.00 29.34 ? 344 HOH A O   1 
HETATM 1146 O  O   . HOH C 3 .   ? 8.460   -7.420  9.220   1.00 26.56 ? 345 HOH A O   1 
HETATM 1147 O  O   . HOH C 3 .   ? -3.321  -2.868  15.344  1.00 25.38 ? 346 HOH A O   1 
HETATM 1148 O  O   . HOH C 3 .   ? -0.134  -2.734  13.661  1.00 18.83 ? 347 HOH A O   1 
HETATM 1149 O  O   . HOH C 3 .   ? 6.014   14.779  -1.743  1.00 30.09 ? 348 HOH A O   1 
HETATM 1150 O  O   . HOH C 3 .   ? -5.950  -8.451  -4.026  1.00 19.47 ? 349 HOH A O   1 
HETATM 1151 O  O   . HOH C 3 .   ? -3.034  -13.232 -1.712  1.00 27.94 ? 350 HOH A O   1 
HETATM 1152 O  O   . HOH C 3 .   ? -11.177 16.731  -1.149  1.00 36.93 ? 351 HOH A O   1 
HETATM 1153 O  O   . HOH C 3 .   ? -3.095  -5.061  12.311  1.00 33.12 ? 352 HOH A O   1 
HETATM 1154 O  O   . HOH C 3 .   ? -4.412  7.266   4.577   1.00 13.90 ? 353 HOH A O   1 
HETATM 1155 O  O   . HOH C 3 .   ? 3.141   7.433   -17.423 1.00 20.27 ? 354 HOH A O   1 
HETATM 1156 O  O   . HOH C 3 .   ? 0.620   -1.807  8.176   1.00 24.19 ? 355 HOH A O   1 
HETATM 1157 O  O   . HOH C 3 .   ? 14.586  9.627   3.197   1.00 45.56 ? 356 HOH A O   1 
HETATM 1158 O  O   . HOH C 3 .   ? 1.169   18.261  5.737   1.00 38.12 ? 357 HOH A O   1 
HETATM 1159 O  O   . HOH C 3 .   ? -14.260 2.957   -8.187  1.00 26.71 ? 358 HOH A O   1 
HETATM 1160 O  O   . HOH C 3 .   ? -5.547  6.487   12.633  1.00 35.95 ? 359 HOH A O   1 
HETATM 1161 O  O   . HOH C 3 .   ? 8.233   3.802   5.433   1.00 25.54 ? 360 HOH A O   1 
HETATM 1162 O  O   . HOH C 3 .   ? 11.797  -10.726 -3.107  1.00 18.40 ? 361 HOH A O   1 
HETATM 1163 O  O   . HOH C 3 .   ? 18.319  1.629   3.847   1.00 40.09 ? 362 HOH A O   1 
HETATM 1164 O  O   . HOH C 3 .   ? -3.778  12.604  -7.824  1.00 29.07 ? 363 HOH A O   1 
HETATM 1165 O  O   . HOH C 3 .   ? -13.592 -6.576  1.525   1.00 26.02 ? 364 HOH A O   1 
HETATM 1166 O  O   . HOH C 3 .   ? -20.287 2.661   -0.567  1.00 40.90 ? 365 HOH A O   1 
HETATM 1167 O  O   . HOH C 3 .   ? 14.725  12.272  5.177   1.00 39.67 ? 366 HOH A O   1 
HETATM 1168 O  O   . HOH C 3 .   ? 3.155   -4.127  -10.599 1.00 7.61  ? 367 HOH A O   1 
HETATM 1169 O  O   . HOH C 3 .   ? 1.477   12.713  -12.601 1.00 37.39 ? 368 HOH A O   1 
HETATM 1170 O  O   . HOH C 3 .   ? 15.563  9.719   6.084   1.00 47.46 ? 369 HOH A O   1 
HETATM 1171 O  O   . HOH C 3 .   ? 15.323  -7.845  2.432   1.00 32.45 ? 370 HOH A O   1 
HETATM 1172 O  O   . HOH C 3 .   ? 10.636  -1.667  7.972   1.00 19.63 ? 371 HOH A O   1 
HETATM 1173 O  O   . HOH C 3 .   ? -3.902  -9.255  -9.704  1.00 21.49 ? 372 HOH A O   1 
HETATM 1174 O  O   . HOH C 3 .   ? 20.274  7.604   3.048   1.00 48.67 ? 373 HOH A O   1 
HETATM 1175 O  O   . HOH C 3 .   ? -21.704 -0.292  -9.394  1.00 43.63 ? 374 HOH A O   1 
HETATM 1176 O  O   . HOH C 3 .   ? 13.598  -14.560 8.888   1.00 36.41 ? 375 HOH A O   1 
HETATM 1177 O  O   . HOH C 3 .   ? -5.286  16.997  -4.429  1.00 41.05 ? 376 HOH A O   1 
HETATM 1178 O  O   . HOH C 3 .   ? 20.463  -3.052  -1.682  1.00 41.68 ? 377 HOH A O   1 
HETATM 1179 O  O   . HOH C 3 .   ? -14.315 9.394   4.506   1.00 45.91 ? 378 HOH A O   1 
HETATM 1180 O  O   . HOH C 3 .   ? -2.728  17.747  -1.647  1.00 41.24 ? 379 HOH A O   1 
HETATM 1181 O  O   . HOH C 3 .   ? 3.124   -17.597 -6.843  1.00 28.66 ? 380 HOH A O   1 
HETATM 1182 O  O   . HOH C 3 .   ? 0.267   17.547  12.542  1.00 43.70 ? 381 HOH A O   1 
HETATM 1183 O  O   . HOH C 3 .   ? -9.838  9.042   15.141  1.00 48.85 ? 382 HOH A O   1 
HETATM 1184 O  O   . HOH C 3 .   ? 5.416   -11.918 -9.541  1.00 26.38 ? 383 HOH A O   1 
HETATM 1185 O  O   . HOH C 3 .   ? -0.445  14.694  -4.942  1.00 32.33 ? 384 HOH A O   1 
HETATM 1186 O  O   . HOH C 3 .   ? 4.852   -7.699  -10.329 1.00 21.91 ? 385 HOH A O   1 
HETATM 1187 O  O   . HOH C 3 .   ? 13.597  -8.015  0.036   1.00 21.88 ? 386 HOH A O   1 
HETATM 1188 O  O   . HOH C 3 .   ? 15.655  0.976   -18.685 1.00 18.17 ? 387 HOH A O   1 
HETATM 1189 O  O   . HOH C 3 .   ? 9.185   13.498  0.913   1.00 39.19 ? 388 HOH A O   1 
HETATM 1190 O  O   . HOH C 3 .   ? -13.665 11.044  12.538  1.00 47.57 ? 389 HOH A O   1 
HETATM 1191 O  O   . HOH C 3 .   ? 4.119   3.313   -16.271 1.00 40.95 ? 390 HOH A O   1 
HETATM 1192 O  O   . HOH C 3 .   ? -3.753  -14.289 -6.130  1.00 49.89 ? 391 HOH A O   1 
HETATM 1193 O  O   . HOH C 3 .   ? 14.051  -9.961  -1.983  1.00 33.99 ? 392 HOH A O   1 
HETATM 1194 O  O   . HOH C 3 .   ? 1.147   20.564  12.245  1.00 47.28 ? 393 HOH A O   1 
HETATM 1195 O  O   . HOH C 3 .   ? -0.552  22.699  9.224   1.00 40.68 ? 394 HOH A O   1 
HETATM 1196 O  O   . HOH C 3 .   ? -14.905 10.821  -2.618  1.00 38.89 ? 395 HOH A O   1 
HETATM 1197 O  O   . HOH C 3 .   ? 8.286   2.076   -14.470 1.00 23.96 ? 396 HOH A O   1 
HETATM 1198 O  O   . HOH C 3 .   ? 22.427  8.391   3.482   1.00 37.09 ? 397 HOH A O   1 
HETATM 1199 O  O   . HOH C 3 .   ? -22.922 -9.022  5.286   1.00 53.42 ? 398 HOH A O   1 
HETATM 1200 O  O   . HOH C 3 .   ? -8.862  5.835   9.770   1.00 39.10 ? 399 HOH A O   1 
# 
loop_
_pdbx_poly_seq_scheme.asym_id 
_pdbx_poly_seq_scheme.entity_id 
_pdbx_poly_seq_scheme.seq_id 
_pdbx_poly_seq_scheme.mon_id 
_pdbx_poly_seq_scheme.ndb_seq_num 
_pdbx_poly_seq_scheme.pdb_seq_num 
_pdbx_poly_seq_scheme.auth_seq_num 
_pdbx_poly_seq_scheme.pdb_mon_id 
_pdbx_poly_seq_scheme.auth_mon_id 
_pdbx_poly_seq_scheme.pdb_strand_id 
_pdbx_poly_seq_scheme.pdb_ins_code 
_pdbx_poly_seq_scheme.hetero 
A 1 1   GLU 1   56  56  GLU GLU A . n 
A 1 2   PHE 2   57  57  PHE PHE A . n 
A 1 3   ASN 3   58  58  ASN ASN A . n 
A 1 4   VAL 4   59  59  VAL VAL A . n 
A 1 5   VAL 5   60  60  VAL VAL A . n 
A 1 6   PRO 6   61  61  PRO PRO A . n 
A 1 7   TYR 7   62  62  TYR TYR A . n 
A 1 8   TYR 8   63  63  TYR TYR A . n 
A 1 9   SER 9   64  64  SER SER A . n 
A 1 10  TRP 10  65  65  TRP TRP A . n 
A 1 11  PHE 11  66  66  PHE PHE A . n 
A 1 12  SER 12  67  67  SER SER A . n 
A 1 13  GLY 13  68  68  GLY GLY A . n 
A 1 14  ILE 14  69  69  ILE ILE A . n 
A 1 15  THR 15  70  70  THR THR A . n 
A 1 16  GLN 16  71  71  GLN GLN A . n 
A 1 17  PHE 17  72  72  PHE PHE A . n 
A 1 18  GLN 18  73  73  GLN GLN A . n 
A 1 19  LYS 19  74  74  LYS LYS A . n 
A 1 20  GLY 20  75  75  GLY GLY A . n 
A 1 21  LYS 21  76  76  LYS LYS A . n 
A 1 22  GLU 22  77  77  GLU GLU A . n 
A 1 23  PHE 23  78  78  PHE PHE A . n 
A 1 24  GLU 24  79  79  GLU GLU A . n 
A 1 25  PHE 25  80  80  PHE PHE A . n 
A 1 26  VAL 26  81  81  VAL VAL A . n 
A 1 27  GLU 27  82  82  GLU GLU A . n 
A 1 28  GLY 28  83  83  GLY GLY A . n 
A 1 29  GLN 29  84  84  GLN GLN A . n 
A 1 30  GLY 30  85  85  GLY GLY A . n 
A 1 31  VAL 31  86  86  VAL VAL A . n 
A 1 32  PRO 32  87  87  PRO PRO A . n 
A 1 33  ILE 33  88  88  ILE ILE A . n 
A 1 34  ALA 34  89  89  ALA ALA A . n 
A 1 35  PRO 35  90  90  PRO PRO A . n 
A 1 36  GLY 36  91  91  GLY GLY A . n 
A 1 37  VAL 37  92  92  VAL VAL A . n 
A 1 38  PRO 38  93  93  PRO PRO A . n 
A 1 39  ALA 39  94  94  ALA ALA A . n 
A 1 40  THR 40  95  95  THR THR A . n 
A 1 41  GLU 41  96  96  GLU GLU A . n 
A 1 42  ALA 42  97  97  ALA ALA A . n 
A 1 43  LYS 43  98  98  LYS LYS A . n 
A 1 44  GLY 44  99  99  GLY GLY A . n 
A 1 45  TYR 45  100 100 TYR TYR A . n 
A 1 46  TRP 46  101 101 TRP TRP A . n 
A 1 47  TYR 47  102 102 TYR TYR A . n 
A 1 48  ARG 48  103 103 ARG ARG A . n 
A 1 49  HIS 49  104 104 HIS HIS A . n 
A 1 50  ASN 50  105 105 ASN ASN A . n 
A 1 51  ARG 51  106 106 ARG ARG A . n 
A 1 52  ARG 52  107 107 ARG ARG A . n 
A 1 53  SER 53  108 108 SER SER A . n 
A 1 54  PHE 54  109 109 PHE PHE A . n 
A 1 55  LYS 55  110 110 LYS LYS A . n 
A 1 56  THR 56  111 111 THR THR A . n 
A 1 57  ALA 57  112 112 ALA ALA A . n 
A 1 58  ASP 58  113 113 ASP ASP A . n 
A 1 59  GLY 59  114 114 GLY GLY A . n 
A 1 60  ASN 60  115 115 ASN ASN A . n 
A 1 61  GLN 61  116 ?   ?   ?   A . n 
A 1 62  ARG 62  117 ?   ?   ?   A . n 
A 1 63  GLN 63  118 118 GLN GLN A . n 
A 1 64  LEU 64  119 119 LEU LEU A . n 
A 1 65  LEU 65  120 120 LEU LEU A . n 
A 1 66  PRO 66  121 121 PRO PRO A . n 
A 1 67  ARG 67  122 122 ARG ARG A . n 
A 1 68  TRP 68  123 123 TRP TRP A . n 
A 1 69  TYR 69  124 124 TYR TYR A . n 
A 1 70  PHE 70  125 125 PHE PHE A . n 
A 1 71  TYR 71  126 126 TYR TYR A . n 
A 1 72  TYR 72  127 127 TYR TYR A . n 
A 1 73  LEU 73  128 128 LEU LEU A . n 
A 1 74  GLY 74  129 129 GLY GLY A . n 
A 1 75  THR 75  130 130 THR THR A . n 
A 1 76  GLY 76  131 131 GLY GLY A . n 
A 1 77  PRO 77  132 132 PRO PRO A . n 
A 1 78  HIS 78  133 133 HIS HIS A . n 
A 1 79  ALA 79  134 134 ALA ALA A . n 
A 1 80  LYS 80  135 135 LYS LYS A . n 
A 1 81  ASP 81  136 136 ASP ASP A . n 
A 1 82  GLN 82  137 137 GLN GLN A . n 
A 1 83  TYR 83  138 138 TYR TYR A . n 
A 1 84  GLY 84  139 139 GLY GLY A . n 
A 1 85  THR 85  140 140 THR THR A . n 
A 1 86  ASP 86  141 141 ASP ASP A . n 
A 1 87  ILE 87  142 142 ILE ILE A . n 
A 1 88  ASP 88  143 143 ASP ASP A . n 
A 1 89  GLY 89  144 144 GLY GLY A . n 
A 1 90  VAL 90  145 145 VAL VAL A . n 
A 1 91  TYR 91  146 146 TYR TYR A . n 
A 1 92  TRP 92  147 147 TRP TRP A . n 
A 1 93  VAL 93  148 148 VAL VAL A . n 
A 1 94  ALA 94  149 149 ALA ALA A . n 
A 1 95  SER 95  150 150 SER SER A . n 
A 1 96  ASN 96  151 151 ASN ASN A . n 
A 1 97  GLN 97  152 152 GLN GLN A . n 
A 1 98  ALA 98  153 153 ALA ALA A . n 
A 1 99  ASP 99  154 154 ASP ASP A . n 
A 1 100 VAL 100 155 155 VAL VAL A . n 
A 1 101 ASN 101 156 156 ASN ASN A . n 
A 1 102 THR 102 157 157 THR THR A . n 
A 1 103 PRO 103 158 158 PRO PRO A . n 
A 1 104 ALA 104 159 159 ALA ALA A . n 
A 1 105 ASP 105 160 160 ASP ASP A . n 
A 1 106 ILE 106 161 161 ILE ILE A . n 
A 1 107 VAL 107 162 162 VAL VAL A . n 
A 1 108 ASP 108 163 163 ASP ASP A . n 
A 1 109 ARG 109 164 164 ARG ARG A . n 
A 1 110 ASP 110 165 165 ASP ASP A . n 
A 1 111 PRO 111 166 166 PRO PRO A . n 
A 1 112 SER 112 167 167 SER SER A . n 
A 1 113 SER 113 168 168 SER SER A . n 
A 1 114 ASP 114 169 169 ASP ASP A . n 
A 1 115 GLU 115 170 170 GLU GLU A . n 
A 1 116 ALA 116 171 171 ALA ALA A . n 
A 1 117 ILE 117 172 172 ILE ILE A . n 
A 1 118 PRO 118 173 173 PRO PRO A . n 
A 1 119 THR 119 174 174 THR THR A . n 
A 1 120 ARG 120 175 175 ARG ARG A . n 
A 1 121 PHE 121 176 176 PHE PHE A . n 
A 1 122 PRO 122 177 177 PRO PRO A . n 
A 1 123 PRO 123 178 178 PRO PRO A . n 
A 1 124 GLY 124 179 179 GLY GLY A . n 
A 1 125 THR 125 180 180 THR THR A . n 
A 1 126 VAL 126 181 181 VAL VAL A . n 
A 1 127 LEU 127 182 182 LEU LEU A . n 
A 1 128 PRO 128 183 183 PRO PRO A . n 
A 1 129 GLN 129 184 184 GLN GLN A . n 
A 1 130 GLY 130 185 185 GLY GLY A . n 
A 1 131 TYR 131 186 186 TYR TYR A . n 
A 1 132 TYR 132 187 187 TYR TYR A . n 
A 1 133 ILE 133 188 188 ILE ILE A . n 
A 1 134 GLU 134 189 189 GLU GLU A . n 
A 1 135 GLY 135 190 190 GLY GLY A . n 
A 1 136 SER 136 191 191 SER SER A . n 
# 
loop_
_pdbx_nonpoly_scheme.asym_id 
_pdbx_nonpoly_scheme.entity_id 
_pdbx_nonpoly_scheme.mon_id 
_pdbx_nonpoly_scheme.ndb_seq_num 
_pdbx_nonpoly_scheme.pdb_seq_num 
_pdbx_nonpoly_scheme.auth_seq_num 
_pdbx_nonpoly_scheme.pdb_mon_id 
_pdbx_nonpoly_scheme.auth_mon_id 
_pdbx_nonpoly_scheme.pdb_strand_id 
_pdbx_nonpoly_scheme.pdb_ins_code 
B 2 CQD 1  201 1   CQD DRG A . 
C 3 HOH 1  301 2   HOH HOH A . 
C 3 HOH 2  302 3   HOH HOH A . 
C 3 HOH 3  303 4   HOH HOH A . 
C 3 HOH 4  304 5   HOH HOH A . 
C 3 HOH 5  305 6   HOH HOH A . 
C 3 HOH 6  306 7   HOH HOH A . 
C 3 HOH 7  307 8   HOH HOH A . 
C 3 HOH 8  308 9   HOH HOH A . 
C 3 HOH 9  309 10  HOH HOH A . 
C 3 HOH 10 310 11  HOH HOH A . 
C 3 HOH 11 311 12  HOH HOH A . 
C 3 HOH 12 312 13  HOH HOH A . 
C 3 HOH 13 313 14  HOH HOH A . 
C 3 HOH 14 314 15  HOH HOH A . 
C 3 HOH 15 315 16  HOH HOH A . 
C 3 HOH 16 316 17  HOH HOH A . 
C 3 HOH 17 317 18  HOH HOH A . 
C 3 HOH 18 318 19  HOH HOH A . 
C 3 HOH 19 319 20  HOH HOH A . 
C 3 HOH 20 320 21  HOH HOH A . 
C 3 HOH 21 321 22  HOH HOH A . 
C 3 HOH 22 322 23  HOH HOH A . 
C 3 HOH 23 323 24  HOH HOH A . 
C 3 HOH 24 324 25  HOH HOH A . 
C 3 HOH 25 325 26  HOH HOH A . 
C 3 HOH 26 326 27  HOH HOH A . 
C 3 HOH 27 327 28  HOH HOH A . 
C 3 HOH 28 328 29  HOH HOH A . 
C 3 HOH 29 329 30  HOH HOH A . 
C 3 HOH 30 330 31  HOH HOH A . 
C 3 HOH 31 331 32  HOH HOH A . 
C 3 HOH 32 332 33  HOH HOH A . 
C 3 HOH 33 333 34  HOH HOH A . 
C 3 HOH 34 334 35  HOH HOH A . 
C 3 HOH 35 335 36  HOH HOH A . 
C 3 HOH 36 336 37  HOH HOH A . 
C 3 HOH 37 337 38  HOH HOH A . 
C 3 HOH 38 338 39  HOH HOH A . 
C 3 HOH 39 339 40  HOH HOH A . 
C 3 HOH 40 340 41  HOH HOH A . 
C 3 HOH 41 341 42  HOH HOH A . 
C 3 HOH 42 342 43  HOH HOH A . 
C 3 HOH 43 343 44  HOH HOH A . 
C 3 HOH 44 344 45  HOH HOH A . 
C 3 HOH 45 345 46  HOH HOH A . 
C 3 HOH 46 346 47  HOH HOH A . 
C 3 HOH 47 347 48  HOH HOH A . 
C 3 HOH 48 348 49  HOH HOH A . 
C 3 HOH 49 349 50  HOH HOH A . 
C 3 HOH 50 350 51  HOH HOH A . 
C 3 HOH 51 351 52  HOH HOH A . 
C 3 HOH 52 352 53  HOH HOH A . 
C 3 HOH 53 353 54  HOH HOH A . 
C 3 HOH 54 354 55  HOH HOH A . 
C 3 HOH 55 355 56  HOH HOH A . 
C 3 HOH 56 356 57  HOH HOH A . 
C 3 HOH 57 357 58  HOH HOH A . 
C 3 HOH 58 358 59  HOH HOH A . 
C 3 HOH 59 359 60  HOH HOH A . 
C 3 HOH 60 360 61  HOH HOH A . 
C 3 HOH 61 361 62  HOH HOH A . 
C 3 HOH 62 362 63  HOH HOH A . 
C 3 HOH 63 363 64  HOH HOH A . 
C 3 HOH 64 364 65  HOH HOH A . 
C 3 HOH 65 365 66  HOH HOH A . 
C 3 HOH 66 366 67  HOH HOH A . 
C 3 HOH 67 367 68  HOH HOH A . 
C 3 HOH 68 368 69  HOH HOH A . 
C 3 HOH 69 369 70  HOH HOH A . 
C 3 HOH 70 370 71  HOH HOH A . 
C 3 HOH 71 371 72  HOH HOH A . 
C 3 HOH 72 372 73  HOH HOH A . 
C 3 HOH 73 373 74  HOH HOH A . 
C 3 HOH 74 374 75  HOH HOH A . 
C 3 HOH 75 375 76  HOH HOH A . 
C 3 HOH 76 376 77  HOH HOH A . 
C 3 HOH 77 377 78  HOH HOH A . 
C 3 HOH 78 378 79  HOH HOH A . 
C 3 HOH 79 379 80  HOH HOH A . 
C 3 HOH 80 380 81  HOH HOH A . 
C 3 HOH 81 381 82  HOH HOH A . 
C 3 HOH 82 382 83  HOH HOH A . 
C 3 HOH 83 383 84  HOH HOH A . 
C 3 HOH 84 384 85  HOH HOH A . 
C 3 HOH 85 385 86  HOH HOH A . 
C 3 HOH 86 386 87  HOH HOH A . 
C 3 HOH 87 387 88  HOH HOH A . 
C 3 HOH 88 388 89  HOH HOH A . 
C 3 HOH 89 389 90  HOH HOH A . 
C 3 HOH 90 390 91  HOH HOH A . 
C 3 HOH 91 391 92  HOH HOH A . 
C 3 HOH 92 392 93  HOH HOH A . 
C 3 HOH 93 393 94  HOH HOH A . 
C 3 HOH 94 394 95  HOH HOH A . 
C 3 HOH 95 395 96  HOH HOH A . 
C 3 HOH 96 396 97  HOH HOH A . 
C 3 HOH 97 397 98  HOH HOH A . 
C 3 HOH 98 398 99  HOH HOH A . 
C 3 HOH 99 399 100 HOH HOH A . 
# 
_pdbx_struct_assembly.id                   1 
_pdbx_struct_assembly.details              author_and_software_defined_assembly 
_pdbx_struct_assembly.method_details       PISA 
_pdbx_struct_assembly.oligomeric_details   monomeric 
_pdbx_struct_assembly.oligomeric_count     1 
# 
_pdbx_struct_assembly_gen.assembly_id       1 
_pdbx_struct_assembly_gen.oper_expression   1 
_pdbx_struct_assembly_gen.asym_id_list      A,B,C 
# 
_pdbx_struct_oper_list.id                   1 
_pdbx_struct_oper_list.type                 'identity operation' 
_pdbx_struct_oper_list.name                 1_555 
_pdbx_struct_oper_list.symmetry_operation   x,y,z 
_pdbx_struct_oper_list.matrix[1][1]         1.0000000000 
_pdbx_struct_oper_list.matrix[1][2]         0.0000000000 
_pdbx_struct_oper_list.matrix[1][3]         0.0000000000 
_pdbx_struct_oper_list.vector[1]            0.0000000000 
_pdbx_struct_oper_list.matrix[2][1]         0.0000000000 
_pdbx_struct_oper_list.matrix[2][2]         1.0000000000 
_pdbx_struct_oper_list.matrix[2][3]         0.0000000000 
_pdbx_struct_oper_list.vector[2]            0.0000000000 
_pdbx_struct_oper_list.matrix[3][1]         0.0000000000 
_pdbx_struct_oper_list.matrix[3][2]         0.0000000000 
_pdbx_struct_oper_list.matrix[3][3]         1.0000000000 
_pdbx_struct_oper_list.vector[3]            0.0000000000 
# 
loop_
_pdbx_audit_revision_history.ordinal 
_pdbx_audit_revision_history.data_content_type 
_pdbx_audit_revision_history.major_revision 
_pdbx_audit_revision_history.minor_revision 
_pdbx_audit_revision_history.revision_date 
1 'Structure model' 1 0 2014-07-16 
2 'Structure model' 1 1 2023-11-08 
# 
_pdbx_audit_revision_details.ordinal             1 
_pdbx_audit_revision_details.revision_ordinal    1 
_pdbx_audit_revision_details.data_content_type   'Structure model' 
_pdbx_audit_revision_details.provider            repository 
_pdbx_audit_revision_details.type                'Initial release' 
_pdbx_audit_revision_details.description         ? 
_pdbx_audit_revision_details.details             ? 
# 
loop_
_pdbx_audit_revision_group.ordinal 
_pdbx_audit_revision_group.revision_ordinal 
_pdbx_audit_revision_group.data_content_type 
_pdbx_audit_revision_group.group 
1 2 'Structure model' 'Data collection'        
2 2 'Structure model' 'Database references'    
3 2 'Structure model' 'Derived calculations'   
4 2 'Structure model' 'Refinement description' 
# 
loop_
_pdbx_audit_revision_category.ordinal 
_pdbx_audit_revision_category.revision_ordinal 
_pdbx_audit_revision_category.data_content_type 
_pdbx_audit_revision_category.category 
1 2 'Structure model' chem_comp_atom                
2 2 'Structure model' chem_comp_bond                
3 2 'Structure model' database_2                    
4 2 'Structure model' pdbx_initial_refinement_model 
5 2 'Structure model' struct_ref_seq_dif            
6 2 'Structure model' struct_site                   
# 
loop_
_pdbx_audit_revision_item.ordinal 
_pdbx_audit_revision_item.revision_ordinal 
_pdbx_audit_revision_item.data_content_type 
_pdbx_audit_revision_item.item 
1 2 'Structure model' '_database_2.pdbx_DOI'                
2 2 'Structure model' '_database_2.pdbx_database_accession' 
3 2 'Structure model' '_struct_ref_seq_dif.details'         
4 2 'Structure model' '_struct_site.pdbx_auth_asym_id'      
5 2 'Structure model' '_struct_site.pdbx_auth_comp_id'      
6 2 'Structure model' '_struct_site.pdbx_auth_seq_id'       
# 
_software.name             PHENIX 
_software.classification   refinement 
_software.version          '(phenix.refine: 1.8.1_1168)' 
_software.citation_id      ? 
_software.pdbx_ordinal     1 
# 
loop_
_pdbx_validate_torsion.id 
_pdbx_validate_torsion.PDB_model_num 
_pdbx_validate_torsion.auth_comp_id 
_pdbx_validate_torsion.auth_asym_id 
_pdbx_validate_torsion.auth_seq_id 
_pdbx_validate_torsion.PDB_ins_code 
_pdbx_validate_torsion.label_alt_id 
_pdbx_validate_torsion.phi 
_pdbx_validate_torsion.psi 
1 1 ARG A 107 ? ? 59.48   140.48  
2 1 THR A 111 ? ? -117.89 -160.39 
3 1 ASP A 113 ? ? -89.99  -108.50 
4 1 ASP A 165 ? ? 88.65   159.02  
5 1 PRO A 166 ? ? -69.73  -120.39 
6 1 SER A 167 ? ? -79.04  24.47   
# 
loop_
_pdbx_unobs_or_zero_occ_residues.id 
_pdbx_unobs_or_zero_occ_residues.PDB_model_num 
_pdbx_unobs_or_zero_occ_residues.polymer_flag 
_pdbx_unobs_or_zero_occ_residues.occupancy_flag 
_pdbx_unobs_or_zero_occ_residues.auth_asym_id 
_pdbx_unobs_or_zero_occ_residues.auth_comp_id 
_pdbx_unobs_or_zero_occ_residues.auth_seq_id 
_pdbx_unobs_or_zero_occ_residues.PDB_ins_code 
_pdbx_unobs_or_zero_occ_residues.label_asym_id 
_pdbx_unobs_or_zero_occ_residues.label_comp_id 
_pdbx_unobs_or_zero_occ_residues.label_seq_id 
1 1 Y 1 A GLN 116 ? A GLN 61 
2 1 Y 1 A ARG 117 ? A ARG 62 
# 
loop_
_chem_comp_atom.comp_id 
_chem_comp_atom.atom_id 
_chem_comp_atom.type_symbol 
_chem_comp_atom.pdbx_aromatic_flag 
_chem_comp_atom.pdbx_stereo_config 
_chem_comp_atom.pdbx_ordinal 
ALA N    N  N N 1   
ALA CA   C  N S 2   
ALA C    C  N N 3   
ALA O    O  N N 4   
ALA CB   C  N N 5   
ALA OXT  O  N N 6   
ALA H    H  N N 7   
ALA H2   H  N N 8   
ALA HA   H  N N 9   
ALA HB1  H  N N 10  
ALA HB2  H  N N 11  
ALA HB3  H  N N 12  
ALA HXT  H  N N 13  
ARG N    N  N N 14  
ARG CA   C  N S 15  
ARG C    C  N N 16  
ARG O    O  N N 17  
ARG CB   C  N N 18  
ARG CG   C  N N 19  
ARG CD   C  N N 20  
ARG NE   N  N N 21  
ARG CZ   C  N N 22  
ARG NH1  N  N N 23  
ARG NH2  N  N N 24  
ARG OXT  O  N N 25  
ARG H    H  N N 26  
ARG H2   H  N N 27  
ARG HA   H  N N 28  
ARG HB2  H  N N 29  
ARG HB3  H  N N 30  
ARG HG2  H  N N 31  
ARG HG3  H  N N 32  
ARG HD2  H  N N 33  
ARG HD3  H  N N 34  
ARG HE   H  N N 35  
ARG HH11 H  N N 36  
ARG HH12 H  N N 37  
ARG HH21 H  N N 38  
ARG HH22 H  N N 39  
ARG HXT  H  N N 40  
ASN N    N  N N 41  
ASN CA   C  N S 42  
ASN C    C  N N 43  
ASN O    O  N N 44  
ASN CB   C  N N 45  
ASN CG   C  N N 46  
ASN OD1  O  N N 47  
ASN ND2  N  N N 48  
ASN OXT  O  N N 49  
ASN H    H  N N 50  
ASN H2   H  N N 51  
ASN HA   H  N N 52  
ASN HB2  H  N N 53  
ASN HB3  H  N N 54  
ASN HD21 H  N N 55  
ASN HD22 H  N N 56  
ASN HXT  H  N N 57  
ASP N    N  N N 58  
ASP CA   C  N S 59  
ASP C    C  N N 60  
ASP O    O  N N 61  
ASP CB   C  N N 62  
ASP CG   C  N N 63  
ASP OD1  O  N N 64  
ASP OD2  O  N N 65  
ASP OXT  O  N N 66  
ASP H    H  N N 67  
ASP H2   H  N N 68  
ASP HA   H  N N 69  
ASP HB2  H  N N 70  
ASP HB3  H  N N 71  
ASP HD2  H  N N 72  
ASP HXT  H  N N 73  
CQD O    O  N N 74  
CQD C    C  N N 75  
CQD CAS  C  Y N 76  
CQD NAM  N  Y N 77  
CQD CAE  C  Y N 78  
CQD CAD  C  Y N 79  
CQD CAF  C  Y N 80  
CQD CD2  C  Y N 81  
CQD CG   C  N N 82  
CQD OD1  O  N N 83  
CQD CB   C  N N 84  
CQD CL   CL N N 85  
CQD CA   C  N N 86  
CQD N    N  N N 87  
CQD CAG  C  N N 88  
CQD CAJ  C  N N 89  
CQD NAV  N  N N 90  
CQD CAK  C  N N 91  
CQD CAH  C  N N 92  
CQD OAO  O  N N 93  
CQD CAI  C  N N 94  
CQD CAL  C  N N 95  
CQD H1   H  N N 96  
CQD H2   H  N N 97  
CQD H3   H  N N 98  
CQD H6   H  N N 99  
CQD H8   H  N N 100 
CQD H9   H  N N 101 
CQD H10  H  N N 102 
CQD H11  H  N N 103 
CQD H13  H  N N 104 
CQD H14  H  N N 105 
CQD H15  H  N N 106 
CQD H16  H  N N 107 
CQD H17  H  N N 108 
CQD H18  H  N N 109 
CQD H19  H  N N 110 
CQD H20  H  N N 111 
GLN N    N  N N 112 
GLN CA   C  N S 113 
GLN C    C  N N 114 
GLN O    O  N N 115 
GLN CB   C  N N 116 
GLN CG   C  N N 117 
GLN CD   C  N N 118 
GLN OE1  O  N N 119 
GLN NE2  N  N N 120 
GLN OXT  O  N N 121 
GLN H    H  N N 122 
GLN H2   H  N N 123 
GLN HA   H  N N 124 
GLN HB2  H  N N 125 
GLN HB3  H  N N 126 
GLN HG2  H  N N 127 
GLN HG3  H  N N 128 
GLN HE21 H  N N 129 
GLN HE22 H  N N 130 
GLN HXT  H  N N 131 
GLU N    N  N N 132 
GLU CA   C  N S 133 
GLU C    C  N N 134 
GLU O    O  N N 135 
GLU CB   C  N N 136 
GLU CG   C  N N 137 
GLU CD   C  N N 138 
GLU OE1  O  N N 139 
GLU OE2  O  N N 140 
GLU OXT  O  N N 141 
GLU H    H  N N 142 
GLU H2   H  N N 143 
GLU HA   H  N N 144 
GLU HB2  H  N N 145 
GLU HB3  H  N N 146 
GLU HG2  H  N N 147 
GLU HG3  H  N N 148 
GLU HE2  H  N N 149 
GLU HXT  H  N N 150 
GLY N    N  N N 151 
GLY CA   C  N N 152 
GLY C    C  N N 153 
GLY O    O  N N 154 
GLY OXT  O  N N 155 
GLY H    H  N N 156 
GLY H2   H  N N 157 
GLY HA2  H  N N 158 
GLY HA3  H  N N 159 
GLY HXT  H  N N 160 
HIS N    N  N N 161 
HIS CA   C  N S 162 
HIS C    C  N N 163 
HIS O    O  N N 164 
HIS CB   C  N N 165 
HIS CG   C  Y N 166 
HIS ND1  N  Y N 167 
HIS CD2  C  Y N 168 
HIS CE1  C  Y N 169 
HIS NE2  N  Y N 170 
HIS OXT  O  N N 171 
HIS H    H  N N 172 
HIS H2   H  N N 173 
HIS HA   H  N N 174 
HIS HB2  H  N N 175 
HIS HB3  H  N N 176 
HIS HD1  H  N N 177 
HIS HD2  H  N N 178 
HIS HE1  H  N N 179 
HIS HE2  H  N N 180 
HIS HXT  H  N N 181 
HOH O    O  N N 182 
HOH H1   H  N N 183 
HOH H2   H  N N 184 
ILE N    N  N N 185 
ILE CA   C  N S 186 
ILE C    C  N N 187 
ILE O    O  N N 188 
ILE CB   C  N S 189 
ILE CG1  C  N N 190 
ILE CG2  C  N N 191 
ILE CD1  C  N N 192 
ILE OXT  O  N N 193 
ILE H    H  N N 194 
ILE H2   H  N N 195 
ILE HA   H  N N 196 
ILE HB   H  N N 197 
ILE HG12 H  N N 198 
ILE HG13 H  N N 199 
ILE HG21 H  N N 200 
ILE HG22 H  N N 201 
ILE HG23 H  N N 202 
ILE HD11 H  N N 203 
ILE HD12 H  N N 204 
ILE HD13 H  N N 205 
ILE HXT  H  N N 206 
LEU N    N  N N 207 
LEU CA   C  N S 208 
LEU C    C  N N 209 
LEU O    O  N N 210 
LEU CB   C  N N 211 
LEU CG   C  N N 212 
LEU CD1  C  N N 213 
LEU CD2  C  N N 214 
LEU OXT  O  N N 215 
LEU H    H  N N 216 
LEU H2   H  N N 217 
LEU HA   H  N N 218 
LEU HB2  H  N N 219 
LEU HB3  H  N N 220 
LEU HG   H  N N 221 
LEU HD11 H  N N 222 
LEU HD12 H  N N 223 
LEU HD13 H  N N 224 
LEU HD21 H  N N 225 
LEU HD22 H  N N 226 
LEU HD23 H  N N 227 
LEU HXT  H  N N 228 
LYS N    N  N N 229 
LYS CA   C  N S 230 
LYS C    C  N N 231 
LYS O    O  N N 232 
LYS CB   C  N N 233 
LYS CG   C  N N 234 
LYS CD   C  N N 235 
LYS CE   C  N N 236 
LYS NZ   N  N N 237 
LYS OXT  O  N N 238 
LYS H    H  N N 239 
LYS H2   H  N N 240 
LYS HA   H  N N 241 
LYS HB2  H  N N 242 
LYS HB3  H  N N 243 
LYS HG2  H  N N 244 
LYS HG3  H  N N 245 
LYS HD2  H  N N 246 
LYS HD3  H  N N 247 
LYS HE2  H  N N 248 
LYS HE3  H  N N 249 
LYS HZ1  H  N N 250 
LYS HZ2  H  N N 251 
LYS HZ3  H  N N 252 
LYS HXT  H  N N 253 
PHE N    N  N N 254 
PHE CA   C  N S 255 
PHE C    C  N N 256 
PHE O    O  N N 257 
PHE CB   C  N N 258 
PHE CG   C  Y N 259 
PHE CD1  C  Y N 260 
PHE CD2  C  Y N 261 
PHE CE1  C  Y N 262 
PHE CE2  C  Y N 263 
PHE CZ   C  Y N 264 
PHE OXT  O  N N 265 
PHE H    H  N N 266 
PHE H2   H  N N 267 
PHE HA   H  N N 268 
PHE HB2  H  N N 269 
PHE HB3  H  N N 270 
PHE HD1  H  N N 271 
PHE HD2  H  N N 272 
PHE HE1  H  N N 273 
PHE HE2  H  N N 274 
PHE HZ   H  N N 275 
PHE HXT  H  N N 276 
PRO N    N  N N 277 
PRO CA   C  N S 278 
PRO C    C  N N 279 
PRO O    O  N N 280 
PRO CB   C  N N 281 
PRO CG   C  N N 282 
PRO CD   C  N N 283 
PRO OXT  O  N N 284 
PRO H    H  N N 285 
PRO HA   H  N N 286 
PRO HB2  H  N N 287 
PRO HB3  H  N N 288 
PRO HG2  H  N N 289 
PRO HG3  H  N N 290 
PRO HD2  H  N N 291 
PRO HD3  H  N N 292 
PRO HXT  H  N N 293 
SER N    N  N N 294 
SER CA   C  N S 295 
SER C    C  N N 296 
SER O    O  N N 297 
SER CB   C  N N 298 
SER OG   O  N N 299 
SER OXT  O  N N 300 
SER H    H  N N 301 
SER H2   H  N N 302 
SER HA   H  N N 303 
SER HB2  H  N N 304 
SER HB3  H  N N 305 
SER HG   H  N N 306 
SER HXT  H  N N 307 
THR N    N  N N 308 
THR CA   C  N S 309 
THR C    C  N N 310 
THR O    O  N N 311 
THR CB   C  N R 312 
THR OG1  O  N N 313 
THR CG2  C  N N 314 
THR OXT  O  N N 315 
THR H    H  N N 316 
THR H2   H  N N 317 
THR HA   H  N N 318 
THR HB   H  N N 319 
THR HG1  H  N N 320 
THR HG21 H  N N 321 
THR HG22 H  N N 322 
THR HG23 H  N N 323 
THR HXT  H  N N 324 
TRP N    N  N N 325 
TRP CA   C  N S 326 
TRP C    C  N N 327 
TRP O    O  N N 328 
TRP CB   C  N N 329 
TRP CG   C  Y N 330 
TRP CD1  C  Y N 331 
TRP CD2  C  Y N 332 
TRP NE1  N  Y N 333 
TRP CE2  C  Y N 334 
TRP CE3  C  Y N 335 
TRP CZ2  C  Y N 336 
TRP CZ3  C  Y N 337 
TRP CH2  C  Y N 338 
TRP OXT  O  N N 339 
TRP H    H  N N 340 
TRP H2   H  N N 341 
TRP HA   H  N N 342 
TRP HB2  H  N N 343 
TRP HB3  H  N N 344 
TRP HD1  H  N N 345 
TRP HE1  H  N N 346 
TRP HE3  H  N N 347 
TRP HZ2  H  N N 348 
TRP HZ3  H  N N 349 
TRP HH2  H  N N 350 
TRP HXT  H  N N 351 
TYR N    N  N N 352 
TYR CA   C  N S 353 
TYR C    C  N N 354 
TYR O    O  N N 355 
TYR CB   C  N N 356 
TYR CG   C  Y N 357 
TYR CD1  C  Y N 358 
TYR CD2  C  Y N 359 
TYR CE1  C  Y N 360 
TYR CE2  C  Y N 361 
TYR CZ   C  Y N 362 
TYR OH   O  N N 363 
TYR OXT  O  N N 364 
TYR H    H  N N 365 
TYR H2   H  N N 366 
TYR HA   H  N N 367 
TYR HB2  H  N N 368 
TYR HB3  H  N N 369 
TYR HD1  H  N N 370 
TYR HD2  H  N N 371 
TYR HE1  H  N N 372 
TYR HE2  H  N N 373 
TYR HH   H  N N 374 
TYR HXT  H  N N 375 
VAL N    N  N N 376 
VAL CA   C  N S 377 
VAL C    C  N N 378 
VAL O    O  N N 379 
VAL CB   C  N N 380 
VAL CG1  C  N N 381 
VAL CG2  C  N N 382 
VAL OXT  O  N N 383 
VAL H    H  N N 384 
VAL H2   H  N N 385 
VAL HA   H  N N 386 
VAL HB   H  N N 387 
VAL HG11 H  N N 388 
VAL HG12 H  N N 389 
VAL HG13 H  N N 390 
VAL HG21 H  N N 391 
VAL HG22 H  N N 392 
VAL HG23 H  N N 393 
VAL HXT  H  N N 394 
# 
loop_
_chem_comp_bond.comp_id 
_chem_comp_bond.atom_id_1 
_chem_comp_bond.atom_id_2 
_chem_comp_bond.value_order 
_chem_comp_bond.pdbx_aromatic_flag 
_chem_comp_bond.pdbx_stereo_config 
_chem_comp_bond.pdbx_ordinal 
ALA N   CA   sing N N 1   
ALA N   H    sing N N 2   
ALA N   H2   sing N N 3   
ALA CA  C    sing N N 4   
ALA CA  CB   sing N N 5   
ALA CA  HA   sing N N 6   
ALA C   O    doub N N 7   
ALA C   OXT  sing N N 8   
ALA CB  HB1  sing N N 9   
ALA CB  HB2  sing N N 10  
ALA CB  HB3  sing N N 11  
ALA OXT HXT  sing N N 12  
ARG N   CA   sing N N 13  
ARG N   H    sing N N 14  
ARG N   H2   sing N N 15  
ARG CA  C    sing N N 16  
ARG CA  CB   sing N N 17  
ARG CA  HA   sing N N 18  
ARG C   O    doub N N 19  
ARG C   OXT  sing N N 20  
ARG CB  CG   sing N N 21  
ARG CB  HB2  sing N N 22  
ARG CB  HB3  sing N N 23  
ARG CG  CD   sing N N 24  
ARG CG  HG2  sing N N 25  
ARG CG  HG3  sing N N 26  
ARG CD  NE   sing N N 27  
ARG CD  HD2  sing N N 28  
ARG CD  HD3  sing N N 29  
ARG NE  CZ   sing N N 30  
ARG NE  HE   sing N N 31  
ARG CZ  NH1  sing N N 32  
ARG CZ  NH2  doub N N 33  
ARG NH1 HH11 sing N N 34  
ARG NH1 HH12 sing N N 35  
ARG NH2 HH21 sing N N 36  
ARG NH2 HH22 sing N N 37  
ARG OXT HXT  sing N N 38  
ASN N   CA   sing N N 39  
ASN N   H    sing N N 40  
ASN N   H2   sing N N 41  
ASN CA  C    sing N N 42  
ASN CA  CB   sing N N 43  
ASN CA  HA   sing N N 44  
ASN C   O    doub N N 45  
ASN C   OXT  sing N N 46  
ASN CB  CG   sing N N 47  
ASN CB  HB2  sing N N 48  
ASN CB  HB3  sing N N 49  
ASN CG  OD1  doub N N 50  
ASN CG  ND2  sing N N 51  
ASN ND2 HD21 sing N N 52  
ASN ND2 HD22 sing N N 53  
ASN OXT HXT  sing N N 54  
ASP N   CA   sing N N 55  
ASP N   H    sing N N 56  
ASP N   H2   sing N N 57  
ASP CA  C    sing N N 58  
ASP CA  CB   sing N N 59  
ASP CA  HA   sing N N 60  
ASP C   O    doub N N 61  
ASP C   OXT  sing N N 62  
ASP CB  CG   sing N N 63  
ASP CB  HB2  sing N N 64  
ASP CB  HB3  sing N N 65  
ASP CG  OD1  doub N N 66  
ASP CG  OD2  sing N N 67  
ASP OD2 HD2  sing N N 68  
ASP OXT HXT  sing N N 69  
CQD CAI CAL  sing N N 70  
CQD CAI OAO  sing N N 71  
CQD CAE NAM  doub Y N 72  
CQD CAE CAD  sing Y N 73  
CQD NAM CAS  sing Y N 74  
CQD CAD CAF  doub Y N 75  
CQD CAL NAV  sing N N 76  
CQD OAO CAH  sing N N 77  
CQD CAS CD2  doub Y N 78  
CQD CAS C    sing N N 79  
CQD CAF CD2  sing Y N 80  
CQD CAG N    sing N N 81  
CQD CAG CAJ  sing N N 82  
CQD CD2 CG   sing N N 83  
CQD C   CA   sing N N 84  
CQD C   O    doub N N 85  
CQD NAV CAJ  sing N N 86  
CQD NAV CAK  sing N N 87  
CQD CA  N    sing N N 88  
CQD CA  CB   doub N N 89  
CQD CAH CAK  sing N N 90  
CQD CG  OD1  doub N N 91  
CQD CG  CB   sing N N 92  
CQD CB  CL   sing N N 93  
CQD CAE H1   sing N N 94  
CQD CAD H2   sing N N 95  
CQD CAF H3   sing N N 96  
CQD N   H6   sing N N 97  
CQD CAG H8   sing N N 98  
CQD CAG H9   sing N N 99  
CQD CAJ H10  sing N N 100 
CQD CAJ H11  sing N N 101 
CQD CAK H13  sing N N 102 
CQD CAK H14  sing N N 103 
CQD CAH H15  sing N N 104 
CQD CAH H16  sing N N 105 
CQD CAI H17  sing N N 106 
CQD CAI H18  sing N N 107 
CQD CAL H19  sing N N 108 
CQD CAL H20  sing N N 109 
GLN N   CA   sing N N 110 
GLN N   H    sing N N 111 
GLN N   H2   sing N N 112 
GLN CA  C    sing N N 113 
GLN CA  CB   sing N N 114 
GLN CA  HA   sing N N 115 
GLN C   O    doub N N 116 
GLN C   OXT  sing N N 117 
GLN CB  CG   sing N N 118 
GLN CB  HB2  sing N N 119 
GLN CB  HB3  sing N N 120 
GLN CG  CD   sing N N 121 
GLN CG  HG2  sing N N 122 
GLN CG  HG3  sing N N 123 
GLN CD  OE1  doub N N 124 
GLN CD  NE2  sing N N 125 
GLN NE2 HE21 sing N N 126 
GLN NE2 HE22 sing N N 127 
GLN OXT HXT  sing N N 128 
GLU N   CA   sing N N 129 
GLU N   H    sing N N 130 
GLU N   H2   sing N N 131 
GLU CA  C    sing N N 132 
GLU CA  CB   sing N N 133 
GLU CA  HA   sing N N 134 
GLU C   O    doub N N 135 
GLU C   OXT  sing N N 136 
GLU CB  CG   sing N N 137 
GLU CB  HB2  sing N N 138 
GLU CB  HB3  sing N N 139 
GLU CG  CD   sing N N 140 
GLU CG  HG2  sing N N 141 
GLU CG  HG3  sing N N 142 
GLU CD  OE1  doub N N 143 
GLU CD  OE2  sing N N 144 
GLU OE2 HE2  sing N N 145 
GLU OXT HXT  sing N N 146 
GLY N   CA   sing N N 147 
GLY N   H    sing N N 148 
GLY N   H2   sing N N 149 
GLY CA  C    sing N N 150 
GLY CA  HA2  sing N N 151 
GLY CA  HA3  sing N N 152 
GLY C   O    doub N N 153 
GLY C   OXT  sing N N 154 
GLY OXT HXT  sing N N 155 
HIS N   CA   sing N N 156 
HIS N   H    sing N N 157 
HIS N   H2   sing N N 158 
HIS CA  C    sing N N 159 
HIS CA  CB   sing N N 160 
HIS CA  HA   sing N N 161 
HIS C   O    doub N N 162 
HIS C   OXT  sing N N 163 
HIS CB  CG   sing N N 164 
HIS CB  HB2  sing N N 165 
HIS CB  HB3  sing N N 166 
HIS CG  ND1  sing Y N 167 
HIS CG  CD2  doub Y N 168 
HIS ND1 CE1  doub Y N 169 
HIS ND1 HD1  sing N N 170 
HIS CD2 NE2  sing Y N 171 
HIS CD2 HD2  sing N N 172 
HIS CE1 NE2  sing Y N 173 
HIS CE1 HE1  sing N N 174 
HIS NE2 HE2  sing N N 175 
HIS OXT HXT  sing N N 176 
HOH O   H1   sing N N 177 
HOH O   H2   sing N N 178 
ILE N   CA   sing N N 179 
ILE N   H    sing N N 180 
ILE N   H2   sing N N 181 
ILE CA  C    sing N N 182 
ILE CA  CB   sing N N 183 
ILE CA  HA   sing N N 184 
ILE C   O    doub N N 185 
ILE C   OXT  sing N N 186 
ILE CB  CG1  sing N N 187 
ILE CB  CG2  sing N N 188 
ILE CB  HB   sing N N 189 
ILE CG1 CD1  sing N N 190 
ILE CG1 HG12 sing N N 191 
ILE CG1 HG13 sing N N 192 
ILE CG2 HG21 sing N N 193 
ILE CG2 HG22 sing N N 194 
ILE CG2 HG23 sing N N 195 
ILE CD1 HD11 sing N N 196 
ILE CD1 HD12 sing N N 197 
ILE CD1 HD13 sing N N 198 
ILE OXT HXT  sing N N 199 
LEU N   CA   sing N N 200 
LEU N   H    sing N N 201 
LEU N   H2   sing N N 202 
LEU CA  C    sing N N 203 
LEU CA  CB   sing N N 204 
LEU CA  HA   sing N N 205 
LEU C   O    doub N N 206 
LEU C   OXT  sing N N 207 
LEU CB  CG   sing N N 208 
LEU CB  HB2  sing N N 209 
LEU CB  HB3  sing N N 210 
LEU CG  CD1  sing N N 211 
LEU CG  CD2  sing N N 212 
LEU CG  HG   sing N N 213 
LEU CD1 HD11 sing N N 214 
LEU CD1 HD12 sing N N 215 
LEU CD1 HD13 sing N N 216 
LEU CD2 HD21 sing N N 217 
LEU CD2 HD22 sing N N 218 
LEU CD2 HD23 sing N N 219 
LEU OXT HXT  sing N N 220 
LYS N   CA   sing N N 221 
LYS N   H    sing N N 222 
LYS N   H2   sing N N 223 
LYS CA  C    sing N N 224 
LYS CA  CB   sing N N 225 
LYS CA  HA   sing N N 226 
LYS C   O    doub N N 227 
LYS C   OXT  sing N N 228 
LYS CB  CG   sing N N 229 
LYS CB  HB2  sing N N 230 
LYS CB  HB3  sing N N 231 
LYS CG  CD   sing N N 232 
LYS CG  HG2  sing N N 233 
LYS CG  HG3  sing N N 234 
LYS CD  CE   sing N N 235 
LYS CD  HD2  sing N N 236 
LYS CD  HD3  sing N N 237 
LYS CE  NZ   sing N N 238 
LYS CE  HE2  sing N N 239 
LYS CE  HE3  sing N N 240 
LYS NZ  HZ1  sing N N 241 
LYS NZ  HZ2  sing N N 242 
LYS NZ  HZ3  sing N N 243 
LYS OXT HXT  sing N N 244 
PHE N   CA   sing N N 245 
PHE N   H    sing N N 246 
PHE N   H2   sing N N 247 
PHE CA  C    sing N N 248 
PHE CA  CB   sing N N 249 
PHE CA  HA   sing N N 250 
PHE C   O    doub N N 251 
PHE C   OXT  sing N N 252 
PHE CB  CG   sing N N 253 
PHE CB  HB2  sing N N 254 
PHE CB  HB3  sing N N 255 
PHE CG  CD1  doub Y N 256 
PHE CG  CD2  sing Y N 257 
PHE CD1 CE1  sing Y N 258 
PHE CD1 HD1  sing N N 259 
PHE CD2 CE2  doub Y N 260 
PHE CD2 HD2  sing N N 261 
PHE CE1 CZ   doub Y N 262 
PHE CE1 HE1  sing N N 263 
PHE CE2 CZ   sing Y N 264 
PHE CE2 HE2  sing N N 265 
PHE CZ  HZ   sing N N 266 
PHE OXT HXT  sing N N 267 
PRO N   CA   sing N N 268 
PRO N   CD   sing N N 269 
PRO N   H    sing N N 270 
PRO CA  C    sing N N 271 
PRO CA  CB   sing N N 272 
PRO CA  HA   sing N N 273 
PRO C   O    doub N N 274 
PRO C   OXT  sing N N 275 
PRO CB  CG   sing N N 276 
PRO CB  HB2  sing N N 277 
PRO CB  HB3  sing N N 278 
PRO CG  CD   sing N N 279 
PRO CG  HG2  sing N N 280 
PRO CG  HG3  sing N N 281 
PRO CD  HD2  sing N N 282 
PRO CD  HD3  sing N N 283 
PRO OXT HXT  sing N N 284 
SER N   CA   sing N N 285 
SER N   H    sing N N 286 
SER N   H2   sing N N 287 
SER CA  C    sing N N 288 
SER CA  CB   sing N N 289 
SER CA  HA   sing N N 290 
SER C   O    doub N N 291 
SER C   OXT  sing N N 292 
SER CB  OG   sing N N 293 
SER CB  HB2  sing N N 294 
SER CB  HB3  sing N N 295 
SER OG  HG   sing N N 296 
SER OXT HXT  sing N N 297 
THR N   CA   sing N N 298 
THR N   H    sing N N 299 
THR N   H2   sing N N 300 
THR CA  C    sing N N 301 
THR CA  CB   sing N N 302 
THR CA  HA   sing N N 303 
THR C   O    doub N N 304 
THR C   OXT  sing N N 305 
THR CB  OG1  sing N N 306 
THR CB  CG2  sing N N 307 
THR CB  HB   sing N N 308 
THR OG1 HG1  sing N N 309 
THR CG2 HG21 sing N N 310 
THR CG2 HG22 sing N N 311 
THR CG2 HG23 sing N N 312 
THR OXT HXT  sing N N 313 
TRP N   CA   sing N N 314 
TRP N   H    sing N N 315 
TRP N   H2   sing N N 316 
TRP CA  C    sing N N 317 
TRP CA  CB   sing N N 318 
TRP CA  HA   sing N N 319 
TRP C   O    doub N N 320 
TRP C   OXT  sing N N 321 
TRP CB  CG   sing N N 322 
TRP CB  HB2  sing N N 323 
TRP CB  HB3  sing N N 324 
TRP CG  CD1  doub Y N 325 
TRP CG  CD2  sing Y N 326 
TRP CD1 NE1  sing Y N 327 
TRP CD1 HD1  sing N N 328 
TRP CD2 CE2  doub Y N 329 
TRP CD2 CE3  sing Y N 330 
TRP NE1 CE2  sing Y N 331 
TRP NE1 HE1  sing N N 332 
TRP CE2 CZ2  sing Y N 333 
TRP CE3 CZ3  doub Y N 334 
TRP CE3 HE3  sing N N 335 
TRP CZ2 CH2  doub Y N 336 
TRP CZ2 HZ2  sing N N 337 
TRP CZ3 CH2  sing Y N 338 
TRP CZ3 HZ3  sing N N 339 
TRP CH2 HH2  sing N N 340 
TRP OXT HXT  sing N N 341 
TYR N   CA   sing N N 342 
TYR N   H    sing N N 343 
TYR N   H2   sing N N 344 
TYR CA  C    sing N N 345 
TYR CA  CB   sing N N 346 
TYR CA  HA   sing N N 347 
TYR C   O    doub N N 348 
TYR C   OXT  sing N N 349 
TYR CB  CG   sing N N 350 
TYR CB  HB2  sing N N 351 
TYR CB  HB3  sing N N 352 
TYR CG  CD1  doub Y N 353 
TYR CG  CD2  sing Y N 354 
TYR CD1 CE1  sing Y N 355 
TYR CD1 HD1  sing N N 356 
TYR CD2 CE2  doub Y N 357 
TYR CD2 HD2  sing N N 358 
TYR CE1 CZ   doub Y N 359 
TYR CE1 HE1  sing N N 360 
TYR CE2 CZ   sing Y N 361 
TYR CE2 HE2  sing N N 362 
TYR CZ  OH   sing N N 363 
TYR OH  HH   sing N N 364 
TYR OXT HXT  sing N N 365 
VAL N   CA   sing N N 366 
VAL N   H    sing N N 367 
VAL N   H2   sing N N 368 
VAL CA  C    sing N N 369 
VAL CA  CB   sing N N 370 
VAL CA  HA   sing N N 371 
VAL C   O    doub N N 372 
VAL C   OXT  sing N N 373 
VAL CB  CG1  sing N N 374 
VAL CB  CG2  sing N N 375 
VAL CB  HB   sing N N 376 
VAL CG1 HG11 sing N N 377 
VAL CG1 HG12 sing N N 378 
VAL CG1 HG13 sing N N 379 
VAL CG2 HG21 sing N N 380 
VAL CG2 HG22 sing N N 381 
VAL CG2 HG23 sing N N 382 
VAL OXT HXT  sing N N 383 
# 
loop_
_pdbx_entity_nonpoly.entity_id 
_pdbx_entity_nonpoly.name 
_pdbx_entity_nonpoly.comp_id 
2 '6-chloro-7-{[2-(morpholin-4-yl)ethyl]amino}quinoline-5,8-dione' CQD 
3 water                                                            HOH 
# 
_pdbx_initial_refinement_model.id               1 
_pdbx_initial_refinement_model.entity_id_list   ? 
_pdbx_initial_refinement_model.type             'experimental model' 
_pdbx_initial_refinement_model.source_name      PDB 
_pdbx_initial_refinement_model.accession_code   4J3K 
_pdbx_initial_refinement_model.details          ? 
# 
